data_3BYP
# 
_entry.id   3BYP 
# 
_audit_conform.dict_name       mmcif_pdbx.dic 
_audit_conform.dict_version    5.389 
_audit_conform.dict_location   http://mmcif.pdb.org/dictionaries/ascii/mmcif_pdbx.dic 
# 
loop_
_database_2.database_id 
_database_2.database_code 
_database_2.pdbx_database_accession 
_database_2.pdbx_DOI 
PDB   3BYP         pdb_00003byp 10.2210/pdb3byp/pdb 
RCSB  RCSB046122   ?            ?                   
WWPDB D_1000046122 ?            ?                   
# 
loop_
_pdbx_audit_revision_history.ordinal 
_pdbx_audit_revision_history.data_content_type 
_pdbx_audit_revision_history.major_revision 
_pdbx_audit_revision_history.minor_revision 
_pdbx_audit_revision_history.revision_date 
1 'Structure model' 1 0 2008-09-23 
2 'Structure model' 1 1 2011-07-13 
3 'Structure model' 1 2 2024-02-21 
4 'Structure model' 1 3 2024-04-03 
# 
_pdbx_audit_revision_details.ordinal             1 
_pdbx_audit_revision_details.revision_ordinal    1 
_pdbx_audit_revision_details.data_content_type   'Structure model' 
_pdbx_audit_revision_details.provider            repository 
_pdbx_audit_revision_details.type                'Initial release' 
_pdbx_audit_revision_details.description         ? 
_pdbx_audit_revision_details.details             ? 
# 
loop_
_pdbx_audit_revision_group.ordinal 
_pdbx_audit_revision_group.revision_ordinal 
_pdbx_audit_revision_group.data_content_type 
_pdbx_audit_revision_group.group 
1 2 'Structure model' Advisory                    
2 2 'Structure model' 'Version format compliance' 
3 3 'Structure model' 'Data collection'           
4 3 'Structure model' 'Database references'       
5 3 'Structure model' 'Derived calculations'      
6 4 'Structure model' 'Refinement description'    
# 
loop_
_pdbx_audit_revision_category.ordinal 
_pdbx_audit_revision_category.revision_ordinal 
_pdbx_audit_revision_category.data_content_type 
_pdbx_audit_revision_category.category 
1 3 'Structure model' chem_comp_atom                
2 3 'Structure model' chem_comp_bond                
3 3 'Structure model' database_2                    
4 3 'Structure model' struct_site                   
5 4 'Structure model' pdbx_initial_refinement_model 
# 
loop_
_pdbx_audit_revision_item.ordinal 
_pdbx_audit_revision_item.revision_ordinal 
_pdbx_audit_revision_item.data_content_type 
_pdbx_audit_revision_item.item 
1 3 'Structure model' '_database_2.pdbx_DOI'                
2 3 'Structure model' '_database_2.pdbx_database_accession' 
3 3 'Structure model' '_struct_site.pdbx_auth_asym_id'      
4 3 'Structure model' '_struct_site.pdbx_auth_comp_id'      
5 3 'Structure model' '_struct_site.pdbx_auth_seq_id'       
# 
_pdbx_database_status.status_code                     REL 
_pdbx_database_status.entry_id                        3BYP 
_pdbx_database_status.recvd_initial_deposition_date   2008-01-16 
_pdbx_database_status.deposit_site                    RCSB 
_pdbx_database_status.process_site                    RCSB 
_pdbx_database_status.status_code_sf                  REL 
_pdbx_database_status.status_code_mr                  ? 
_pdbx_database_status.SG_entry                        ? 
_pdbx_database_status.pdb_format_compatible           Y 
_pdbx_database_status.status_code_cs                  ? 
_pdbx_database_status.status_code_nmr_data            ? 
_pdbx_database_status.methods_development_category    ? 
# 
_pdbx_database_related.db_name        PDB 
_pdbx_database_related.db_id          3BYR 
_pdbx_database_related.details        'CzrB with Zn bound' 
_pdbx_database_related.content_type   unspecified 
# 
loop_
_audit_author.name 
_audit_author.pdbx_ordinal 
'Cherezov, V.'     1 
'Srinivasan, V.'   2 
'Szebenyi, D.M.E.' 3 
'Caffrey, M.'      4 
# 
_citation.id                        primary 
_citation.title                     'Insights into the Mode of Action of a Putative Zinc Transporter CzrB in Thermus thermophilus' 
_citation.journal_abbrev            Structure 
_citation.journal_volume            16 
_citation.page_first                1378 
_citation.page_last                 1388 
_citation.year                      2008 
_citation.journal_id_ASTM           STRUE6 
_citation.country                   UK 
_citation.journal_id_ISSN           0969-2126 
_citation.journal_id_CSD            2005 
_citation.book_publisher            ? 
_citation.pdbx_database_id_PubMed   18786400 
_citation.pdbx_database_id_DOI      10.1016/j.str.2008.05.014 
# 
loop_
_citation_author.citation_id 
_citation_author.name 
_citation_author.ordinal 
_citation_author.identifier_ORCID 
primary 'Cherezov, V.'   1 ? 
primary 'Hofer, N.'      2 ? 
primary 'Szebenyi, D.M.' 3 ? 
primary 'Kolaj, O.'      4 ? 
primary 'Wall, J.G.'     5 ? 
primary 'Gillilan, R.'   6 ? 
primary 'Srinivasan, V.' 7 ? 
primary 'Jaroniec, C.P.' 8 ? 
primary 'Caffrey, M.'    9 ? 
# 
loop_
_entity.id 
_entity.type 
_entity.src_method 
_entity.pdbx_description 
_entity.formula_weight 
_entity.pdbx_number_of_molecules 
_entity.pdbx_ec 
_entity.pdbx_mutation 
_entity.pdbx_fragment 
_entity.details 
1 polymer     man 'CzrB protein' 10780.223 2   ? ? 'sequence database residues 198-291' ? 
2 non-polymer syn 'SULFATE ION'  96.063    3   ? ? ?                                    ? 
3 water       nat water          18.015    296 ? ? ?                                    ? 
# 
_entity_poly.entity_id                      1 
_entity_poly.type                           'polypeptide(L)' 
_entity_poly.nstd_linkage                   no 
_entity_poly.nstd_monomer                   no 
_entity_poly.pdbx_seq_one_letter_code       
;GLMDEGLPPEEVERIRAFLQERIRGRALEVHDLKTRRAGPRSFLEFHLVVRGDTPVEEAHRLCDELERALAQAFPGLQAT
IHVEPEGERKRTNP
;
_entity_poly.pdbx_seq_one_letter_code_can   
;GLMDEGLPPEEVERIRAFLQERIRGRALEVHDLKTRRAGPRSFLEFHLVVRGDTPVEEAHRLCDELERALAQAFPGLQAT
IHVEPEGERKRTNP
;
_entity_poly.pdbx_strand_id                 A,B 
_entity_poly.pdbx_target_identifier         ? 
# 
loop_
_pdbx_entity_nonpoly.entity_id 
_pdbx_entity_nonpoly.name 
_pdbx_entity_nonpoly.comp_id 
2 'SULFATE ION' SO4 
3 water         HOH 
# 
loop_
_entity_poly_seq.entity_id 
_entity_poly_seq.num 
_entity_poly_seq.mon_id 
_entity_poly_seq.hetero 
1 1  GLY n 
1 2  LEU n 
1 3  MET n 
1 4  ASP n 
1 5  GLU n 
1 6  GLY n 
1 7  LEU n 
1 8  PRO n 
1 9  PRO n 
1 10 GLU n 
1 11 GLU n 
1 12 VAL n 
1 13 GLU n 
1 14 ARG n 
1 15 ILE n 
1 16 ARG n 
1 17 ALA n 
1 18 PHE n 
1 19 LEU n 
1 20 GLN n 
1 21 GLU n 
1 22 ARG n 
1 23 ILE n 
1 24 ARG n 
1 25 GLY n 
1 26 ARG n 
1 27 ALA n 
1 28 LEU n 
1 29 GLU n 
1 30 VAL n 
1 31 HIS n 
1 32 ASP n 
1 33 LEU n 
1 34 LYS n 
1 35 THR n 
1 36 ARG n 
1 37 ARG n 
1 38 ALA n 
1 39 GLY n 
1 40 PRO n 
1 41 ARG n 
1 42 SER n 
1 43 PHE n 
1 44 LEU n 
1 45 GLU n 
1 46 PHE n 
1 47 HIS n 
1 48 LEU n 
1 49 VAL n 
1 50 VAL n 
1 51 ARG n 
1 52 GLY n 
1 53 ASP n 
1 54 THR n 
1 55 PRO n 
1 56 VAL n 
1 57 GLU n 
1 58 GLU n 
1 59 ALA n 
1 60 HIS n 
1 61 ARG n 
1 62 LEU n 
1 63 CYS n 
1 64 ASP n 
1 65 GLU n 
1 66 LEU n 
1 67 GLU n 
1 68 ARG n 
1 69 ALA n 
1 70 LEU n 
1 71 ALA n 
1 72 GLN n 
1 73 ALA n 
1 74 PHE n 
1 75 PRO n 
1 76 GLY n 
1 77 LEU n 
1 78 GLN n 
1 79 ALA n 
1 80 THR n 
1 81 ILE n 
1 82 HIS n 
1 83 VAL n 
1 84 GLU n 
1 85 PRO n 
1 86 GLU n 
1 87 GLY n 
1 88 GLU n 
1 89 ARG n 
1 90 LYS n 
1 91 ARG n 
1 92 THR n 
1 93 ASN n 
1 94 PRO n 
# 
_entity_src_gen.entity_id                          1 
_entity_src_gen.pdbx_src_id                        1 
_entity_src_gen.pdbx_alt_source_flag               sample 
_entity_src_gen.pdbx_seq_type                      ? 
_entity_src_gen.pdbx_beg_seq_num                   ? 
_entity_src_gen.pdbx_end_seq_num                   ? 
_entity_src_gen.gene_src_common_name               ? 
_entity_src_gen.gene_src_genus                     ? 
_entity_src_gen.pdbx_gene_src_gene                 czrB 
_entity_src_gen.gene_src_species                   ? 
_entity_src_gen.gene_src_strain                    ? 
_entity_src_gen.gene_src_tissue                    ? 
_entity_src_gen.gene_src_tissue_fraction           ? 
_entity_src_gen.gene_src_details                   ? 
_entity_src_gen.pdbx_gene_src_fragment             ? 
_entity_src_gen.pdbx_gene_src_scientific_name      'Thermus thermophilus' 
_entity_src_gen.pdbx_gene_src_ncbi_taxonomy_id     ? 
_entity_src_gen.pdbx_gene_src_variant              ? 
_entity_src_gen.pdbx_gene_src_cell_line            ? 
_entity_src_gen.pdbx_gene_src_atcc                 ? 
_entity_src_gen.pdbx_gene_src_organ                ? 
_entity_src_gen.pdbx_gene_src_organelle            ? 
_entity_src_gen.pdbx_gene_src_cell                 ? 
_entity_src_gen.pdbx_gene_src_cellular_location    ? 
_entity_src_gen.host_org_common_name               ? 
_entity_src_gen.pdbx_host_org_scientific_name      'Escherichia coli' 
_entity_src_gen.pdbx_host_org_ncbi_taxonomy_id     ? 
_entity_src_gen.host_org_genus                     ? 
_entity_src_gen.pdbx_host_org_gene                 ? 
_entity_src_gen.pdbx_host_org_organ                ? 
_entity_src_gen.host_org_species                   ? 
_entity_src_gen.pdbx_host_org_tissue               ? 
_entity_src_gen.pdbx_host_org_tissue_fraction      ? 
_entity_src_gen.pdbx_host_org_strain               BL21 
_entity_src_gen.pdbx_host_org_variant              ? 
_entity_src_gen.pdbx_host_org_cell_line            ? 
_entity_src_gen.pdbx_host_org_atcc                 ? 
_entity_src_gen.pdbx_host_org_culture_collection   ? 
_entity_src_gen.pdbx_host_org_cell                 ? 
_entity_src_gen.pdbx_host_org_organelle            ? 
_entity_src_gen.pdbx_host_org_cellular_location    ? 
_entity_src_gen.pdbx_host_org_vector_type          plasmid 
_entity_src_gen.pdbx_host_org_vector               ? 
_entity_src_gen.host_org_details                   ? 
_entity_src_gen.expression_system_id               ? 
_entity_src_gen.plasmid_name                       pIVEX2.4d 
_entity_src_gen.plasmid_details                    ? 
_entity_src_gen.pdbx_description                   ? 
# 
loop_
_chem_comp.id 
_chem_comp.type 
_chem_comp.mon_nstd_flag 
_chem_comp.name 
_chem_comp.pdbx_synonyms 
_chem_comp.formula 
_chem_comp.formula_weight 
ALA 'L-peptide linking' y ALANINE         ? 'C3 H7 N O2'     89.093  
ARG 'L-peptide linking' y ARGININE        ? 'C6 H15 N4 O2 1' 175.209 
ASN 'L-peptide linking' y ASPARAGINE      ? 'C4 H8 N2 O3'    132.118 
ASP 'L-peptide linking' y 'ASPARTIC ACID' ? 'C4 H7 N O4'     133.103 
CYS 'L-peptide linking' y CYSTEINE        ? 'C3 H7 N O2 S'   121.158 
GLN 'L-peptide linking' y GLUTAMINE       ? 'C5 H10 N2 O3'   146.144 
GLU 'L-peptide linking' y 'GLUTAMIC ACID' ? 'C5 H9 N O4'     147.129 
GLY 'peptide linking'   y GLYCINE         ? 'C2 H5 N O2'     75.067  
HIS 'L-peptide linking' y HISTIDINE       ? 'C6 H10 N3 O2 1' 156.162 
HOH non-polymer         . WATER           ? 'H2 O'           18.015  
ILE 'L-peptide linking' y ISOLEUCINE      ? 'C6 H13 N O2'    131.173 
LEU 'L-peptide linking' y LEUCINE         ? 'C6 H13 N O2'    131.173 
LYS 'L-peptide linking' y LYSINE          ? 'C6 H15 N2 O2 1' 147.195 
MET 'L-peptide linking' y METHIONINE      ? 'C5 H11 N O2 S'  149.211 
PHE 'L-peptide linking' y PHENYLALANINE   ? 'C9 H11 N O2'    165.189 
PRO 'L-peptide linking' y PROLINE         ? 'C5 H9 N O2'     115.130 
SER 'L-peptide linking' y SERINE          ? 'C3 H7 N O3'     105.093 
SO4 non-polymer         . 'SULFATE ION'   ? 'O4 S -2'        96.063  
THR 'L-peptide linking' y THREONINE       ? 'C4 H9 N O3'     119.119 
VAL 'L-peptide linking' y VALINE          ? 'C5 H11 N O2'    117.146 
# 
loop_
_pdbx_poly_seq_scheme.asym_id 
_pdbx_poly_seq_scheme.entity_id 
_pdbx_poly_seq_scheme.seq_id 
_pdbx_poly_seq_scheme.mon_id 
_pdbx_poly_seq_scheme.ndb_seq_num 
_pdbx_poly_seq_scheme.pdb_seq_num 
_pdbx_poly_seq_scheme.auth_seq_num 
_pdbx_poly_seq_scheme.pdb_mon_id 
_pdbx_poly_seq_scheme.auth_mon_id 
_pdbx_poly_seq_scheme.pdb_strand_id 
_pdbx_poly_seq_scheme.pdb_ins_code 
_pdbx_poly_seq_scheme.hetero 
A 1 1  GLY 1  1  ?  ?   ?   A . n 
A 1 2  LEU 2  2  ?  ?   ?   A . n 
A 1 3  MET 3  3  ?  ?   ?   A . n 
A 1 4  ASP 4  4  ?  ?   ?   A . n 
A 1 5  GLU 5  5  ?  ?   ?   A . n 
A 1 6  GLY 6  6  6  GLY GLY A . n 
A 1 7  LEU 7  7  7  LEU LEU A . n 
A 1 8  PRO 8  8  8  PRO PRO A . n 
A 1 9  PRO 9  9  9  PRO PRO A . n 
A 1 10 GLU 10 10 10 GLU GLU A . n 
A 1 11 GLU 11 11 11 GLU GLU A . n 
A 1 12 VAL 12 12 12 VAL VAL A . n 
A 1 13 GLU 13 13 13 GLU GLU A . n 
A 1 14 ARG 14 14 14 ARG ARG A . n 
A 1 15 ILE 15 15 15 ILE ILE A . n 
A 1 16 ARG 16 16 16 ARG ARG A . n 
A 1 17 ALA 17 17 17 ALA ALA A . n 
A 1 18 PHE 18 18 18 PHE PHE A . n 
A 1 19 LEU 19 19 19 LEU LEU A . n 
A 1 20 GLN 20 20 20 GLN GLN A . n 
A 1 21 GLU 21 21 21 GLU GLU A . n 
A 1 22 ARG 22 22 22 ARG ARG A . n 
A 1 23 ILE 23 23 23 ILE ILE A . n 
A 1 24 ARG 24 24 24 ARG ARG A . n 
A 1 25 GLY 25 25 25 GLY GLY A . n 
A 1 26 ARG 26 26 26 ARG ARG A . n 
A 1 27 ALA 27 27 27 ALA ALA A . n 
A 1 28 LEU 28 28 28 LEU LEU A . n 
A 1 29 GLU 29 29 29 GLU GLU A . n 
A 1 30 VAL 30 30 30 VAL VAL A . n 
A 1 31 HIS 31 31 31 HIS HIS A . n 
A 1 32 ASP 32 32 32 ASP ASP A . n 
A 1 33 LEU 33 33 33 LEU LEU A . n 
A 1 34 LYS 34 34 34 LYS LYS A . n 
A 1 35 THR 35 35 35 THR THR A . n 
A 1 36 ARG 36 36 36 ARG ARG A . n 
A 1 37 ARG 37 37 37 ARG ARG A . n 
A 1 38 ALA 38 38 38 ALA ALA A . n 
A 1 39 GLY 39 39 39 GLY GLY A . n 
A 1 40 PRO 40 40 40 PRO PRO A . n 
A 1 41 ARG 41 41 41 ARG ARG A . n 
A 1 42 SER 42 42 42 SER SER A . n 
A 1 43 PHE 43 43 43 PHE PHE A . n 
A 1 44 LEU 44 44 44 LEU LEU A . n 
A 1 45 GLU 45 45 45 GLU GLU A . n 
A 1 46 PHE 46 46 46 PHE PHE A . n 
A 1 47 HIS 47 47 47 HIS HIS A . n 
A 1 48 LEU 48 48 48 LEU LEU A . n 
A 1 49 VAL 49 49 49 VAL VAL A . n 
A 1 50 VAL 50 50 50 VAL VAL A . n 
A 1 51 ARG 51 51 51 ARG ARG A . n 
A 1 52 GLY 52 52 52 GLY GLY A . n 
A 1 53 ASP 53 53 53 ASP ASP A . n 
A 1 54 THR 54 54 54 THR THR A . n 
A 1 55 PRO 55 55 55 PRO PRO A . n 
A 1 56 VAL 56 56 56 VAL VAL A . n 
A 1 57 GLU 57 57 57 GLU GLU A . n 
A 1 58 GLU 58 58 58 GLU GLU A . n 
A 1 59 ALA 59 59 59 ALA ALA A . n 
A 1 60 HIS 60 60 60 HIS HIS A . n 
A 1 61 ARG 61 61 61 ARG ARG A . n 
A 1 62 LEU 62 62 62 LEU LEU A . n 
A 1 63 CYS 63 63 63 CYS CYS A . n 
A 1 64 ASP 64 64 64 ASP ASP A . n 
A 1 65 GLU 65 65 65 GLU GLU A . n 
A 1 66 LEU 66 66 66 LEU LEU A . n 
A 1 67 GLU 67 67 67 GLU GLU A . n 
A 1 68 ARG 68 68 68 ARG ARG A . n 
A 1 69 ALA 69 69 69 ALA ALA A . n 
A 1 70 LEU 70 70 70 LEU LEU A . n 
A 1 71 ALA 71 71 71 ALA ALA A . n 
A 1 72 GLN 72 72 72 GLN GLN A . n 
A 1 73 ALA 73 73 73 ALA ALA A . n 
A 1 74 PHE 74 74 74 PHE PHE A . n 
A 1 75 PRO 75 75 75 PRO PRO A . n 
A 1 76 GLY 76 76 76 GLY GLY A . n 
A 1 77 LEU 77 77 77 LEU LEU A . n 
A 1 78 GLN 78 78 78 GLN GLN A . n 
A 1 79 ALA 79 79 79 ALA ALA A . n 
A 1 80 THR 80 80 80 THR THR A . n 
A 1 81 ILE 81 81 81 ILE ILE A . n 
A 1 82 HIS 82 82 82 HIS HIS A . n 
A 1 83 VAL 83 83 83 VAL VAL A . n 
A 1 84 GLU 84 84 84 GLU GLU A . n 
A 1 85 PRO 85 85 85 PRO PRO A . n 
A 1 86 GLU 86 86 86 GLU GLU A . n 
A 1 87 GLY 87 87 87 GLY GLY A . n 
A 1 88 GLU 88 88 ?  ?   ?   A . n 
A 1 89 ARG 89 89 ?  ?   ?   A . n 
A 1 90 LYS 90 90 ?  ?   ?   A . n 
A 1 91 ARG 91 91 ?  ?   ?   A . n 
A 1 92 THR 92 92 ?  ?   ?   A . n 
A 1 93 ASN 93 93 ?  ?   ?   A . n 
A 1 94 PRO 94 94 ?  ?   ?   A . n 
B 1 1  GLY 1  1  ?  ?   ?   B . n 
B 1 2  LEU 2  2  ?  ?   ?   B . n 
B 1 3  MET 3  3  ?  ?   ?   B . n 
B 1 4  ASP 4  4  ?  ?   ?   B . n 
B 1 5  GLU 5  5  ?  ?   ?   B . n 
B 1 6  GLY 6  6  6  GLY GLY B . n 
B 1 7  LEU 7  7  7  LEU LEU B . n 
B 1 8  PRO 8  8  8  PRO PRO B . n 
B 1 9  PRO 9  9  9  PRO PRO B . n 
B 1 10 GLU 10 10 10 GLU GLU B . n 
B 1 11 GLU 11 11 11 GLU GLU B . n 
B 1 12 VAL 12 12 12 VAL VAL B . n 
B 1 13 GLU 13 13 13 GLU GLU B . n 
B 1 14 ARG 14 14 14 ARG ARG B . n 
B 1 15 ILE 15 15 15 ILE ILE B . n 
B 1 16 ARG 16 16 16 ARG ARG B . n 
B 1 17 ALA 17 17 17 ALA ALA B . n 
B 1 18 PHE 18 18 18 PHE PHE B . n 
B 1 19 LEU 19 19 19 LEU LEU B . n 
B 1 20 GLN 20 20 20 GLN GLN B . n 
B 1 21 GLU 21 21 21 GLU GLU B . n 
B 1 22 ARG 22 22 22 ARG ARG B . n 
B 1 23 ILE 23 23 23 ILE ILE B . n 
B 1 24 ARG 24 24 24 ARG ARG B . n 
B 1 25 GLY 25 25 25 GLY GLY B . n 
B 1 26 ARG 26 26 26 ARG ARG B . n 
B 1 27 ALA 27 27 27 ALA ALA B . n 
B 1 28 LEU 28 28 28 LEU LEU B . n 
B 1 29 GLU 29 29 29 GLU GLU B . n 
B 1 30 VAL 30 30 30 VAL VAL B . n 
B 1 31 HIS 31 31 31 HIS HIS B . n 
B 1 32 ASP 32 32 32 ASP ASP B . n 
B 1 33 LEU 33 33 33 LEU LEU B . n 
B 1 34 LYS 34 34 34 LYS LYS B . n 
B 1 35 THR 35 35 35 THR THR B . n 
B 1 36 ARG 36 36 36 ARG ARG B . n 
B 1 37 ARG 37 37 37 ARG ARG B . n 
B 1 38 ALA 38 38 38 ALA ALA B . n 
B 1 39 GLY 39 39 39 GLY GLY B . n 
B 1 40 PRO 40 40 40 PRO PRO B . n 
B 1 41 ARG 41 41 41 ARG ARG B . n 
B 1 42 SER 42 42 42 SER SER B . n 
B 1 43 PHE 43 43 43 PHE PHE B . n 
B 1 44 LEU 44 44 44 LEU LEU B . n 
B 1 45 GLU 45 45 45 GLU GLU B . n 
B 1 46 PHE 46 46 46 PHE PHE B . n 
B 1 47 HIS 47 47 47 HIS HIS B . n 
B 1 48 LEU 48 48 48 LEU LEU B . n 
B 1 49 VAL 49 49 49 VAL VAL B . n 
B 1 50 VAL 50 50 50 VAL VAL B . n 
B 1 51 ARG 51 51 51 ARG ARG B . n 
B 1 52 GLY 52 52 52 GLY GLY B . n 
B 1 53 ASP 53 53 53 ASP ASP B . n 
B 1 54 THR 54 54 54 THR THR B . n 
B 1 55 PRO 55 55 55 PRO PRO B . n 
B 1 56 VAL 56 56 56 VAL VAL B . n 
B 1 57 GLU 57 57 57 GLU GLU B . n 
B 1 58 GLU 58 58 58 GLU GLU B . n 
B 1 59 ALA 59 59 59 ALA ALA B . n 
B 1 60 HIS 60 60 60 HIS HIS B . n 
B 1 61 ARG 61 61 61 ARG ARG B . n 
B 1 62 LEU 62 62 62 LEU LEU B . n 
B 1 63 CYS 63 63 63 CYS CYS B . n 
B 1 64 ASP 64 64 64 ASP ASP B . n 
B 1 65 GLU 65 65 65 GLU GLU B . n 
B 1 66 LEU 66 66 66 LEU LEU B . n 
B 1 67 GLU 67 67 67 GLU GLU B . n 
B 1 68 ARG 68 68 68 ARG ARG B . n 
B 1 69 ALA 69 69 69 ALA ALA B . n 
B 1 70 LEU 70 70 70 LEU LEU B . n 
B 1 71 ALA 71 71 71 ALA ALA B . n 
B 1 72 GLN 72 72 72 GLN GLN B . n 
B 1 73 ALA 73 73 73 ALA ALA B . n 
B 1 74 PHE 74 74 74 PHE PHE B . n 
B 1 75 PRO 75 75 75 PRO PRO B . n 
B 1 76 GLY 76 76 76 GLY GLY B . n 
B 1 77 LEU 77 77 77 LEU LEU B . n 
B 1 78 GLN 78 78 78 GLN GLN B . n 
B 1 79 ALA 79 79 79 ALA ALA B . n 
B 1 80 THR 80 80 80 THR THR B . n 
B 1 81 ILE 81 81 81 ILE ILE B . n 
B 1 82 HIS 82 82 82 HIS HIS B . n 
B 1 83 VAL 83 83 83 VAL VAL B . n 
B 1 84 GLU 84 84 84 GLU GLU B . n 
B 1 85 PRO 85 85 85 PRO PRO B . n 
B 1 86 GLU 86 86 86 GLU GLU B . n 
B 1 87 GLY 87 87 87 GLY GLY B . n 
B 1 88 GLU 88 88 ?  ?   ?   B . n 
B 1 89 ARG 89 89 ?  ?   ?   B . n 
B 1 90 LYS 90 90 ?  ?   ?   B . n 
B 1 91 ARG 91 91 ?  ?   ?   B . n 
B 1 92 THR 92 92 ?  ?   ?   B . n 
B 1 93 ASN 93 93 ?  ?   ?   B . n 
B 1 94 PRO 94 94 ?  ?   ?   B . n 
# 
loop_
_pdbx_nonpoly_scheme.asym_id 
_pdbx_nonpoly_scheme.entity_id 
_pdbx_nonpoly_scheme.mon_id 
_pdbx_nonpoly_scheme.ndb_seq_num 
_pdbx_nonpoly_scheme.pdb_seq_num 
_pdbx_nonpoly_scheme.auth_seq_num 
_pdbx_nonpoly_scheme.pdb_mon_id 
_pdbx_nonpoly_scheme.auth_mon_id 
_pdbx_nonpoly_scheme.pdb_strand_id 
_pdbx_nonpoly_scheme.pdb_ins_code 
C 2 SO4 1   95  95  SO4 SO4 A . 
D 2 SO4 1   95  95  SO4 SO4 B . 
E 2 SO4 1   96  96  SO4 SO4 B . 
F 3 HOH 1   96  96  HOH HOH A . 
F 3 HOH 2   97  97  HOH HOH A . 
F 3 HOH 3   98  98  HOH HOH A . 
F 3 HOH 4   99  99  HOH HOH A . 
F 3 HOH 5   100 100 HOH HOH A . 
F 3 HOH 6   101 101 HOH HOH A . 
F 3 HOH 7   102 102 HOH HOH A . 
F 3 HOH 8   103 103 HOH HOH A . 
F 3 HOH 9   104 104 HOH HOH A . 
F 3 HOH 10  105 105 HOH HOH A . 
F 3 HOH 11  106 106 HOH HOH A . 
F 3 HOH 12  107 107 HOH HOH A . 
F 3 HOH 13  108 108 HOH HOH A . 
F 3 HOH 14  109 109 HOH HOH A . 
F 3 HOH 15  110 110 HOH HOH A . 
F 3 HOH 16  111 111 HOH HOH A . 
F 3 HOH 17  112 112 HOH HOH A . 
F 3 HOH 18  113 113 HOH HOH A . 
F 3 HOH 19  114 114 HOH HOH A . 
F 3 HOH 20  116 116 HOH HOH A . 
F 3 HOH 21  117 117 HOH HOH A . 
F 3 HOH 22  118 118 HOH HOH A . 
F 3 HOH 23  119 119 HOH HOH A . 
F 3 HOH 24  120 120 HOH HOH A . 
F 3 HOH 25  121 121 HOH HOH A . 
F 3 HOH 26  122 122 HOH HOH A . 
F 3 HOH 27  123 123 HOH HOH A . 
F 3 HOH 28  124 124 HOH HOH A . 
F 3 HOH 29  125 125 HOH HOH A . 
F 3 HOH 30  126 126 HOH HOH A . 
F 3 HOH 31  127 127 HOH HOH A . 
F 3 HOH 32  128 128 HOH HOH A . 
F 3 HOH 33  129 129 HOH HOH A . 
F 3 HOH 34  130 130 HOH HOH A . 
F 3 HOH 35  131 131 HOH HOH A . 
F 3 HOH 36  132 132 HOH HOH A . 
F 3 HOH 37  133 133 HOH HOH A . 
F 3 HOH 38  134 134 HOH HOH A . 
F 3 HOH 39  135 135 HOH HOH A . 
F 3 HOH 40  136 136 HOH HOH A . 
F 3 HOH 41  137 137 HOH HOH A . 
F 3 HOH 42  138 138 HOH HOH A . 
F 3 HOH 43  139 139 HOH HOH A . 
F 3 HOH 44  140 140 HOH HOH A . 
F 3 HOH 45  141 141 HOH HOH A . 
F 3 HOH 46  142 142 HOH HOH A . 
F 3 HOH 47  143 143 HOH HOH A . 
F 3 HOH 48  144 144 HOH HOH A . 
F 3 HOH 49  145 145 HOH HOH A . 
F 3 HOH 50  146 146 HOH HOH A . 
F 3 HOH 51  147 147 HOH HOH A . 
F 3 HOH 52  148 148 HOH HOH A . 
F 3 HOH 53  149 149 HOH HOH A . 
F 3 HOH 54  150 150 HOH HOH A . 
F 3 HOH 55  152 152 HOH HOH A . 
F 3 HOH 56  153 153 HOH HOH A . 
F 3 HOH 57  154 154 HOH HOH A . 
F 3 HOH 58  155 155 HOH HOH A . 
F 3 HOH 59  156 156 HOH HOH A . 
F 3 HOH 60  157 157 HOH HOH A . 
F 3 HOH 61  158 158 HOH HOH A . 
F 3 HOH 62  159 159 HOH HOH A . 
F 3 HOH 63  160 160 HOH HOH A . 
F 3 HOH 64  161 161 HOH HOH A . 
F 3 HOH 65  162 162 HOH HOH A . 
F 3 HOH 66  163 163 HOH HOH A . 
F 3 HOH 67  164 164 HOH HOH A . 
F 3 HOH 68  165 165 HOH HOH A . 
F 3 HOH 69  166 166 HOH HOH A . 
F 3 HOH 70  167 167 HOH HOH A . 
F 3 HOH 71  168 168 HOH HOH A . 
F 3 HOH 72  169 169 HOH HOH A . 
F 3 HOH 73  170 170 HOH HOH A . 
F 3 HOH 74  171 171 HOH HOH A . 
F 3 HOH 75  172 172 HOH HOH A . 
F 3 HOH 76  173 173 HOH HOH A . 
F 3 HOH 77  174 174 HOH HOH A . 
F 3 HOH 78  175 175 HOH HOH A . 
F 3 HOH 79  176 176 HOH HOH A . 
F 3 HOH 80  177 177 HOH HOH A . 
F 3 HOH 81  178 178 HOH HOH A . 
F 3 HOH 82  179 179 HOH HOH A . 
F 3 HOH 83  180 180 HOH HOH A . 
F 3 HOH 84  181 181 HOH HOH A . 
F 3 HOH 85  182 182 HOH HOH A . 
F 3 HOH 86  183 183 HOH HOH A . 
F 3 HOH 87  184 184 HOH HOH A . 
F 3 HOH 88  185 185 HOH HOH A . 
F 3 HOH 89  186 186 HOH HOH A . 
F 3 HOH 90  187 187 HOH HOH A . 
F 3 HOH 91  188 188 HOH HOH A . 
F 3 HOH 92  189 189 HOH HOH A . 
F 3 HOH 93  190 190 HOH HOH A . 
F 3 HOH 94  191 191 HOH HOH A . 
F 3 HOH 95  192 192 HOH HOH A . 
F 3 HOH 96  193 193 HOH HOH A . 
F 3 HOH 97  194 194 HOH HOH A . 
F 3 HOH 98  195 195 HOH HOH A . 
F 3 HOH 99  196 196 HOH HOH A . 
F 3 HOH 100 197 197 HOH HOH A . 
F 3 HOH 101 198 198 HOH HOH A . 
F 3 HOH 102 199 199 HOH HOH A . 
F 3 HOH 103 200 200 HOH HOH A . 
F 3 HOH 104 201 201 HOH HOH A . 
F 3 HOH 105 202 202 HOH HOH A . 
F 3 HOH 106 203 203 HOH HOH A . 
F 3 HOH 107 204 204 HOH HOH A . 
F 3 HOH 108 205 205 HOH HOH A . 
F 3 HOH 109 206 206 HOH HOH A . 
F 3 HOH 110 207 207 HOH HOH A . 
F 3 HOH 111 208 208 HOH HOH A . 
F 3 HOH 112 209 209 HOH HOH A . 
F 3 HOH 113 210 210 HOH HOH A . 
F 3 HOH 114 211 211 HOH HOH A . 
F 3 HOH 115 212 212 HOH HOH A . 
F 3 HOH 116 213 213 HOH HOH A . 
F 3 HOH 117 214 214 HOH HOH A . 
F 3 HOH 118 215 215 HOH HOH A . 
F 3 HOH 119 216 216 HOH HOH A . 
F 3 HOH 120 217 217 HOH HOH A . 
F 3 HOH 121 218 218 HOH HOH A . 
F 3 HOH 122 219 219 HOH HOH A . 
F 3 HOH 123 220 220 HOH HOH A . 
F 3 HOH 124 221 221 HOH HOH A . 
F 3 HOH 125 222 222 HOH HOH A . 
F 3 HOH 126 223 223 HOH HOH A . 
F 3 HOH 127 224 224 HOH HOH A . 
F 3 HOH 128 225 225 HOH HOH A . 
F 3 HOH 129 226 226 HOH HOH A . 
F 3 HOH 130 227 227 HOH HOH A . 
F 3 HOH 131 228 228 HOH HOH A . 
F 3 HOH 132 229 229 HOH HOH A . 
F 3 HOH 133 230 230 HOH HOH A . 
F 3 HOH 134 231 231 HOH HOH A . 
F 3 HOH 135 233 233 HOH HOH A . 
F 3 HOH 136 234 234 HOH HOH A . 
F 3 HOH 137 235 235 HOH HOH A . 
F 3 HOH 138 236 236 HOH HOH A . 
F 3 HOH 139 238 238 HOH HOH A . 
F 3 HOH 140 239 239 HOH HOH A . 
F 3 HOH 141 240 240 HOH HOH A . 
F 3 HOH 142 241 241 HOH HOH A . 
F 3 HOH 143 242 242 HOH HOH A . 
F 3 HOH 144 243 243 HOH HOH A . 
F 3 HOH 145 244 244 HOH HOH A . 
F 3 HOH 146 245 245 HOH HOH A . 
F 3 HOH 147 246 246 HOH HOH A . 
F 3 HOH 148 247 247 HOH HOH A . 
F 3 HOH 149 248 248 HOH HOH A . 
F 3 HOH 150 249 249 HOH HOH A . 
F 3 HOH 151 250 250 HOH HOH A . 
F 3 HOH 152 251 251 HOH HOH A . 
G 3 HOH 1   115 115 HOH HOH B . 
G 3 HOH 2   116 116 HOH HOH B . 
G 3 HOH 3   117 117 HOH HOH B . 
G 3 HOH 4   118 118 HOH HOH B . 
G 3 HOH 5   119 119 HOH HOH B . 
G 3 HOH 6   120 120 HOH HOH B . 
G 3 HOH 7   121 121 HOH HOH B . 
G 3 HOH 8   122 122 HOH HOH B . 
G 3 HOH 9   123 123 HOH HOH B . 
G 3 HOH 10  124 124 HOH HOH B . 
G 3 HOH 11  125 125 HOH HOH B . 
G 3 HOH 12  126 126 HOH HOH B . 
G 3 HOH 13  127 127 HOH HOH B . 
G 3 HOH 14  128 128 HOH HOH B . 
G 3 HOH 15  129 129 HOH HOH B . 
G 3 HOH 16  130 130 HOH HOH B . 
G 3 HOH 17  131 131 HOH HOH B . 
G 3 HOH 18  132 132 HOH HOH B . 
G 3 HOH 19  133 133 HOH HOH B . 
G 3 HOH 20  134 134 HOH HOH B . 
G 3 HOH 21  135 135 HOH HOH B . 
G 3 HOH 22  136 136 HOH HOH B . 
G 3 HOH 23  137 137 HOH HOH B . 
G 3 HOH 24  138 138 HOH HOH B . 
G 3 HOH 25  139 139 HOH HOH B . 
G 3 HOH 26  140 140 HOH HOH B . 
G 3 HOH 27  141 141 HOH HOH B . 
G 3 HOH 28  142 142 HOH HOH B . 
G 3 HOH 29  143 143 HOH HOH B . 
G 3 HOH 30  144 144 HOH HOH B . 
G 3 HOH 31  145 145 HOH HOH B . 
G 3 HOH 32  146 146 HOH HOH B . 
G 3 HOH 33  147 147 HOH HOH B . 
G 3 HOH 34  148 148 HOH HOH B . 
G 3 HOH 35  149 149 HOH HOH B . 
G 3 HOH 36  150 150 HOH HOH B . 
G 3 HOH 37  151 151 HOH HOH B . 
G 3 HOH 38  152 152 HOH HOH B . 
G 3 HOH 39  153 153 HOH HOH B . 
G 3 HOH 40  154 154 HOH HOH B . 
G 3 HOH 41  155 155 HOH HOH B . 
G 3 HOH 42  156 156 HOH HOH B . 
G 3 HOH 43  157 157 HOH HOH B . 
G 3 HOH 44  158 158 HOH HOH B . 
G 3 HOH 45  159 159 HOH HOH B . 
G 3 HOH 46  160 160 HOH HOH B . 
G 3 HOH 47  161 161 HOH HOH B . 
G 3 HOH 48  162 162 HOH HOH B . 
G 3 HOH 49  163 163 HOH HOH B . 
G 3 HOH 50  164 164 HOH HOH B . 
G 3 HOH 51  165 165 HOH HOH B . 
G 3 HOH 52  166 166 HOH HOH B . 
G 3 HOH 53  167 167 HOH HOH B . 
G 3 HOH 54  168 168 HOH HOH B . 
G 3 HOH 55  169 169 HOH HOH B . 
G 3 HOH 56  170 170 HOH HOH B . 
G 3 HOH 57  171 171 HOH HOH B . 
G 3 HOH 58  172 172 HOH HOH B . 
G 3 HOH 59  173 173 HOH HOH B . 
G 3 HOH 60  174 174 HOH HOH B . 
G 3 HOH 61  175 175 HOH HOH B . 
G 3 HOH 62  176 176 HOH HOH B . 
G 3 HOH 63  177 177 HOH HOH B . 
G 3 HOH 64  178 178 HOH HOH B . 
G 3 HOH 65  179 179 HOH HOH B . 
G 3 HOH 66  180 180 HOH HOH B . 
G 3 HOH 67  181 181 HOH HOH B . 
G 3 HOH 68  182 182 HOH HOH B . 
G 3 HOH 69  183 183 HOH HOH B . 
G 3 HOH 70  184 184 HOH HOH B . 
G 3 HOH 71  185 185 HOH HOH B . 
G 3 HOH 72  186 186 HOH HOH B . 
G 3 HOH 73  187 187 HOH HOH B . 
G 3 HOH 74  188 188 HOH HOH B . 
G 3 HOH 75  189 189 HOH HOH B . 
G 3 HOH 76  190 190 HOH HOH B . 
G 3 HOH 77  191 191 HOH HOH B . 
G 3 HOH 78  192 192 HOH HOH B . 
G 3 HOH 79  193 193 HOH HOH B . 
G 3 HOH 80  194 194 HOH HOH B . 
G 3 HOH 81  195 195 HOH HOH B . 
G 3 HOH 82  196 196 HOH HOH B . 
G 3 HOH 83  197 197 HOH HOH B . 
G 3 HOH 84  198 198 HOH HOH B . 
G 3 HOH 85  199 199 HOH HOH B . 
G 3 HOH 86  200 200 HOH HOH B . 
G 3 HOH 87  201 201 HOH HOH B . 
G 3 HOH 88  202 202 HOH HOH B . 
G 3 HOH 89  203 203 HOH HOH B . 
G 3 HOH 90  204 204 HOH HOH B . 
G 3 HOH 91  205 205 HOH HOH B . 
G 3 HOH 92  206 206 HOH HOH B . 
G 3 HOH 93  207 207 HOH HOH B . 
G 3 HOH 94  208 208 HOH HOH B . 
G 3 HOH 95  209 209 HOH HOH B . 
G 3 HOH 96  210 210 HOH HOH B . 
G 3 HOH 97  211 211 HOH HOH B . 
G 3 HOH 98  212 212 HOH HOH B . 
G 3 HOH 99  213 213 HOH HOH B . 
G 3 HOH 100 214 214 HOH HOH B . 
G 3 HOH 101 215 215 HOH HOH B . 
G 3 HOH 102 216 216 HOH HOH B . 
G 3 HOH 103 217 217 HOH HOH B . 
G 3 HOH 104 218 218 HOH HOH B . 
G 3 HOH 105 219 219 HOH HOH B . 
G 3 HOH 106 220 220 HOH HOH B . 
G 3 HOH 107 221 221 HOH HOH B . 
G 3 HOH 108 222 222 HOH HOH B . 
G 3 HOH 109 223 223 HOH HOH B . 
G 3 HOH 110 224 224 HOH HOH B . 
G 3 HOH 111 225 225 HOH HOH B . 
G 3 HOH 112 226 226 HOH HOH B . 
G 3 HOH 113 227 227 HOH HOH B . 
G 3 HOH 114 228 228 HOH HOH B . 
G 3 HOH 115 229 229 HOH HOH B . 
G 3 HOH 116 230 230 HOH HOH B . 
G 3 HOH 117 231 231 HOH HOH B . 
G 3 HOH 118 232 232 HOH HOH B . 
G 3 HOH 119 233 233 HOH HOH B . 
G 3 HOH 120 234 234 HOH HOH B . 
G 3 HOH 121 235 235 HOH HOH B . 
G 3 HOH 122 236 236 HOH HOH B . 
G 3 HOH 123 237 237 HOH HOH B . 
G 3 HOH 124 238 238 HOH HOH B . 
G 3 HOH 125 239 239 HOH HOH B . 
G 3 HOH 126 240 240 HOH HOH B . 
G 3 HOH 127 241 241 HOH HOH B . 
G 3 HOH 128 242 242 HOH HOH B . 
G 3 HOH 129 243 243 HOH HOH B . 
G 3 HOH 130 244 244 HOH HOH B . 
G 3 HOH 131 245 245 HOH HOH B . 
G 3 HOH 132 246 246 HOH HOH B . 
G 3 HOH 133 247 247 HOH HOH B . 
G 3 HOH 134 248 248 HOH HOH B . 
G 3 HOH 135 249 249 HOH HOH B . 
G 3 HOH 136 250 250 HOH HOH B . 
G 3 HOH 137 251 251 HOH HOH B . 
G 3 HOH 138 252 252 HOH HOH B . 
G 3 HOH 139 253 253 HOH HOH B . 
G 3 HOH 140 254 254 HOH HOH B . 
G 3 HOH 141 255 255 HOH HOH B . 
G 3 HOH 142 256 256 HOH HOH B . 
G 3 HOH 143 257 257 HOH HOH B . 
G 3 HOH 144 258 258 HOH HOH B . 
# 
loop_
_pdbx_unobs_or_zero_occ_atoms.id 
_pdbx_unobs_or_zero_occ_atoms.PDB_model_num 
_pdbx_unobs_or_zero_occ_atoms.polymer_flag 
_pdbx_unobs_or_zero_occ_atoms.occupancy_flag 
_pdbx_unobs_or_zero_occ_atoms.auth_asym_id 
_pdbx_unobs_or_zero_occ_atoms.auth_comp_id 
_pdbx_unobs_or_zero_occ_atoms.auth_seq_id 
_pdbx_unobs_or_zero_occ_atoms.PDB_ins_code 
_pdbx_unobs_or_zero_occ_atoms.auth_atom_id 
_pdbx_unobs_or_zero_occ_atoms.label_alt_id 
_pdbx_unobs_or_zero_occ_atoms.label_asym_id 
_pdbx_unobs_or_zero_occ_atoms.label_comp_id 
_pdbx_unobs_or_zero_occ_atoms.label_seq_id 
_pdbx_unobs_or_zero_occ_atoms.label_atom_id 
1 1 Y 1 A GLU 21 ? CD  ? A GLU 21 CD  
2 1 Y 1 A GLU 21 ? OE1 ? A GLU 21 OE1 
3 1 Y 1 A GLU 21 ? OE2 ? A GLU 21 OE2 
4 1 Y 1 B GLU 10 ? CD  ? B GLU 10 CD  
5 1 Y 1 B GLU 10 ? OE1 ? B GLU 10 OE1 
6 1 Y 1 B GLU 10 ? OE2 ? B GLU 10 OE2 
# 
loop_
_software.name 
_software.classification 
_software.version 
_software.citation_id 
_software.pdbx_ordinal 
REFMAC   refinement       5.3.0021 ? 1 
HKL-2000 'data reduction' .        ? 2 
HKL-2000 'data scaling'   .        ? 3 
MOLREP   phasing          .        ? 4 
ARP/wARP 'model building' .        ? 5 
# 
_cell.entry_id           3BYP 
_cell.length_a           60.331 
_cell.length_b           60.331 
_cell.length_c           92.137 
_cell.angle_alpha        90.00 
_cell.angle_beta         90.00 
_cell.angle_gamma        120.00 
_cell.Z_PDB              12 
_cell.pdbx_unique_axis   ? 
_cell.length_a_esd       ? 
_cell.length_b_esd       ? 
_cell.length_c_esd       ? 
_cell.angle_alpha_esd    ? 
_cell.angle_beta_esd     ? 
_cell.angle_gamma_esd    ? 
# 
_symmetry.entry_id                         3BYP 
_symmetry.space_group_name_H-M             'P 32 1 2' 
_symmetry.pdbx_full_space_group_name_H-M   ? 
_symmetry.cell_setting                     ? 
_symmetry.Int_Tables_number                153 
_symmetry.space_group_name_Hall            ? 
# 
_exptl.entry_id          3BYP 
_exptl.method            'X-RAY DIFFRACTION' 
_exptl.crystals_number   1 
# 
_exptl_crystal.id                    1 
_exptl_crystal.density_meas          ? 
_exptl_crystal.density_Matthews      2.25 
_exptl_crystal.density_percent_sol   45.21 
_exptl_crystal.description           ? 
_exptl_crystal.F_000                 ? 
_exptl_crystal.preparation           ? 
# 
_exptl_crystal_grow.crystal_id      1 
_exptl_crystal_grow.method          ? 
_exptl_crystal_grow.temp            293 
_exptl_crystal_grow.temp_details    ? 
_exptl_crystal_grow.pH              4.60 
_exptl_crystal_grow.pdbx_details    
;Protein solution 15 mg/ml protein, 20mM Tris, pH 8.0; precipitant solution 0.2M ammonium sulfate, 15% PEG 4000, 0.1M sodium acetate, pH 4.60, VAPOR DIFFUSION, HANGING DROP, temperature 293K
;
_exptl_crystal_grow.pdbx_pH_range   . 
# 
_diffrn.id                     1 
_diffrn.ambient_temp           100.0 
_diffrn.ambient_temp_details   ? 
_diffrn.crystal_id             1 
# 
_diffrn_detector.diffrn_id              1 
_diffrn_detector.detector               CCD 
_diffrn_detector.type                   'ADSC QUANTUM 4' 
_diffrn_detector.pdbx_collection_date   2006-02-24 
_diffrn_detector.details                ? 
# 
_diffrn_radiation.diffrn_id                        1 
_diffrn_radiation.wavelength_id                    1 
_diffrn_radiation.pdbx_monochromatic_or_laue_m_l   M 
_diffrn_radiation.monochromator                    'BENT SINGLE-CRYSTAL SI(111), WITH FOCUSING MIRROR' 
_diffrn_radiation.pdbx_diffrn_protocol             'SINGLE WAVELENGTH' 
_diffrn_radiation.pdbx_scattering_type             x-ray 
# 
_diffrn_radiation_wavelength.id           1 
_diffrn_radiation_wavelength.wavelength   0.9124 
_diffrn_radiation_wavelength.wt           1.0 
# 
_diffrn_source.diffrn_id                   1 
_diffrn_source.source                      SYNCHROTRON 
_diffrn_source.type                        'CHESS BEAMLINE F1' 
_diffrn_source.pdbx_synchrotron_site       CHESS 
_diffrn_source.pdbx_synchrotron_beamline   F1 
_diffrn_source.pdbx_wavelength             0.9124 
_diffrn_source.pdbx_wavelength_list        ? 
# 
_reflns.entry_id                     3BYP 
_reflns.observed_criterion_sigma_I   ? 
_reflns.observed_criterion_sigma_F   ? 
_reflns.d_resolution_low             50.000 
_reflns.d_resolution_high            1.700 
_reflns.number_obs                   21179 
_reflns.number_all                   ? 
_reflns.percent_possible_obs         98.9 
_reflns.pdbx_Rmerge_I_obs            ? 
_reflns.pdbx_Rsym_value              0.04200 
_reflns.pdbx_netI_over_sigmaI        54.8000 
_reflns.B_iso_Wilson_estimate        ? 
_reflns.pdbx_redundancy              12.800 
_reflns.R_free_details               ? 
_reflns.limit_h_max                  ? 
_reflns.limit_h_min                  ? 
_reflns.limit_k_max                  ? 
_reflns.limit_k_min                  ? 
_reflns.limit_l_max                  ? 
_reflns.limit_l_min                  ? 
_reflns.observed_criterion_F_max     ? 
_reflns.observed_criterion_F_min     ? 
_reflns.pdbx_chi_squared             ? 
_reflns.pdbx_scaling_rejects         ? 
_reflns.pdbx_ordinal                 1 
_reflns.pdbx_diffrn_id               1 
# 
_reflns_shell.d_res_high             1.70 
_reflns_shell.d_res_low              1.76 
_reflns_shell.percent_possible_all   92.4 
_reflns_shell.Rmerge_I_obs           ? 
_reflns_shell.pdbx_Rsym_value        0.39300 
_reflns_shell.meanI_over_sigI_obs    4.400 
_reflns_shell.pdbx_redundancy        6.20 
_reflns_shell.percent_possible_obs   ? 
_reflns_shell.number_unique_all      ? 
_reflns_shell.number_measured_all    ? 
_reflns_shell.number_measured_obs    ? 
_reflns_shell.number_unique_obs      ? 
_reflns_shell.pdbx_chi_squared       ? 
_reflns_shell.pdbx_ordinal           1 
_reflns_shell.pdbx_diffrn_id         1 
# 
_refine.entry_id                                 3BYP 
_refine.ls_number_reflns_obs                     20053 
_refine.ls_number_reflns_all                     20053 
_refine.pdbx_ls_sigma_I                          ? 
_refine.pdbx_ls_sigma_F                          ? 
_refine.pdbx_data_cutoff_high_absF               ? 
_refine.pdbx_data_cutoff_low_absF                ? 
_refine.pdbx_data_cutoff_high_rms_absF           ? 
_refine.ls_d_res_low                             30.71 
_refine.ls_d_res_high                            1.70 
_refine.ls_percent_reflns_obs                    98.9 
_refine.ls_R_factor_obs                          ? 
_refine.ls_R_factor_all                          ? 
_refine.ls_R_factor_R_work                       0.186 
_refine.ls_R_factor_R_free                       0.224 
_refine.ls_R_factor_R_free_error                 ? 
_refine.ls_R_factor_R_free_error_details         ? 
_refine.ls_percent_reflns_R_free                 5.100 
_refine.ls_number_reflns_R_free                  1086 
_refine.ls_number_parameters                     ? 
_refine.ls_number_restraints                     ? 
_refine.occupancy_min                            ? 
_refine.occupancy_max                            ? 
_refine.correlation_coeff_Fo_to_Fc               0.958 
_refine.correlation_coeff_Fo_to_Fc_free          0.944 
_refine.B_iso_mean                               28.23 
_refine.aniso_B[1][1]                            -0.41000 
_refine.aniso_B[2][2]                            -0.41000 
_refine.aniso_B[3][3]                            0.61000 
_refine.aniso_B[1][2]                            -0.20000 
_refine.aniso_B[1][3]                            0.00000 
_refine.aniso_B[2][3]                            0.00000 
_refine.solvent_model_details                    MASK 
_refine.solvent_model_param_ksol                 ? 
_refine.solvent_model_param_bsol                 ? 
_refine.pdbx_solvent_vdw_probe_radii             1.20 
_refine.pdbx_solvent_ion_probe_radii             0.80 
_refine.pdbx_solvent_shrinkage_radii             0.80 
_refine.pdbx_ls_cross_valid_method               THROUGHOUT 
_refine.details                                  '2 TLS GROUPS USED' 
_refine.pdbx_starting_model                      'CZRB WITH ZN BOUND' 
_refine.pdbx_method_to_determine_struct          'MOLECULAR REPLACEMENT' 
_refine.pdbx_isotropic_thermal_model             ? 
_refine.pdbx_stereochemistry_target_values       'MAXIMUM LIKELIHOOD' 
_refine.pdbx_stereochem_target_val_spec_case     ? 
_refine.pdbx_R_Free_selection_details            RANDOM 
_refine.pdbx_overall_ESU_R                       0.113 
_refine.pdbx_overall_ESU_R_Free                  0.112 
_refine.overall_SU_ML                            0.066 
_refine.pdbx_overall_phase_error                 ? 
_refine.overall_SU_B                             3.791 
_refine.ls_redundancy_reflns_obs                 ? 
_refine.B_iso_min                                ? 
_refine.B_iso_max                                ? 
_refine.overall_SU_R_Cruickshank_DPI             ? 
_refine.overall_SU_R_free                        ? 
_refine.ls_wR_factor_R_free                      ? 
_refine.ls_wR_factor_R_work                      ? 
_refine.overall_FOM_free_R_set                   ? 
_refine.overall_FOM_work_R_set                   ? 
_refine.pdbx_refine_id                           'X-RAY DIFFRACTION' 
_refine.pdbx_TLS_residual_ADP_flag               'LIKELY RESIDUAL' 
_refine.pdbx_diffrn_id                           1 
_refine.pdbx_overall_SU_R_free_Cruickshank_DPI   ? 
_refine.pdbx_overall_SU_R_Blow_DPI               ? 
_refine.pdbx_overall_SU_R_free_Blow_DPI          ? 
# 
_refine_hist.pdbx_refine_id                   'X-RAY DIFFRACTION' 
_refine_hist.cycle_id                         LAST 
_refine_hist.pdbx_number_atoms_protein        1310 
_refine_hist.pdbx_number_atoms_nucleic_acid   0 
_refine_hist.pdbx_number_atoms_ligand         15 
_refine_hist.number_atoms_solvent             296 
_refine_hist.number_atoms_total               1621 
_refine_hist.d_res_high                       1.70 
_refine_hist.d_res_low                        30.71 
# 
loop_
_refine_ls_restr.type 
_refine_ls_restr.dev_ideal 
_refine_ls_restr.dev_ideal_target 
_refine_ls_restr.weight 
_refine_ls_restr.number 
_refine_ls_restr.pdbx_refine_id 
_refine_ls_restr.pdbx_restraint_function 
r_bond_refined_d             0.012  0.021  ? 1375 'X-RAY DIFFRACTION' ? 
r_bond_other_d               ?      ?      ? ?    'X-RAY DIFFRACTION' ? 
r_angle_refined_deg          1.202  1.985  ? 1855 'X-RAY DIFFRACTION' ? 
r_angle_other_deg            ?      ?      ? ?    'X-RAY DIFFRACTION' ? 
r_dihedral_angle_1_deg       4.661  5.000  ? 162  'X-RAY DIFFRACTION' ? 
r_dihedral_angle_2_deg       25.794 21.795 ? 78   'X-RAY DIFFRACTION' ? 
r_dihedral_angle_3_deg       13.404 15.000 ? 241  'X-RAY DIFFRACTION' ? 
r_dihedral_angle_4_deg       18.097 15.000 ? 24   'X-RAY DIFFRACTION' ? 
r_chiral_restr               0.085  0.200  ? 196  'X-RAY DIFFRACTION' ? 
r_gen_planes_refined         0.005  0.020  ? 1072 'X-RAY DIFFRACTION' ? 
r_gen_planes_other           ?      ?      ? ?    'X-RAY DIFFRACTION' ? 
r_nbd_refined                0.203  0.200  ? 631  'X-RAY DIFFRACTION' ? 
r_nbd_other                  ?      ?      ? ?    'X-RAY DIFFRACTION' ? 
r_nbtor_refined              0.301  0.200  ? 918  'X-RAY DIFFRACTION' ? 
r_nbtor_other                ?      ?      ? ?    'X-RAY DIFFRACTION' ? 
r_xyhbond_nbd_refined        0.155  0.200  ? 197  'X-RAY DIFFRACTION' ? 
r_xyhbond_nbd_other          ?      ?      ? ?    'X-RAY DIFFRACTION' ? 
r_metal_ion_refined          ?      ?      ? ?    'X-RAY DIFFRACTION' ? 
r_metal_ion_other            ?      ?      ? ?    'X-RAY DIFFRACTION' ? 
r_symmetry_vdw_refined       0.223  0.200  ? 45   'X-RAY DIFFRACTION' ? 
r_symmetry_vdw_other         ?      ?      ? ?    'X-RAY DIFFRACTION' ? 
r_symmetry_hbond_refined     0.153  0.200  ? 36   'X-RAY DIFFRACTION' ? 
r_symmetry_hbond_other       ?      ?      ? ?    'X-RAY DIFFRACTION' ? 
r_symmetry_metal_ion_refined ?      ?      ? ?    'X-RAY DIFFRACTION' ? 
r_symmetry_metal_ion_other   ?      ?      ? ?    'X-RAY DIFFRACTION' ? 
r_mcbond_it                  0.847  1.500  ? 848  'X-RAY DIFFRACTION' ? 
r_mcbond_other               ?      ?      ? ?    'X-RAY DIFFRACTION' ? 
r_mcangle_it                 1.299  2.000  ? 1320 'X-RAY DIFFRACTION' ? 
r_scbond_it                  2.574  3.000  ? 565  'X-RAY DIFFRACTION' ? 
r_scangle_it                 4.127  4.500  ? 535  'X-RAY DIFFRACTION' ? 
r_rigid_bond_restr           ?      ?      ? ?    'X-RAY DIFFRACTION' ? 
r_sphericity_free            ?      ?      ? ?    'X-RAY DIFFRACTION' ? 
r_sphericity_bonded          ?      ?      ? ?    'X-RAY DIFFRACTION' ? 
# 
_refine_ls_shell.pdbx_total_number_of_bins_used   20 
_refine_ls_shell.d_res_high                       1.70 
_refine_ls_shell.d_res_low                        1.74 
_refine_ls_shell.number_reflns_R_work             1355 
_refine_ls_shell.R_factor_R_work                  0.2250 
_refine_ls_shell.percent_reflns_obs               92.10 
_refine_ls_shell.R_factor_R_free                  0.3190 
_refine_ls_shell.R_factor_R_free_error            ? 
_refine_ls_shell.percent_reflns_R_free            ? 
_refine_ls_shell.number_reflns_R_free             78 
_refine_ls_shell.number_reflns_all                ? 
_refine_ls_shell.R_factor_all                     ? 
_refine_ls_shell.redundancy_reflns_obs            ? 
_refine_ls_shell.number_reflns_obs                ? 
_refine_ls_shell.pdbx_refine_id                   'X-RAY DIFFRACTION' 
# 
_struct.entry_id                  3BYP 
_struct.title                     'Mode of Action of a Putative Zinc Transporter CzrB' 
_struct.pdbx_model_details        ? 
_struct.pdbx_CASP_flag            ? 
_struct.pdbx_model_type_details   ? 
# 
_struct_keywords.entry_id        3BYP 
_struct_keywords.pdbx_keywords   'TRANSPORT PROTEIN' 
_struct_keywords.text            'membrane protein, zinc transporter, TRANSPORT PROTEIN' 
# 
loop_
_struct_asym.id 
_struct_asym.pdbx_blank_PDB_chainid_flag 
_struct_asym.pdbx_modified 
_struct_asym.entity_id 
_struct_asym.details 
A N N 1 ? 
B N N 1 ? 
C N N 2 ? 
D N N 2 ? 
E N N 2 ? 
F N N 3 ? 
G N N 3 ? 
# 
_struct_ref.id                         1 
_struct_ref.db_name                    UNP 
_struct_ref.db_code                    Q8VLX7_THETH 
_struct_ref.pdbx_db_accession          Q8VLX7 
_struct_ref.entity_id                  1 
_struct_ref.pdbx_seq_one_letter_code   
;GLMDEGLPPEEVERIRAFLQERIRGRALEVHDLKTRRAGPRSFLEFHLVVRGDTPVEEAHRLCDELERALAQAFPGLQAT
IHVEPEGERKRTNP
;
_struct_ref.pdbx_align_begin           198 
_struct_ref.pdbx_db_isoform            ? 
# 
loop_
_struct_ref_seq.align_id 
_struct_ref_seq.ref_id 
_struct_ref_seq.pdbx_PDB_id_code 
_struct_ref_seq.pdbx_strand_id 
_struct_ref_seq.seq_align_beg 
_struct_ref_seq.pdbx_seq_align_beg_ins_code 
_struct_ref_seq.seq_align_end 
_struct_ref_seq.pdbx_seq_align_end_ins_code 
_struct_ref_seq.pdbx_db_accession 
_struct_ref_seq.db_align_beg 
_struct_ref_seq.pdbx_db_align_beg_ins_code 
_struct_ref_seq.db_align_end 
_struct_ref_seq.pdbx_db_align_end_ins_code 
_struct_ref_seq.pdbx_auth_seq_align_beg 
_struct_ref_seq.pdbx_auth_seq_align_end 
1 1 3BYP A 1 ? 94 ? Q8VLX7 198 ? 291 ? 1 94 
2 1 3BYP B 1 ? 94 ? Q8VLX7 198 ? 291 ? 1 94 
# 
_pdbx_struct_assembly.id                   1 
_pdbx_struct_assembly.details              author_and_software_defined_assembly 
_pdbx_struct_assembly.method_details       PISA 
_pdbx_struct_assembly.oligomeric_details   dimeric 
_pdbx_struct_assembly.oligomeric_count     2 
# 
loop_
_pdbx_struct_assembly_prop.biol_id 
_pdbx_struct_assembly_prop.type 
_pdbx_struct_assembly_prop.value 
_pdbx_struct_assembly_prop.details 
1 'ABSA (A^2)' 790  ? 
1 MORE         -7   ? 
1 'SSA (A^2)'  9780 ? 
# 
_pdbx_struct_assembly_gen.assembly_id       1 
_pdbx_struct_assembly_gen.oper_expression   1 
_pdbx_struct_assembly_gen.asym_id_list      A,B,C,D,E,F,G 
# 
_pdbx_struct_oper_list.id                   1 
_pdbx_struct_oper_list.type                 'identity operation' 
_pdbx_struct_oper_list.name                 1_555 
_pdbx_struct_oper_list.symmetry_operation   x,y,z 
_pdbx_struct_oper_list.matrix[1][1]         1.0000000000 
_pdbx_struct_oper_list.matrix[1][2]         0.0000000000 
_pdbx_struct_oper_list.matrix[1][3]         0.0000000000 
_pdbx_struct_oper_list.vector[1]            0.0000000000 
_pdbx_struct_oper_list.matrix[2][1]         0.0000000000 
_pdbx_struct_oper_list.matrix[2][2]         1.0000000000 
_pdbx_struct_oper_list.matrix[2][3]         0.0000000000 
_pdbx_struct_oper_list.vector[2]            0.0000000000 
_pdbx_struct_oper_list.matrix[3][1]         0.0000000000 
_pdbx_struct_oper_list.matrix[3][2]         0.0000000000 
_pdbx_struct_oper_list.matrix[3][3]         1.0000000000 
_pdbx_struct_oper_list.vector[3]            0.0000000000 
# 
_struct_biol.id        1 
_struct_biol.details   ? 
# 
loop_
_struct_conf.conf_type_id 
_struct_conf.id 
_struct_conf.pdbx_PDB_helix_id 
_struct_conf.beg_label_comp_id 
_struct_conf.beg_label_asym_id 
_struct_conf.beg_label_seq_id 
_struct_conf.pdbx_beg_PDB_ins_code 
_struct_conf.end_label_comp_id 
_struct_conf.end_label_asym_id 
_struct_conf.end_label_seq_id 
_struct_conf.pdbx_end_PDB_ins_code 
_struct_conf.beg_auth_comp_id 
_struct_conf.beg_auth_asym_id 
_struct_conf.beg_auth_seq_id 
_struct_conf.end_auth_comp_id 
_struct_conf.end_auth_asym_id 
_struct_conf.end_auth_seq_id 
_struct_conf.pdbx_PDB_helix_class 
_struct_conf.details 
_struct_conf.pdbx_PDB_helix_length 
HELX_P HELX_P1 1 PRO A 8  ? ARG A 24 ? PRO A 8  ARG A 24 1 ? 17 
HELX_P HELX_P2 2 PRO A 55 ? PHE A 74 ? PRO A 55 PHE A 74 1 ? 20 
HELX_P HELX_P3 3 PRO B 8  ? ILE B 23 ? PRO B 8  ILE B 23 1 ? 16 
HELX_P HELX_P4 4 PRO B 55 ? PHE B 74 ? PRO B 55 PHE B 74 1 ? 20 
# 
_struct_conf_type.id          HELX_P 
_struct_conf_type.criteria    ? 
_struct_conf_type.reference   ? 
# 
loop_
_struct_sheet.id 
_struct_sheet.type 
_struct_sheet.number_strands 
_struct_sheet.details 
A ? 3 ? 
B ? 3 ? 
# 
loop_
_struct_sheet_order.sheet_id 
_struct_sheet_order.range_id_1 
_struct_sheet_order.range_id_2 
_struct_sheet_order.offset 
_struct_sheet_order.sense 
A 1 2 ? anti-parallel 
A 2 3 ? parallel      
B 1 2 ? anti-parallel 
B 2 3 ? parallel      
# 
loop_
_struct_sheet_range.sheet_id 
_struct_sheet_range.id 
_struct_sheet_range.beg_label_comp_id 
_struct_sheet_range.beg_label_asym_id 
_struct_sheet_range.beg_label_seq_id 
_struct_sheet_range.pdbx_beg_PDB_ins_code 
_struct_sheet_range.end_label_comp_id 
_struct_sheet_range.end_label_asym_id 
_struct_sheet_range.end_label_seq_id 
_struct_sheet_range.pdbx_end_PDB_ins_code 
_struct_sheet_range.beg_auth_comp_id 
_struct_sheet_range.beg_auth_asym_id 
_struct_sheet_range.beg_auth_seq_id 
_struct_sheet_range.end_auth_comp_id 
_struct_sheet_range.end_auth_asym_id 
_struct_sheet_range.end_auth_seq_id 
A 1 GLU A 29 ? ALA A 38 ? GLU A 29 ALA A 38 
A 2 ARG A 41 ? VAL A 50 ? ARG A 41 VAL A 50 
A 3 LEU A 77 ? PRO A 85 ? LEU A 77 PRO A 85 
B 1 GLU B 29 ? ALA B 38 ? GLU B 29 ALA B 38 
B 2 ARG B 41 ? VAL B 50 ? ARG B 41 VAL B 50 
B 3 LEU B 77 ? PRO B 85 ? LEU B 77 PRO B 85 
# 
loop_
_pdbx_struct_sheet_hbond.sheet_id 
_pdbx_struct_sheet_hbond.range_id_1 
_pdbx_struct_sheet_hbond.range_id_2 
_pdbx_struct_sheet_hbond.range_1_label_atom_id 
_pdbx_struct_sheet_hbond.range_1_label_comp_id 
_pdbx_struct_sheet_hbond.range_1_label_asym_id 
_pdbx_struct_sheet_hbond.range_1_label_seq_id 
_pdbx_struct_sheet_hbond.range_1_PDB_ins_code 
_pdbx_struct_sheet_hbond.range_1_auth_atom_id 
_pdbx_struct_sheet_hbond.range_1_auth_comp_id 
_pdbx_struct_sheet_hbond.range_1_auth_asym_id 
_pdbx_struct_sheet_hbond.range_1_auth_seq_id 
_pdbx_struct_sheet_hbond.range_2_label_atom_id 
_pdbx_struct_sheet_hbond.range_2_label_comp_id 
_pdbx_struct_sheet_hbond.range_2_label_asym_id 
_pdbx_struct_sheet_hbond.range_2_label_seq_id 
_pdbx_struct_sheet_hbond.range_2_PDB_ins_code 
_pdbx_struct_sheet_hbond.range_2_auth_atom_id 
_pdbx_struct_sheet_hbond.range_2_auth_comp_id 
_pdbx_struct_sheet_hbond.range_2_auth_asym_id 
_pdbx_struct_sheet_hbond.range_2_auth_seq_id 
A 1 2 N ALA A 38 ? N ALA A 38 O ARG A 41 ? O ARG A 41 
A 2 3 N LEU A 48 ? N LEU A 48 O HIS A 82 ? O HIS A 82 
B 1 2 N HIS B 31 ? N HIS B 31 O HIS B 47 ? O HIS B 47 
B 2 3 N LEU B 48 ? N LEU B 48 O HIS B 82 ? O HIS B 82 
# 
loop_
_struct_site.id 
_struct_site.pdbx_evidence_code 
_struct_site.pdbx_auth_asym_id 
_struct_site.pdbx_auth_comp_id 
_struct_site.pdbx_auth_seq_id 
_struct_site.pdbx_auth_ins_code 
_struct_site.pdbx_num_residues 
_struct_site.details 
AC1 Software B SO4 95 ? 4 'BINDING SITE FOR RESIDUE SO4 B 95' 
AC2 Software A SO4 95 ? 4 'BINDING SITE FOR RESIDUE SO4 A 95' 
AC3 Software B SO4 96 ? 5 'BINDING SITE FOR RESIDUE SO4 B 96' 
# 
loop_
_struct_site_gen.id 
_struct_site_gen.site_id 
_struct_site_gen.pdbx_num_res 
_struct_site_gen.label_comp_id 
_struct_site_gen.label_asym_id 
_struct_site_gen.label_seq_id 
_struct_site_gen.pdbx_auth_ins_code 
_struct_site_gen.auth_comp_id 
_struct_site_gen.auth_asym_id 
_struct_site_gen.auth_seq_id 
_struct_site_gen.label_atom_id 
_struct_site_gen.label_alt_id 
_struct_site_gen.symmetry 
_struct_site_gen.details 
1  AC1 4 ARG B 16 ? ARG B 16 . ? 1_555 ? 
2  AC1 4 HIS B 31 ? HIS B 31 . ? 1_555 ? 
3  AC1 4 ASP B 32 ? ASP B 32 . ? 1_555 ? 
4  AC1 4 LEU B 33 ? LEU B 33 . ? 1_555 ? 
5  AC2 4 ARG A 16 ? ARG A 16 . ? 1_555 ? 
6  AC2 4 HIS A 31 ? HIS A 31 . ? 1_555 ? 
7  AC2 4 ASP A 32 ? ASP A 32 . ? 1_555 ? 
8  AC2 4 LEU A 33 ? LEU A 33 . ? 1_555 ? 
9  AC3 5 ARG A 37 ? ARG A 37 . ? 2_664 ? 
10 AC3 5 ARG B 22 ? ARG B 22 . ? 6_575 ? 
11 AC3 5 ARG B 51 ? ARG B 51 . ? 1_555 ? 
12 AC3 5 GLY B 52 ? GLY B 52 . ? 1_555 ? 
13 AC3 5 ASP B 53 ? ASP B 53 . ? 1_555 ? 
# 
_pdbx_validate_close_contact.id               1 
_pdbx_validate_close_contact.PDB_model_num    1 
_pdbx_validate_close_contact.auth_atom_id_1   OE1 
_pdbx_validate_close_contact.auth_asym_id_1   B 
_pdbx_validate_close_contact.auth_comp_id_1   GLN 
_pdbx_validate_close_contact.auth_seq_id_1    20 
_pdbx_validate_close_contact.PDB_ins_code_1   ? 
_pdbx_validate_close_contact.label_alt_id_1   A 
_pdbx_validate_close_contact.auth_atom_id_2   O 
_pdbx_validate_close_contact.auth_asym_id_2   B 
_pdbx_validate_close_contact.auth_comp_id_2   HOH 
_pdbx_validate_close_contact.auth_seq_id_2    180 
_pdbx_validate_close_contact.PDB_ins_code_2   ? 
_pdbx_validate_close_contact.label_alt_id_2   ? 
_pdbx_validate_close_contact.dist             2.09 
# 
loop_
_pdbx_refine_tls.id 
_pdbx_refine_tls.details 
_pdbx_refine_tls.method 
_pdbx_refine_tls.origin_x 
_pdbx_refine_tls.origin_y 
_pdbx_refine_tls.origin_z 
_pdbx_refine_tls.T[1][1] 
_pdbx_refine_tls.T[2][2] 
_pdbx_refine_tls.T[3][3] 
_pdbx_refine_tls.T[1][2] 
_pdbx_refine_tls.T[1][3] 
_pdbx_refine_tls.T[2][3] 
_pdbx_refine_tls.L[1][1] 
_pdbx_refine_tls.L[2][2] 
_pdbx_refine_tls.L[3][3] 
_pdbx_refine_tls.L[1][2] 
_pdbx_refine_tls.L[1][3] 
_pdbx_refine_tls.L[2][3] 
_pdbx_refine_tls.S[1][1] 
_pdbx_refine_tls.S[1][2] 
_pdbx_refine_tls.S[1][3] 
_pdbx_refine_tls.S[2][1] 
_pdbx_refine_tls.S[2][2] 
_pdbx_refine_tls.S[2][3] 
_pdbx_refine_tls.S[3][1] 
_pdbx_refine_tls.S[3][2] 
_pdbx_refine_tls.S[3][3] 
_pdbx_refine_tls.pdbx_refine_id 
1 ? refined 11.3444  3.3804  5.6002  -0.0348 -0.0831 0.0057  -0.0151 -0.0471 0.0172  4.2537 0.2919 3.5445 -1.1026 3.2544 -0.7631 0.0983  0.0023  -0.2356 -0.0266 0.0843  0.0853  0.2017 0.0321 -0.1826 'X-RAY DIFFRACTION' 
2 ? refined -11.3253 -3.1502 -5.7430 -0.0376 -0.0489 -0.0237 0.0009  0.0396  -0.0135 1.7698 1.8742 1.4556 1.4973  0.0369 -0.6604 -0.0540 -0.0268 -0.0884 -0.0122 -0.0637 -0.1051 0.1189 0.0214 0.1177  'X-RAY DIFFRACTION' 
# 
loop_
_pdbx_refine_tls_group.id 
_pdbx_refine_tls_group.refine_tls_id 
_pdbx_refine_tls_group.beg_auth_asym_id 
_pdbx_refine_tls_group.beg_auth_seq_id 
_pdbx_refine_tls_group.beg_label_asym_id 
_pdbx_refine_tls_group.beg_label_seq_id 
_pdbx_refine_tls_group.end_auth_asym_id 
_pdbx_refine_tls_group.end_auth_seq_id 
_pdbx_refine_tls_group.end_label_asym_id 
_pdbx_refine_tls_group.end_label_seq_id 
_pdbx_refine_tls_group.selection 
_pdbx_refine_tls_group.pdbx_refine_id 
_pdbx_refine_tls_group.selection_details 
1 1 A 6 A 6 A 87 A 87 ? 'X-RAY DIFFRACTION' ? 
2 2 B 6 B 6 B 87 B 87 ? 'X-RAY DIFFRACTION' ? 
# 
loop_
_pdbx_unobs_or_zero_occ_residues.id 
_pdbx_unobs_or_zero_occ_residues.PDB_model_num 
_pdbx_unobs_or_zero_occ_residues.polymer_flag 
_pdbx_unobs_or_zero_occ_residues.occupancy_flag 
_pdbx_unobs_or_zero_occ_residues.auth_asym_id 
_pdbx_unobs_or_zero_occ_residues.auth_comp_id 
_pdbx_unobs_or_zero_occ_residues.auth_seq_id 
_pdbx_unobs_or_zero_occ_residues.PDB_ins_code 
_pdbx_unobs_or_zero_occ_residues.label_asym_id 
_pdbx_unobs_or_zero_occ_residues.label_comp_id 
_pdbx_unobs_or_zero_occ_residues.label_seq_id 
1  1 Y 1 A GLY 1  ? A GLY 1  
2  1 Y 1 A LEU 2  ? A LEU 2  
3  1 Y 1 A MET 3  ? A MET 3  
4  1 Y 1 A ASP 4  ? A ASP 4  
5  1 Y 1 A GLU 5  ? A GLU 5  
6  1 Y 1 A GLU 88 ? A GLU 88 
7  1 Y 1 A ARG 89 ? A ARG 89 
8  1 Y 1 A LYS 90 ? A LYS 90 
9  1 Y 1 A ARG 91 ? A ARG 91 
10 1 Y 1 A THR 92 ? A THR 92 
11 1 Y 1 A ASN 93 ? A ASN 93 
12 1 Y 1 A PRO 94 ? A PRO 94 
13 1 Y 1 B GLY 1  ? B GLY 1  
14 1 Y 1 B LEU 2  ? B LEU 2  
15 1 Y 1 B MET 3  ? B MET 3  
16 1 Y 1 B ASP 4  ? B ASP 4  
17 1 Y 1 B GLU 5  ? B GLU 5  
18 1 Y 1 B GLU 88 ? B GLU 88 
19 1 Y 1 B ARG 89 ? B ARG 89 
20 1 Y 1 B LYS 90 ? B LYS 90 
21 1 Y 1 B ARG 91 ? B ARG 91 
22 1 Y 1 B THR 92 ? B THR 92 
23 1 Y 1 B ASN 93 ? B ASN 93 
24 1 Y 1 B PRO 94 ? B PRO 94 
# 
loop_
_chem_comp_atom.comp_id 
_chem_comp_atom.atom_id 
_chem_comp_atom.type_symbol 
_chem_comp_atom.pdbx_aromatic_flag 
_chem_comp_atom.pdbx_stereo_config 
_chem_comp_atom.pdbx_ordinal 
ALA N    N N N 1   
ALA CA   C N S 2   
ALA C    C N N 3   
ALA O    O N N 4   
ALA CB   C N N 5   
ALA OXT  O N N 6   
ALA H    H N N 7   
ALA H2   H N N 8   
ALA HA   H N N 9   
ALA HB1  H N N 10  
ALA HB2  H N N 11  
ALA HB3  H N N 12  
ALA HXT  H N N 13  
ARG N    N N N 14  
ARG CA   C N S 15  
ARG C    C N N 16  
ARG O    O N N 17  
ARG CB   C N N 18  
ARG CG   C N N 19  
ARG CD   C N N 20  
ARG NE   N N N 21  
ARG CZ   C N N 22  
ARG NH1  N N N 23  
ARG NH2  N N N 24  
ARG OXT  O N N 25  
ARG H    H N N 26  
ARG H2   H N N 27  
ARG HA   H N N 28  
ARG HB2  H N N 29  
ARG HB3  H N N 30  
ARG HG2  H N N 31  
ARG HG3  H N N 32  
ARG HD2  H N N 33  
ARG HD3  H N N 34  
ARG HE   H N N 35  
ARG HH11 H N N 36  
ARG HH12 H N N 37  
ARG HH21 H N N 38  
ARG HH22 H N N 39  
ARG HXT  H N N 40  
ASN N    N N N 41  
ASN CA   C N S 42  
ASN C    C N N 43  
ASN O    O N N 44  
ASN CB   C N N 45  
ASN CG   C N N 46  
ASN OD1  O N N 47  
ASN ND2  N N N 48  
ASN OXT  O N N 49  
ASN H    H N N 50  
ASN H2   H N N 51  
ASN HA   H N N 52  
ASN HB2  H N N 53  
ASN HB3  H N N 54  
ASN HD21 H N N 55  
ASN HD22 H N N 56  
ASN HXT  H N N 57  
ASP N    N N N 58  
ASP CA   C N S 59  
ASP C    C N N 60  
ASP O    O N N 61  
ASP CB   C N N 62  
ASP CG   C N N 63  
ASP OD1  O N N 64  
ASP OD2  O N N 65  
ASP OXT  O N N 66  
ASP H    H N N 67  
ASP H2   H N N 68  
ASP HA   H N N 69  
ASP HB2  H N N 70  
ASP HB3  H N N 71  
ASP HD2  H N N 72  
ASP HXT  H N N 73  
CYS N    N N N 74  
CYS CA   C N R 75  
CYS C    C N N 76  
CYS O    O N N 77  
CYS CB   C N N 78  
CYS SG   S N N 79  
CYS OXT  O N N 80  
CYS H    H N N 81  
CYS H2   H N N 82  
CYS HA   H N N 83  
CYS HB2  H N N 84  
CYS HB3  H N N 85  
CYS HG   H N N 86  
CYS HXT  H N N 87  
GLN N    N N N 88  
GLN CA   C N S 89  
GLN C    C N N 90  
GLN O    O N N 91  
GLN CB   C N N 92  
GLN CG   C N N 93  
GLN CD   C N N 94  
GLN OE1  O N N 95  
GLN NE2  N N N 96  
GLN OXT  O N N 97  
GLN H    H N N 98  
GLN H2   H N N 99  
GLN HA   H N N 100 
GLN HB2  H N N 101 
GLN HB3  H N N 102 
GLN HG2  H N N 103 
GLN HG3  H N N 104 
GLN HE21 H N N 105 
GLN HE22 H N N 106 
GLN HXT  H N N 107 
GLU N    N N N 108 
GLU CA   C N S 109 
GLU C    C N N 110 
GLU O    O N N 111 
GLU CB   C N N 112 
GLU CG   C N N 113 
GLU CD   C N N 114 
GLU OE1  O N N 115 
GLU OE2  O N N 116 
GLU OXT  O N N 117 
GLU H    H N N 118 
GLU H2   H N N 119 
GLU HA   H N N 120 
GLU HB2  H N N 121 
GLU HB3  H N N 122 
GLU HG2  H N N 123 
GLU HG3  H N N 124 
GLU HE2  H N N 125 
GLU HXT  H N N 126 
GLY N    N N N 127 
GLY CA   C N N 128 
GLY C    C N N 129 
GLY O    O N N 130 
GLY OXT  O N N 131 
GLY H    H N N 132 
GLY H2   H N N 133 
GLY HA2  H N N 134 
GLY HA3  H N N 135 
GLY HXT  H N N 136 
HIS N    N N N 137 
HIS CA   C N S 138 
HIS C    C N N 139 
HIS O    O N N 140 
HIS CB   C N N 141 
HIS CG   C Y N 142 
HIS ND1  N Y N 143 
HIS CD2  C Y N 144 
HIS CE1  C Y N 145 
HIS NE2  N Y N 146 
HIS OXT  O N N 147 
HIS H    H N N 148 
HIS H2   H N N 149 
HIS HA   H N N 150 
HIS HB2  H N N 151 
HIS HB3  H N N 152 
HIS HD1  H N N 153 
HIS HD2  H N N 154 
HIS HE1  H N N 155 
HIS HE2  H N N 156 
HIS HXT  H N N 157 
HOH O    O N N 158 
HOH H1   H N N 159 
HOH H2   H N N 160 
ILE N    N N N 161 
ILE CA   C N S 162 
ILE C    C N N 163 
ILE O    O N N 164 
ILE CB   C N S 165 
ILE CG1  C N N 166 
ILE CG2  C N N 167 
ILE CD1  C N N 168 
ILE OXT  O N N 169 
ILE H    H N N 170 
ILE H2   H N N 171 
ILE HA   H N N 172 
ILE HB   H N N 173 
ILE HG12 H N N 174 
ILE HG13 H N N 175 
ILE HG21 H N N 176 
ILE HG22 H N N 177 
ILE HG23 H N N 178 
ILE HD11 H N N 179 
ILE HD12 H N N 180 
ILE HD13 H N N 181 
ILE HXT  H N N 182 
LEU N    N N N 183 
LEU CA   C N S 184 
LEU C    C N N 185 
LEU O    O N N 186 
LEU CB   C N N 187 
LEU CG   C N N 188 
LEU CD1  C N N 189 
LEU CD2  C N N 190 
LEU OXT  O N N 191 
LEU H    H N N 192 
LEU H2   H N N 193 
LEU HA   H N N 194 
LEU HB2  H N N 195 
LEU HB3  H N N 196 
LEU HG   H N N 197 
LEU HD11 H N N 198 
LEU HD12 H N N 199 
LEU HD13 H N N 200 
LEU HD21 H N N 201 
LEU HD22 H N N 202 
LEU HD23 H N N 203 
LEU HXT  H N N 204 
LYS N    N N N 205 
LYS CA   C N S 206 
LYS C    C N N 207 
LYS O    O N N 208 
LYS CB   C N N 209 
LYS CG   C N N 210 
LYS CD   C N N 211 
LYS CE   C N N 212 
LYS NZ   N N N 213 
LYS OXT  O N N 214 
LYS H    H N N 215 
LYS H2   H N N 216 
LYS HA   H N N 217 
LYS HB2  H N N 218 
LYS HB3  H N N 219 
LYS HG2  H N N 220 
LYS HG3  H N N 221 
LYS HD2  H N N 222 
LYS HD3  H N N 223 
LYS HE2  H N N 224 
LYS HE3  H N N 225 
LYS HZ1  H N N 226 
LYS HZ2  H N N 227 
LYS HZ3  H N N 228 
LYS HXT  H N N 229 
MET N    N N N 230 
MET CA   C N S 231 
MET C    C N N 232 
MET O    O N N 233 
MET CB   C N N 234 
MET CG   C N N 235 
MET SD   S N N 236 
MET CE   C N N 237 
MET OXT  O N N 238 
MET H    H N N 239 
MET H2   H N N 240 
MET HA   H N N 241 
MET HB2  H N N 242 
MET HB3  H N N 243 
MET HG2  H N N 244 
MET HG3  H N N 245 
MET HE1  H N N 246 
MET HE2  H N N 247 
MET HE3  H N N 248 
MET HXT  H N N 249 
PHE N    N N N 250 
PHE CA   C N S 251 
PHE C    C N N 252 
PHE O    O N N 253 
PHE CB   C N N 254 
PHE CG   C Y N 255 
PHE CD1  C Y N 256 
PHE CD2  C Y N 257 
PHE CE1  C Y N 258 
PHE CE2  C Y N 259 
PHE CZ   C Y N 260 
PHE OXT  O N N 261 
PHE H    H N N 262 
PHE H2   H N N 263 
PHE HA   H N N 264 
PHE HB2  H N N 265 
PHE HB3  H N N 266 
PHE HD1  H N N 267 
PHE HD2  H N N 268 
PHE HE1  H N N 269 
PHE HE2  H N N 270 
PHE HZ   H N N 271 
PHE HXT  H N N 272 
PRO N    N N N 273 
PRO CA   C N S 274 
PRO C    C N N 275 
PRO O    O N N 276 
PRO CB   C N N 277 
PRO CG   C N N 278 
PRO CD   C N N 279 
PRO OXT  O N N 280 
PRO H    H N N 281 
PRO HA   H N N 282 
PRO HB2  H N N 283 
PRO HB3  H N N 284 
PRO HG2  H N N 285 
PRO HG3  H N N 286 
PRO HD2  H N N 287 
PRO HD3  H N N 288 
PRO HXT  H N N 289 
SER N    N N N 290 
SER CA   C N S 291 
SER C    C N N 292 
SER O    O N N 293 
SER CB   C N N 294 
SER OG   O N N 295 
SER OXT  O N N 296 
SER H    H N N 297 
SER H2   H N N 298 
SER HA   H N N 299 
SER HB2  H N N 300 
SER HB3  H N N 301 
SER HG   H N N 302 
SER HXT  H N N 303 
SO4 S    S N N 304 
SO4 O1   O N N 305 
SO4 O2   O N N 306 
SO4 O3   O N N 307 
SO4 O4   O N N 308 
THR N    N N N 309 
THR CA   C N S 310 
THR C    C N N 311 
THR O    O N N 312 
THR CB   C N R 313 
THR OG1  O N N 314 
THR CG2  C N N 315 
THR OXT  O N N 316 
THR H    H N N 317 
THR H2   H N N 318 
THR HA   H N N 319 
THR HB   H N N 320 
THR HG1  H N N 321 
THR HG21 H N N 322 
THR HG22 H N N 323 
THR HG23 H N N 324 
THR HXT  H N N 325 
VAL N    N N N 326 
VAL CA   C N S 327 
VAL C    C N N 328 
VAL O    O N N 329 
VAL CB   C N N 330 
VAL CG1  C N N 331 
VAL CG2  C N N 332 
VAL OXT  O N N 333 
VAL H    H N N 334 
VAL H2   H N N 335 
VAL HA   H N N 336 
VAL HB   H N N 337 
VAL HG11 H N N 338 
VAL HG12 H N N 339 
VAL HG13 H N N 340 
VAL HG21 H N N 341 
VAL HG22 H N N 342 
VAL HG23 H N N 343 
VAL HXT  H N N 344 
# 
loop_
_chem_comp_bond.comp_id 
_chem_comp_bond.atom_id_1 
_chem_comp_bond.atom_id_2 
_chem_comp_bond.value_order 
_chem_comp_bond.pdbx_aromatic_flag 
_chem_comp_bond.pdbx_stereo_config 
_chem_comp_bond.pdbx_ordinal 
ALA N   CA   sing N N 1   
ALA N   H    sing N N 2   
ALA N   H2   sing N N 3   
ALA CA  C    sing N N 4   
ALA CA  CB   sing N N 5   
ALA CA  HA   sing N N 6   
ALA C   O    doub N N 7   
ALA C   OXT  sing N N 8   
ALA CB  HB1  sing N N 9   
ALA CB  HB2  sing N N 10  
ALA CB  HB3  sing N N 11  
ALA OXT HXT  sing N N 12  
ARG N   CA   sing N N 13  
ARG N   H    sing N N 14  
ARG N   H2   sing N N 15  
ARG CA  C    sing N N 16  
ARG CA  CB   sing N N 17  
ARG CA  HA   sing N N 18  
ARG C   O    doub N N 19  
ARG C   OXT  sing N N 20  
ARG CB  CG   sing N N 21  
ARG CB  HB2  sing N N 22  
ARG CB  HB3  sing N N 23  
ARG CG  CD   sing N N 24  
ARG CG  HG2  sing N N 25  
ARG CG  HG3  sing N N 26  
ARG CD  NE   sing N N 27  
ARG CD  HD2  sing N N 28  
ARG CD  HD3  sing N N 29  
ARG NE  CZ   sing N N 30  
ARG NE  HE   sing N N 31  
ARG CZ  NH1  sing N N 32  
ARG CZ  NH2  doub N N 33  
ARG NH1 HH11 sing N N 34  
ARG NH1 HH12 sing N N 35  
ARG NH2 HH21 sing N N 36  
ARG NH2 HH22 sing N N 37  
ARG OXT HXT  sing N N 38  
ASN N   CA   sing N N 39  
ASN N   H    sing N N 40  
ASN N   H2   sing N N 41  
ASN CA  C    sing N N 42  
ASN CA  CB   sing N N 43  
ASN CA  HA   sing N N 44  
ASN C   O    doub N N 45  
ASN C   OXT  sing N N 46  
ASN CB  CG   sing N N 47  
ASN CB  HB2  sing N N 48  
ASN CB  HB3  sing N N 49  
ASN CG  OD1  doub N N 50  
ASN CG  ND2  sing N N 51  
ASN ND2 HD21 sing N N 52  
ASN ND2 HD22 sing N N 53  
ASN OXT HXT  sing N N 54  
ASP N   CA   sing N N 55  
ASP N   H    sing N N 56  
ASP N   H2   sing N N 57  
ASP CA  C    sing N N 58  
ASP CA  CB   sing N N 59  
ASP CA  HA   sing N N 60  
ASP C   O    doub N N 61  
ASP C   OXT  sing N N 62  
ASP CB  CG   sing N N 63  
ASP CB  HB2  sing N N 64  
ASP CB  HB3  sing N N 65  
ASP CG  OD1  doub N N 66  
ASP CG  OD2  sing N N 67  
ASP OD2 HD2  sing N N 68  
ASP OXT HXT  sing N N 69  
CYS N   CA   sing N N 70  
CYS N   H    sing N N 71  
CYS N   H2   sing N N 72  
CYS CA  C    sing N N 73  
CYS CA  CB   sing N N 74  
CYS CA  HA   sing N N 75  
CYS C   O    doub N N 76  
CYS C   OXT  sing N N 77  
CYS CB  SG   sing N N 78  
CYS CB  HB2  sing N N 79  
CYS CB  HB3  sing N N 80  
CYS SG  HG   sing N N 81  
CYS OXT HXT  sing N N 82  
GLN N   CA   sing N N 83  
GLN N   H    sing N N 84  
GLN N   H2   sing N N 85  
GLN CA  C    sing N N 86  
GLN CA  CB   sing N N 87  
GLN CA  HA   sing N N 88  
GLN C   O    doub N N 89  
GLN C   OXT  sing N N 90  
GLN CB  CG   sing N N 91  
GLN CB  HB2  sing N N 92  
GLN CB  HB3  sing N N 93  
GLN CG  CD   sing N N 94  
GLN CG  HG2  sing N N 95  
GLN CG  HG3  sing N N 96  
GLN CD  OE1  doub N N 97  
GLN CD  NE2  sing N N 98  
GLN NE2 HE21 sing N N 99  
GLN NE2 HE22 sing N N 100 
GLN OXT HXT  sing N N 101 
GLU N   CA   sing N N 102 
GLU N   H    sing N N 103 
GLU N   H2   sing N N 104 
GLU CA  C    sing N N 105 
GLU CA  CB   sing N N 106 
GLU CA  HA   sing N N 107 
GLU C   O    doub N N 108 
GLU C   OXT  sing N N 109 
GLU CB  CG   sing N N 110 
GLU CB  HB2  sing N N 111 
GLU CB  HB3  sing N N 112 
GLU CG  CD   sing N N 113 
GLU CG  HG2  sing N N 114 
GLU CG  HG3  sing N N 115 
GLU CD  OE1  doub N N 116 
GLU CD  OE2  sing N N 117 
GLU OE2 HE2  sing N N 118 
GLU OXT HXT  sing N N 119 
GLY N   CA   sing N N 120 
GLY N   H    sing N N 121 
GLY N   H2   sing N N 122 
GLY CA  C    sing N N 123 
GLY CA  HA2  sing N N 124 
GLY CA  HA3  sing N N 125 
GLY C   O    doub N N 126 
GLY C   OXT  sing N N 127 
GLY OXT HXT  sing N N 128 
HIS N   CA   sing N N 129 
HIS N   H    sing N N 130 
HIS N   H2   sing N N 131 
HIS CA  C    sing N N 132 
HIS CA  CB   sing N N 133 
HIS CA  HA   sing N N 134 
HIS C   O    doub N N 135 
HIS C   OXT  sing N N 136 
HIS CB  CG   sing N N 137 
HIS CB  HB2  sing N N 138 
HIS CB  HB3  sing N N 139 
HIS CG  ND1  sing Y N 140 
HIS CG  CD2  doub Y N 141 
HIS ND1 CE1  doub Y N 142 
HIS ND1 HD1  sing N N 143 
HIS CD2 NE2  sing Y N 144 
HIS CD2 HD2  sing N N 145 
HIS CE1 NE2  sing Y N 146 
HIS CE1 HE1  sing N N 147 
HIS NE2 HE2  sing N N 148 
HIS OXT HXT  sing N N 149 
HOH O   H1   sing N N 150 
HOH O   H2   sing N N 151 
ILE N   CA   sing N N 152 
ILE N   H    sing N N 153 
ILE N   H2   sing N N 154 
ILE CA  C    sing N N 155 
ILE CA  CB   sing N N 156 
ILE CA  HA   sing N N 157 
ILE C   O    doub N N 158 
ILE C   OXT  sing N N 159 
ILE CB  CG1  sing N N 160 
ILE CB  CG2  sing N N 161 
ILE CB  HB   sing N N 162 
ILE CG1 CD1  sing N N 163 
ILE CG1 HG12 sing N N 164 
ILE CG1 HG13 sing N N 165 
ILE CG2 HG21 sing N N 166 
ILE CG2 HG22 sing N N 167 
ILE CG2 HG23 sing N N 168 
ILE CD1 HD11 sing N N 169 
ILE CD1 HD12 sing N N 170 
ILE CD1 HD13 sing N N 171 
ILE OXT HXT  sing N N 172 
LEU N   CA   sing N N 173 
LEU N   H    sing N N 174 
LEU N   H2   sing N N 175 
LEU CA  C    sing N N 176 
LEU CA  CB   sing N N 177 
LEU CA  HA   sing N N 178 
LEU C   O    doub N N 179 
LEU C   OXT  sing N N 180 
LEU CB  CG   sing N N 181 
LEU CB  HB2  sing N N 182 
LEU CB  HB3  sing N N 183 
LEU CG  CD1  sing N N 184 
LEU CG  CD2  sing N N 185 
LEU CG  HG   sing N N 186 
LEU CD1 HD11 sing N N 187 
LEU CD1 HD12 sing N N 188 
LEU CD1 HD13 sing N N 189 
LEU CD2 HD21 sing N N 190 
LEU CD2 HD22 sing N N 191 
LEU CD2 HD23 sing N N 192 
LEU OXT HXT  sing N N 193 
LYS N   CA   sing N N 194 
LYS N   H    sing N N 195 
LYS N   H2   sing N N 196 
LYS CA  C    sing N N 197 
LYS CA  CB   sing N N 198 
LYS CA  HA   sing N N 199 
LYS C   O    doub N N 200 
LYS C   OXT  sing N N 201 
LYS CB  CG   sing N N 202 
LYS CB  HB2  sing N N 203 
LYS CB  HB3  sing N N 204 
LYS CG  CD   sing N N 205 
LYS CG  HG2  sing N N 206 
LYS CG  HG3  sing N N 207 
LYS CD  CE   sing N N 208 
LYS CD  HD2  sing N N 209 
LYS CD  HD3  sing N N 210 
LYS CE  NZ   sing N N 211 
LYS CE  HE2  sing N N 212 
LYS CE  HE3  sing N N 213 
LYS NZ  HZ1  sing N N 214 
LYS NZ  HZ2  sing N N 215 
LYS NZ  HZ3  sing N N 216 
LYS OXT HXT  sing N N 217 
MET N   CA   sing N N 218 
MET N   H    sing N N 219 
MET N   H2   sing N N 220 
MET CA  C    sing N N 221 
MET CA  CB   sing N N 222 
MET CA  HA   sing N N 223 
MET C   O    doub N N 224 
MET C   OXT  sing N N 225 
MET CB  CG   sing N N 226 
MET CB  HB2  sing N N 227 
MET CB  HB3  sing N N 228 
MET CG  SD   sing N N 229 
MET CG  HG2  sing N N 230 
MET CG  HG3  sing N N 231 
MET SD  CE   sing N N 232 
MET CE  HE1  sing N N 233 
MET CE  HE2  sing N N 234 
MET CE  HE3  sing N N 235 
MET OXT HXT  sing N N 236 
PHE N   CA   sing N N 237 
PHE N   H    sing N N 238 
PHE N   H2   sing N N 239 
PHE CA  C    sing N N 240 
PHE CA  CB   sing N N 241 
PHE CA  HA   sing N N 242 
PHE C   O    doub N N 243 
PHE C   OXT  sing N N 244 
PHE CB  CG   sing N N 245 
PHE CB  HB2  sing N N 246 
PHE CB  HB3  sing N N 247 
PHE CG  CD1  doub Y N 248 
PHE CG  CD2  sing Y N 249 
PHE CD1 CE1  sing Y N 250 
PHE CD1 HD1  sing N N 251 
PHE CD2 CE2  doub Y N 252 
PHE CD2 HD2  sing N N 253 
PHE CE1 CZ   doub Y N 254 
PHE CE1 HE1  sing N N 255 
PHE CE2 CZ   sing Y N 256 
PHE CE2 HE2  sing N N 257 
PHE CZ  HZ   sing N N 258 
PHE OXT HXT  sing N N 259 
PRO N   CA   sing N N 260 
PRO N   CD   sing N N 261 
PRO N   H    sing N N 262 
PRO CA  C    sing N N 263 
PRO CA  CB   sing N N 264 
PRO CA  HA   sing N N 265 
PRO C   O    doub N N 266 
PRO C   OXT  sing N N 267 
PRO CB  CG   sing N N 268 
PRO CB  HB2  sing N N 269 
PRO CB  HB3  sing N N 270 
PRO CG  CD   sing N N 271 
PRO CG  HG2  sing N N 272 
PRO CG  HG3  sing N N 273 
PRO CD  HD2  sing N N 274 
PRO CD  HD3  sing N N 275 
PRO OXT HXT  sing N N 276 
SER N   CA   sing N N 277 
SER N   H    sing N N 278 
SER N   H2   sing N N 279 
SER CA  C    sing N N 280 
SER CA  CB   sing N N 281 
SER CA  HA   sing N N 282 
SER C   O    doub N N 283 
SER C   OXT  sing N N 284 
SER CB  OG   sing N N 285 
SER CB  HB2  sing N N 286 
SER CB  HB3  sing N N 287 
SER OG  HG   sing N N 288 
SER OXT HXT  sing N N 289 
SO4 S   O1   doub N N 290 
SO4 S   O2   doub N N 291 
SO4 S   O3   sing N N 292 
SO4 S   O4   sing N N 293 
THR N   CA   sing N N 294 
THR N   H    sing N N 295 
THR N   H2   sing N N 296 
THR CA  C    sing N N 297 
THR CA  CB   sing N N 298 
THR CA  HA   sing N N 299 
THR C   O    doub N N 300 
THR C   OXT  sing N N 301 
THR CB  OG1  sing N N 302 
THR CB  CG2  sing N N 303 
THR CB  HB   sing N N 304 
THR OG1 HG1  sing N N 305 
THR CG2 HG21 sing N N 306 
THR CG2 HG22 sing N N 307 
THR CG2 HG23 sing N N 308 
THR OXT HXT  sing N N 309 
VAL N   CA   sing N N 310 
VAL N   H    sing N N 311 
VAL N   H2   sing N N 312 
VAL CA  C    sing N N 313 
VAL CA  CB   sing N N 314 
VAL CA  HA   sing N N 315 
VAL C   O    doub N N 316 
VAL C   OXT  sing N N 317 
VAL CB  CG1  sing N N 318 
VAL CB  CG2  sing N N 319 
VAL CB  HB   sing N N 320 
VAL CG1 HG11 sing N N 321 
VAL CG1 HG12 sing N N 322 
VAL CG1 HG13 sing N N 323 
VAL CG2 HG21 sing N N 324 
VAL CG2 HG22 sing N N 325 
VAL CG2 HG23 sing N N 326 
VAL OXT HXT  sing N N 327 
# 
_pdbx_initial_refinement_model.accession_code   3BYR 
_pdbx_initial_refinement_model.id               1 
_pdbx_initial_refinement_model.entity_id_list   ? 
_pdbx_initial_refinement_model.type             'experimental model' 
_pdbx_initial_refinement_model.source_name      PDB 
_pdbx_initial_refinement_model.details          'CZRB WITH ZN BOUND' 
# 
_atom_sites.entry_id                    3BYP 
_atom_sites.fract_transf_matrix[1][1]   0.00334587 
_atom_sites.fract_transf_matrix[1][2]   0.01007664 
_atom_sites.fract_transf_matrix[1][3]   0.01592426 
_atom_sites.fract_transf_matrix[2][1]   -0.01426114 
_atom_sites.fract_transf_matrix[2][2]   0.00957688 
_atom_sites.fract_transf_matrix[2][3]   0.00843828 
_atom_sites.fract_transf_matrix[3][1]   -0.00230845 
_atom_sites.fract_transf_matrix[3][2]   -0.00873537 
_atom_sites.fract_transf_matrix[3][3]   0.00601265 
_atom_sites.fract_transf_vector[1]      0.432721 
_atom_sites.fract_transf_vector[2]      1.029344 
_atom_sites.fract_transf_vector[3]      0.135405 
# 
loop_
_atom_type.symbol 
C 
N 
O 
S 
# 
loop_
_atom_site.group_PDB 
_atom_site.id 
_atom_site.type_symbol 
_atom_site.label_atom_id 
_atom_site.label_alt_id 
_atom_site.label_comp_id 
_atom_site.label_asym_id 
_atom_site.label_entity_id 
_atom_site.label_seq_id 
_atom_site.pdbx_PDB_ins_code 
_atom_site.Cartn_x 
_atom_site.Cartn_y 
_atom_site.Cartn_z 
_atom_site.occupancy 
_atom_site.B_iso_or_equiv 
_atom_site.pdbx_formal_charge 
_atom_site.auth_seq_id 
_atom_site.auth_comp_id 
_atom_site.auth_asym_id 
_atom_site.auth_atom_id 
_atom_site.pdbx_PDB_model_num 
ATOM   1    N N   . GLY A 1 6  ? 11.626  -8.316  17.922  1.00 24.65  ? 6   GLY A N   1 
ATOM   2    C CA  . GLY A 1 6  ? 11.972  -6.962  17.367  1.00 24.39  ? 6   GLY A CA  1 
ATOM   3    C C   . GLY A 1 6  ? 13.454  -6.636  17.440  1.00 23.67  ? 6   GLY A C   1 
ATOM   4    O O   . GLY A 1 6  ? 14.196  -7.194  18.250  1.00 24.35  ? 6   GLY A O   1 
ATOM   5    N N   . LEU A 1 7  ? 13.894  -5.717  16.589  1.00 23.04  ? 7   LEU A N   1 
ATOM   6    C CA  . LEU A 1 7  ? 15.301  -5.319  16.580  1.00 22.20  ? 7   LEU A CA  1 
ATOM   7    C C   . LEU A 1 7  ? 15.653  -4.504  17.830  1.00 22.08  ? 7   LEU A C   1 
ATOM   8    O O   . LEU A 1 7  ? 14.761  -3.917  18.467  1.00 22.27  ? 7   LEU A O   1 
ATOM   9    C CB  . LEU A 1 7  ? 15.609  -4.518  15.298  1.00 20.85  ? 7   LEU A CB  1 
ATOM   10   C CG  . LEU A 1 7  ? 15.535  -5.294  13.973  1.00 20.24  ? 7   LEU A CG  1 
ATOM   11   C CD1 . LEU A 1 7  ? 15.649  -4.345  12.768  1.00 21.55  ? 7   LEU A CD1 1 
ATOM   12   C CD2 . LEU A 1 7  ? 16.618  -6.377  13.926  1.00 21.17  ? 7   LEU A CD2 1 
ATOM   13   N N   . PRO A 1 8  ? 16.948  -4.478  18.202  1.00 22.68  ? 8   PRO A N   1 
ATOM   14   C CA  . PRO A 1 8  ? 17.374  -3.724  19.385  1.00 22.05  ? 8   PRO A CA  1 
ATOM   15   C C   . PRO A 1 8  ? 16.966  -2.258  19.260  1.00 22.32  ? 8   PRO A C   1 
ATOM   16   O O   . PRO A 1 8  ? 17.026  -1.707  18.146  1.00 21.07  ? 8   PRO A O   1 
ATOM   17   C CB  . PRO A 1 8  ? 18.908  -3.880  19.378  1.00 22.29  ? 8   PRO A CB  1 
ATOM   18   C CG  . PRO A 1 8  ? 19.148  -5.151  18.647  1.00 22.80  ? 8   PRO A CG  1 
ATOM   19   C CD  . PRO A 1 8  ? 18.081  -5.198  17.579  1.00 22.94  ? 8   PRO A CD  1 
ATOM   20   N N   . PRO A 1 9  ? 16.491  -1.644  20.370  1.00 21.53  ? 9   PRO A N   1 
ATOM   21   C CA  . PRO A 1 9  ? 16.114  -0.214  20.319  1.00 21.97  ? 9   PRO A CA  1 
ATOM   22   C C   . PRO A 1 9  ? 17.169  0.709   19.685  1.00 21.71  ? 9   PRO A C   1 
ATOM   23   O O   . PRO A 1 9  ? 16.800  1.590   18.911  1.00 21.11  ? 9   PRO A O   1 
ATOM   24   C CB  . PRO A 1 9  ? 15.858  0.122   21.792  1.00 21.95  ? 9   PRO A CB  1 
ATOM   25   C CG  . PRO A 1 9  ? 15.326  -1.182  22.351  1.00 23.04  ? 9   PRO A CG  1 
ATOM   26   C CD  . PRO A 1 9  ? 16.214  -2.231  21.703  1.00 22.09  ? 9   PRO A CD  1 
ATOM   27   N N   . GLU A 1 10 ? 18.454  0.486   19.960  1.00 20.90  ? 10  GLU A N   1 
ATOM   28   C CA  . GLU A 1 10 ? 19.514  1.341   19.380  1.00 20.81  ? 10  GLU A CA  1 
ATOM   29   C C   . GLU A 1 10 ? 19.490  1.267   17.856  1.00 19.56  ? 10  GLU A C   1 
ATOM   30   O O   . GLU A 1 10 ? 19.640  2.295   17.183  1.00 20.46  ? 10  GLU A O   1 
ATOM   31   C CB  . GLU A 1 10 ? 20.908  1.026   19.965  1.00 21.41  ? 10  GLU A CB  1 
ATOM   32   C CG  . GLU A 1 10 ? 21.529  -0.299  19.527  1.00 21.22  ? 10  GLU A CG  1 
ATOM   33   C CD  . GLU A 1 10 ? 22.156  -0.230  18.132  1.00 22.85  ? 10  GLU A CD  1 
ATOM   34   O OE1 . GLU A 1 10 ? 22.491  0.884   17.672  1.00 20.76  ? 10  GLU A OE1 1 
ATOM   35   O OE2 . GLU A 1 10 ? 22.309  -1.297  17.487  1.00 23.40  ? 10  GLU A OE2 1 
ATOM   36   N N   . GLU A 1 11 ? 19.279  0.060   17.316  1.00 19.15  ? 11  GLU A N   1 
ATOM   37   C CA  . GLU A 1 11 ? 19.231  -0.121  15.860  1.00 19.61  ? 11  GLU A CA  1 
ATOM   38   C C   . GLU A 1 11 ? 18.024  0.604   15.272  1.00 19.72  ? 11  GLU A C   1 
ATOM   39   O O   . GLU A 1 11 ? 18.126  1.260   14.241  1.00 19.65  ? 11  GLU A O   1 
ATOM   40   C CB  . GLU A 1 11 ? 19.220  -1.596  15.427  1.00 19.57  ? 11  GLU A CB  1 
ATOM   41   C CG  . GLU A 1 11 ? 19.318  -1.732  13.893  1.00 21.18  ? 11  GLU A CG  1 
ATOM   42   C CD  . GLU A 1 11 ? 19.257  -3.149  13.396  1.00 21.89  ? 11  GLU A CD  1 
ATOM   43   O OE1 . GLU A 1 11 ? 19.347  -4.065  14.213  1.00 25.19  ? 11  GLU A OE1 1 
ATOM   44   O OE2 . GLU A 1 11 ? 19.091  -3.342  12.168  1.00 24.72  ? 11  GLU A OE2 1 
ATOM   45   N N   . VAL A 1 12 ? 16.875  0.451   15.928  1.00 20.03  ? 12  VAL A N   1 
ATOM   46   C CA  . VAL A 1 12 ? 15.670  1.176   15.506  1.00 20.79  ? 12  VAL A CA  1 
ATOM   47   C C   . VAL A 1 12 ? 15.944  2.686   15.451  1.00 21.24  ? 12  VAL A C   1 
ATOM   48   O O   . VAL A 1 12 ? 15.518  3.348   14.503  1.00 21.08  ? 12  VAL A O   1 
ATOM   49   C CB  . VAL A 1 12 ? 14.454  0.848   16.374  1.00 20.85  ? 12  VAL A CB  1 
ATOM   50   C CG1 . VAL A 1 12 ? 13.222  1.731   15.968  1.00 22.25  ? 12  VAL A CG1 1 
ATOM   51   C CG2 . VAL A 1 12 ? 14.109  -0.621  16.194  1.00 21.25  ? 12  VAL A CG2 1 
ATOM   52   N N   . GLU A 1 13 ? 16.673  3.216   16.430  1.00 21.21  ? 13  GLU A N   1 
ATOM   53   C CA  . GLU A 1 13 ? 17.024  4.647   16.415  1.00 22.69  ? 13  GLU A CA  1 
ATOM   54   C C   . GLU A 1 13 ? 17.950  4.996   15.255  1.00 21.48  ? 13  GLU A C   1 
ATOM   55   O O   . GLU A 1 13 ? 17.774  6.041   14.632  1.00 21.57  ? 13  GLU A O   1 
ATOM   56   C CB  . GLU A 1 13 ? 17.554  5.136   17.768  1.00 23.36  ? 13  GLU A CB  1 
ATOM   57   C CG  . GLU A 1 13 ? 16.443  5.178   18.852  1.00 29.45  ? 13  GLU A CG  1 
ATOM   58   C CD  . GLU A 1 13 ? 15.181  5.958   18.404  1.00 35.75  ? 13  GLU A CD  1 
ATOM   59   O OE1 . GLU A 1 13 ? 15.323  7.139   18.004  1.00 37.69  ? 13  GLU A OE1 1 
ATOM   60   O OE2 . GLU A 1 13 ? 14.039  5.396   18.417  1.00 38.35  ? 13  GLU A OE2 1 
ATOM   61   N N   . ARG A 1 14 ? 18.935  4.134   14.984  1.00 20.65  ? 14  ARG A N   1 
ATOM   62   C CA  . ARG A 1 14 ? 19.790  4.305   13.795  1.00 20.67  ? 14  ARG A CA  1 
ATOM   63   C C   . ARG A 1 14 ? 18.954  4.318   12.512  1.00 20.54  ? 14  ARG A C   1 
ATOM   64   O O   . ARG A 1 14 ? 19.154  5.159   11.622  1.00 19.92  ? 14  ARG A O   1 
ATOM   65   C CB  . ARG A 1 14 ? 20.904  3.248   13.739  1.00 20.47  ? 14  ARG A CB  1 
ATOM   66   C CG  . ARG A 1 14 ? 22.030  3.567   14.696  1.00 21.42  ? 14  ARG A CG  1 
ATOM   67   C CD  . ARG A 1 14 ? 23.214  2.631   14.513  1.00 20.81  ? 14  ARG A CD  1 
ATOM   68   N NE  . ARG A 1 14 ? 22.897  1.260   14.927  1.00 20.60  ? 14  ARG A NE  1 
ATOM   69   C CZ  . ARG A 1 14 ? 22.961  0.174   14.162  1.00 21.39  ? 14  ARG A CZ  1 
ATOM   70   N NH1 . ARG A 1 14 ? 23.287  0.232   12.864  1.00 23.02  ? 14  ARG A NH1 1 
ATOM   71   N NH2 . ARG A 1 14 ? 22.692  -1.003  14.707  1.00 21.38  ? 14  ARG A NH2 1 
ATOM   72   N N   . ILE A 1 15 ? 17.992  3.407   12.432  1.00 19.87  ? 15  ILE A N   1 
ATOM   73   C CA  . ILE A 1 15 ? 17.151  3.306   11.234  1.00 20.07  ? 15  ILE A CA  1 
ATOM   74   C C   . ILE A 1 15 ? 16.332  4.577   11.087  1.00 20.18  ? 15  ILE A C   1 
ATOM   75   O O   . ILE A 1 15 ? 16.206  5.146   9.974   1.00 20.44  ? 15  ILE A O   1 
ATOM   76   C CB  . ILE A 1 15 ? 16.222  2.080   11.329  1.00 20.34  ? 15  ILE A CB  1 
ATOM   77   C CG1 . ILE A 1 15 ? 17.028  0.799   11.057  1.00 19.80  ? 15  ILE A CG1 1 
ATOM   78   C CG2 . ILE A 1 15 ? 15.058  2.198   10.319  1.00 20.14  ? 15  ILE A CG2 1 
ATOM   79   C CD1 . ILE A 1 15 ? 16.253  -0.479  11.401  1.00 21.05  ? 15  ILE A CD1 1 
ATOM   80   N N   . ARG A 1 16 ? 15.752  5.028   12.198  1.00 20.19  ? 16  ARG A N   1 
ATOM   81   C CA  . ARG A 1 16 ? 14.975  6.287   12.189  1.00 21.39  ? 16  ARG A CA  1 
ATOM   82   C C   . ARG A 1 16 ? 15.793  7.485   11.714  1.00 21.22  ? 16  ARG A C   1 
ATOM   83   O O   . ARG A 1 16 ? 15.308  8.288   10.900  1.00 22.32  ? 16  ARG A O   1 
ATOM   84   C CB  . ARG A 1 16 ? 14.406  6.590   13.567  1.00 21.81  ? 16  ARG A CB  1 
ATOM   85   C CG  . ARG A 1 16 ? 13.284  5.653   13.993  1.00 24.71  ? 16  ARG A CG  1 
ATOM   86   C CD  . ARG A 1 16 ? 12.693  6.120   15.337  1.00 27.21  ? 16  ARG A CD  1 
ATOM   87   N NE  . ARG A 1 16 ? 11.713  5.184   15.896  1.00 26.62  ? 16  ARG A NE  1 
ATOM   88   C CZ  . ARG A 1 16 ? 10.410  5.205   15.626  1.00 27.88  ? 16  ARG A CZ  1 
ATOM   89   N NH1 . ARG A 1 16 ? 9.905   6.123   14.795  1.00 28.61  ? 16  ARG A NH1 1 
ATOM   90   N NH2 . ARG A 1 16 ? 9.608   4.310   16.188  1.00 28.26  ? 16  ARG A NH2 1 
ATOM   91   N N   . ALA A 1 17 ? 17.010  7.618   12.228  1.00 21.18  ? 17  ALA A N   1 
ATOM   92   C CA  . ALA A 1 17 ? 17.884  8.733   11.852  1.00 21.63  ? 17  ALA A CA  1 
ATOM   93   C C   . ALA A 1 17 ? 18.287  8.657   10.387  1.00 21.43  ? 17  ALA A C   1 
ATOM   94   O O   . ALA A 1 17 ? 18.342  9.688   9.692   1.00 22.10  ? 17  ALA A O   1 
ATOM   95   C CB  . ALA A 1 17 ? 19.120  8.760   12.756  1.00 21.92  ? 17  ALA A CB  1 
ATOM   96   N N   . PHE A 1 18 ? 18.564  7.436   9.923   1.00 20.69  ? 18  PHE A N   1 
ATOM   97   C CA  . PHE A 1 18 ? 18.896  7.150   8.520   1.00 20.76  ? 18  PHE A CA  1 
ATOM   98   C C   . PHE A 1 18 ? 17.743  7.578   7.599   1.00 21.53  ? 18  PHE A C   1 
ATOM   99   O O   . PHE A 1 18 ? 17.959  8.265   6.592   1.00 21.65  ? 18  PHE A O   1 
ATOM   100  C CB  . PHE A 1 18 ? 19.180  5.643   8.379   1.00 21.52  ? 18  PHE A CB  1 
ATOM   101  C CG  . PHE A 1 18 ? 19.640  5.229   7.007   1.00 20.63  ? 18  PHE A CG  1 
ATOM   102  C CD1 . PHE A 1 18 ? 20.993  5.313   6.645   1.00 20.97  ? 18  PHE A CD1 1 
ATOM   103  C CD2 . PHE A 1 18 ? 18.725  4.736   6.078   1.00 20.52  ? 18  PHE A CD2 1 
ATOM   104  C CE1 . PHE A 1 18 ? 21.414  4.911   5.365   1.00 23.29  ? 18  PHE A CE1 1 
ATOM   105  C CE2 . PHE A 1 18 ? 19.132  4.328   4.805   1.00 23.44  ? 18  PHE A CE2 1 
ATOM   106  C CZ  . PHE A 1 18 ? 20.474  4.410   4.440   1.00 22.13  ? 18  PHE A CZ  1 
ATOM   107  N N   . LEU A 1 19 ? 16.519  7.212   7.969   1.00 20.52  ? 19  LEU A N   1 
ATOM   108  C CA  . LEU A 1 19 ? 15.334  7.557   7.162   1.00 22.03  ? 19  LEU A CA  1 
ATOM   109  C C   . LEU A 1 19 ? 15.096  9.034   7.154   1.00 22.12  ? 19  LEU A C   1 
ATOM   110  O O   . LEU A 1 19 ? 14.821  9.630   6.100   1.00 21.76  ? 19  LEU A O   1 
ATOM   111  C CB  . LEU A 1 19 ? 14.108  6.859   7.718   1.00 22.24  ? 19  LEU A CB  1 
ATOM   112  C CG  . LEU A 1 19 ? 14.051  5.343   7.487   1.00 24.05  ? 19  LEU A CG  1 
ATOM   113  C CD1 . LEU A 1 19 ? 12.898  4.748   8.265   1.00 26.13  ? 19  LEU A CD1 1 
ATOM   114  C CD2 . LEU A 1 19 ? 13.992  4.975   5.989   1.00 26.83  ? 19  LEU A CD2 1 
ATOM   115  N N   . GLN A 1 20 ? 15.212  9.647   8.325   1.00 22.35  ? 20  GLN A N   1 
ATOM   116  C CA  . GLN A 1 20 ? 14.938  11.093  8.449   1.00 23.34  ? 20  GLN A CA  1 
ATOM   117  C C   . GLN A 1 20 ? 15.806  11.901  7.480   1.00 23.26  ? 20  GLN A C   1 
ATOM   118  O O   . GLN A 1 20 ? 15.297  12.772  6.775   1.00 23.96  ? 20  GLN A O   1 
ATOM   119  C CB  . GLN A 1 20 ? 15.193  11.569  9.872   1.00 23.55  ? 20  GLN A CB  1 
ATOM   120  C CG  A GLN A 1 20 ? 14.784  13.019  10.127  0.50 22.82  ? 20  GLN A CG  1 
ATOM   121  C CG  B GLN A 1 20 ? 14.171  11.159  10.919  0.50 25.99  ? 20  GLN A CG  1 
ATOM   122  C CD  A GLN A 1 20 ? 14.581  13.343  11.598  0.50 23.47  ? 20  GLN A CD  1 
ATOM   123  C CD  B GLN A 1 20 ? 13.462  12.347  11.537  0.50 29.64  ? 20  GLN A CD  1 
ATOM   124  O OE1 A GLN A 1 20 ? 13.591  12.932  12.211  0.50 25.01  ? 20  GLN A OE1 1 
ATOM   125  O OE1 B GLN A 1 20 ? 13.551  13.456  11.029  0.50 32.11  ? 20  GLN A OE1 1 
ATOM   126  N NE2 A GLN A 1 20 ? 15.489  14.119  12.156  0.50 23.61  ? 20  GLN A NE2 1 
ATOM   127  N NE2 B GLN A 1 20 ? 12.753  12.117  12.641  0.50 29.72  ? 20  GLN A NE2 1 
ATOM   128  N N   . GLU A 1 21 ? 17.099  11.576  7.426   1.00 23.21  ? 21  GLU A N   1 
ATOM   129  C CA  . GLU A 1 21 ? 18.031  12.270  6.534   1.00 23.93  ? 21  GLU A CA  1 
ATOM   130  C C   . GLU A 1 21 ? 17.624  12.070  5.085   1.00 23.96  ? 21  GLU A C   1 
ATOM   131  O O   . GLU A 1 21 ? 17.661  12.999  4.294   1.00 23.40  ? 21  GLU A O   1 
ATOM   132  C CB  . GLU A 1 21 ? 19.474  11.792  6.744   1.00 24.23  ? 21  GLU A CB  1 
ATOM   133  C CG  . GLU A 1 21 ? 20.501  12.627  5.968   1.00 25.98  ? 21  GLU A CG  1 
ATOM   134  N N   . ARG A 1 22 ? 17.205  10.855  4.756   1.00 23.89  ? 22  ARG A N   1 
ATOM   135  C CA  . ARG A 1 22 ? 16.928  10.506  3.359   1.00 24.79  ? 22  ARG A CA  1 
ATOM   136  C C   . ARG A 1 22 ? 15.594  11.056  2.836   1.00 24.70  ? 22  ARG A C   1 
ATOM   137  O O   . ARG A 1 22 ? 15.387  11.116  1.619   1.00 25.87  ? 22  ARG A O   1 
ATOM   138  C CB  . ARG A 1 22 ? 16.942  8.974   3.160   1.00 24.97  ? 22  ARG A CB  1 
ATOM   139  C CG  . ARG A 1 22 ? 18.238  8.263   3.585   1.00 30.97  ? 22  ARG A CG  1 
ATOM   140  C CD  . ARG A 1 22 ? 19.210  8.057   2.471   1.00 36.99  ? 22  ARG A CD  1 
ATOM   141  N NE  . ARG A 1 22 ? 20.529  7.712   3.011   1.00 40.27  ? 22  ARG A NE  1 
ATOM   142  C CZ  . ARG A 1 22 ? 21.532  7.192   2.309   1.00 43.53  ? 22  ARG A CZ  1 
ATOM   143  N NH1 . ARG A 1 22 ? 21.387  6.917   1.010   1.00 44.58  ? 22  ARG A NH1 1 
ATOM   144  N NH2 . ARG A 1 22 ? 22.684  6.938   2.919   1.00 45.01  ? 22  ARG A NH2 1 
ATOM   145  N N   . ILE A 1 23 ? 14.678  11.410  3.734   1.00 23.35  ? 23  ILE A N   1 
ATOM   146  C CA  . ILE A 1 23 ? 13.344  11.869  3.305   1.00 23.13  ? 23  ILE A CA  1 
ATOM   147  C C   . ILE A 1 23 ? 13.171  13.404  3.378   1.00 21.76  ? 23  ILE A C   1 
ATOM   148  O O   . ILE A 1 23 ? 12.091  13.923  3.065   1.00 22.12  ? 23  ILE A O   1 
ATOM   149  C CB  . ILE A 1 23 ? 12.192  11.144  4.044   1.00 23.34  ? 23  ILE A CB  1 
ATOM   150  C CG1 . ILE A 1 23 ? 12.151  11.572  5.526   1.00 24.50  ? 23  ILE A CG1 1 
ATOM   151  C CG2 . ILE A 1 23 ? 12.327  9.594   3.841   1.00 24.20  ? 23  ILE A CG2 1 
ATOM   152  C CD1 . ILE A 1 23 ? 11.035  10.957  6.357   1.00 24.25  ? 23  ILE A CD1 1 
ATOM   153  N N   . ARG A 1 24 ? 14.222  14.133  3.769   1.00 21.17  ? 24  ARG A N   1 
ATOM   154  C CA  . ARG A 1 24 ? 14.109  15.602  3.825   1.00 20.22  ? 24  ARG A CA  1 
ATOM   155  C C   . ARG A 1 24 ? 13.633  16.173  2.494   1.00 20.20  ? 24  ARG A C   1 
ATOM   156  O O   . ARG A 1 24 ? 14.255  15.931  1.464   1.00 21.07  ? 24  ARG A O   1 
ATOM   157  C CB  . ARG A 1 24 ? 15.452  16.256  4.212   1.00 19.60  ? 24  ARG A CB  1 
ATOM   158  C CG  . ARG A 1 24 ? 15.858  15.988  5.658   1.00 19.00  ? 24  ARG A CG  1 
ATOM   159  C CD  . ARG A 1 24 ? 17.201  16.650  5.924   1.00 24.24  ? 24  ARG A CD  1 
ATOM   160  N NE  . ARG A 1 24 ? 17.832  16.052  7.081   1.00 30.46  ? 24  ARG A NE  1 
ATOM   161  C CZ  . ARG A 1 24 ? 19.086  16.292  7.452   1.00 33.01  ? 24  ARG A CZ  1 
ATOM   162  N NH1 . ARG A 1 24 ? 19.844  17.148  6.763   1.00 35.19  ? 24  ARG A NH1 1 
ATOM   163  N NH2 . ARG A 1 24 ? 19.578  15.681  8.517   1.00 37.70  ? 24  ARG A NH2 1 
ATOM   164  N N   . GLY A 1 25 ? 12.549  16.944  2.518   1.00 19.93  ? 25  GLY A N   1 
ATOM   165  C CA  . GLY A 1 25 ? 12.035  17.569  1.301   1.00 20.94  ? 25  GLY A CA  1 
ATOM   166  C C   . GLY A 1 25 ? 11.175  16.655  0.447   1.00 21.45  ? 25  GLY A C   1 
ATOM   167  O O   . GLY A 1 25 ? 10.617  17.097  -0.556  1.00 22.57  ? 25  GLY A O   1 
ATOM   168  N N   . ARG A 1 26 ? 11.026  15.397  0.862   1.00 22.36  ? 26  ARG A N   1 
ATOM   169  C CA  . ARG A 1 26 ? 10.337  14.391  0.041   1.00 22.96  ? 26  ARG A CA  1 
ATOM   170  C C   . ARG A 1 26 ? 9.188   13.705  0.764   1.00 23.35  ? 26  ARG A C   1 
ATOM   171  O O   . ARG A 1 26 ? 8.279   13.129  0.125   1.00 23.54  ? 26  ARG A O   1 
ATOM   172  C CB  . ARG A 1 26 ? 11.346  13.371  -0.472  1.00 23.80  ? 26  ARG A CB  1 
ATOM   173  C CG  . ARG A 1 26 ? 12.450  14.025  -1.292  1.00 24.66  ? 26  ARG A CG  1 
ATOM   174  C CD  . ARG A 1 26 ? 13.489  13.037  -1.753  1.00 28.73  ? 26  ARG A CD  1 
ATOM   175  N NE  . ARG A 1 26 ? 12.934  12.124  -2.752  1.00 27.89  ? 26  ARG A NE  1 
ATOM   176  C CZ  . ARG A 1 26 ? 13.586  11.074  -3.245  1.00 30.45  ? 26  ARG A CZ  1 
ATOM   177  N NH1 . ARG A 1 26 ? 14.838  10.830  -2.854  1.00 31.15  ? 26  ARG A NH1 1 
ATOM   178  N NH2 . ARG A 1 26 ? 12.997  10.298  -4.159  1.00 31.06  ? 26  ARG A NH2 1 
ATOM   179  N N   . ALA A 1 27 ? 9.227   13.766  2.086   1.00 22.96  ? 27  ALA A N   1 
ATOM   180  C CA  . ALA A 1 27 ? 8.152   13.221  2.908   1.00 23.45  ? 27  ALA A CA  1 
ATOM   181  C C   . ALA A 1 27 ? 8.109   14.014  4.209   1.00 24.13  ? 27  ALA A C   1 
ATOM   182  O O   . ALA A 1 27 ? 9.029   14.799  4.504   1.00 24.62  ? 27  ALA A O   1 
ATOM   183  C CB  . ALA A 1 27 ? 8.363   11.736  3.160   1.00 22.66  ? 27  ALA A CB  1 
ATOM   184  N N   . LEU A 1 28 ? 7.022   13.846  4.952   1.00 25.31  ? 28  LEU A N   1 
ATOM   185  C CA  . LEU A 1 28 ? 6.720   14.686  6.119   1.00 25.58  ? 28  LEU A CA  1 
ATOM   186  C C   . LEU A 1 28 ? 6.977   13.994  7.452   1.00 27.05  ? 28  LEU A C   1 
ATOM   187  O O   . LEU A 1 28 ? 7.328   14.653  8.428   1.00 27.36  ? 28  LEU A O   1 
ATOM   188  C CB  . LEU A 1 28 ? 5.261   15.156  6.084   1.00 25.92  ? 28  LEU A CB  1 
ATOM   189  C CG  . LEU A 1 28 ? 4.784   15.926  4.850   1.00 25.50  ? 28  LEU A CG  1 
ATOM   190  C CD1 . LEU A 1 28 ? 3.294   16.239  4.929   1.00 27.34  ? 28  LEU A CD1 1 
ATOM   191  C CD2 . LEU A 1 28 ? 5.578   17.224  4.631   1.00 26.04  ? 28  LEU A CD2 1 
ATOM   192  N N   . GLU A 1 29 ? 6.782   12.681  7.493   1.00 27.40  ? 29  GLU A N   1 
ATOM   193  C CA  . GLU A 1 29 ? 6.836   11.929  8.753   1.00 29.33  ? 29  GLU A CA  1 
ATOM   194  C C   . GLU A 1 29 ? 6.980   10.436  8.484   1.00 29.41  ? 29  GLU A C   1 
ATOM   195  O O   . GLU A 1 29 ? 6.415   9.916   7.516   1.00 29.17  ? 29  GLU A O   1 
ATOM   196  C CB  . GLU A 1 29 ? 5.553   12.166  9.575   1.00 29.05  ? 29  GLU A CB  1 
ATOM   197  C CG  . GLU A 1 29 ? 5.607   11.575  10.997  1.00 32.35  ? 29  GLU A CG  1 
ATOM   198  C CD  . GLU A 1 29 ? 4.296   11.696  11.755  1.00 31.95  ? 29  GLU A CD  1 
ATOM   199  O OE1 . GLU A 1 29 ? 3.287   12.124  11.172  1.00 35.21  ? 29  GLU A OE1 1 
ATOM   200  O OE2 . GLU A 1 29 ? 4.297   11.354  12.959  1.00 37.32  ? 29  GLU A OE2 1 
ATOM   201  N N   . VAL A 1 30 ? 7.727   9.761   9.357   1.00 29.78  ? 30  VAL A N   1 
ATOM   202  C CA  . VAL A 1 30 ? 7.770   8.294   9.444   1.00 31.16  ? 30  VAL A CA  1 
ATOM   203  C C   . VAL A 1 30 ? 7.139   7.916   10.802  1.00 31.36  ? 30  VAL A C   1 
ATOM   204  O O   . VAL A 1 30 ? 7.589   8.404   11.843  1.00 32.16  ? 30  VAL A O   1 
ATOM   205  C CB  . VAL A 1 30 ? 9.235   7.772   9.337   1.00 31.50  ? 30  VAL A CB  1 
ATOM   206  C CG1 . VAL A 1 30 ? 9.387   6.336   9.891   1.00 32.33  ? 30  VAL A CG1 1 
ATOM   207  C CG2 . VAL A 1 30 ? 9.741   7.848   7.894   1.00 33.15  ? 30  VAL A CG2 1 
ATOM   208  N N   . HIS A 1 31 ? 6.101   7.077   10.792  1.00 30.39  ? 31  HIS A N   1 
ATOM   209  C CA  . HIS A 1 31 ? 5.461   6.612   12.037  1.00 30.08  ? 31  HIS A CA  1 
ATOM   210  C C   . HIS A 1 31 ? 4.962   5.158   11.926  1.00 29.79  ? 31  HIS A C   1 
ATOM   211  O O   . HIS A 1 31 ? 5.076   4.539   10.861  1.00 28.98  ? 31  HIS A O   1 
ATOM   212  C CB  . HIS A 1 31 ? 4.357   7.584   12.493  1.00 30.13  ? 31  HIS A CB  1 
ATOM   213  C CG  . HIS A 1 31 ? 3.082   7.491   11.708  1.00 31.47  ? 31  HIS A CG  1 
ATOM   214  N ND1 . HIS A 1 31 ? 1.883   7.109   12.275  1.00 32.15  ? 31  HIS A ND1 1 
ATOM   215  C CD2 . HIS A 1 31 ? 2.818   7.741   10.405  1.00 31.73  ? 31  HIS A CD2 1 
ATOM   216  C CE1 . HIS A 1 31 ? 0.937   7.123   11.354  1.00 33.32  ? 31  HIS A CE1 1 
ATOM   217  N NE2 . HIS A 1 31 ? 1.477   7.505   10.210  1.00 32.28  ? 31  HIS A NE2 1 
ATOM   218  N N   . ASP A 1 32 ? 4.428   4.624   13.026  1.00 29.41  ? 32  ASP A N   1 
ATOM   219  C CA  . ASP A 1 32 ? 3.963   3.230   13.099  1.00 29.80  ? 32  ASP A CA  1 
ATOM   220  C C   . ASP A 1 32 ? 5.075   2.239   12.703  1.00 29.31  ? 32  ASP A C   1 
ATOM   221  O O   . ASP A 1 32 ? 4.841   1.264   11.991  1.00 29.02  ? 32  ASP A O   1 
ATOM   222  C CB  . ASP A 1 32 ? 2.683   3.030   12.261  1.00 30.31  ? 32  ASP A CB  1 
ATOM   223  C CG  . ASP A 1 32 ? 1.840   1.843   12.725  1.00 33.14  ? 32  ASP A CG  1 
ATOM   224  O OD1 . ASP A 1 32 ? 2.073   1.307   13.836  1.00 35.87  ? 32  ASP A OD1 1 
ATOM   225  O OD2 . ASP A 1 32 ? 0.922   1.455   11.968  1.00 36.78  ? 32  ASP A OD2 1 
ATOM   226  N N   . LEU A 1 33 ? 6.290   2.512   13.169  1.00 29.39  ? 33  LEU A N   1 
ATOM   227  C CA  . LEU A 1 33 ? 7.465   1.720   12.799  1.00 29.28  ? 33  LEU A CA  1 
ATOM   228  C C   . LEU A 1 33 ? 7.549   0.424   13.611  1.00 29.29  ? 33  LEU A C   1 
ATOM   229  O O   . LEU A 1 33 ? 7.504   0.461   14.843  1.00 29.96  ? 33  LEU A O   1 
ATOM   230  C CB  . LEU A 1 33 ? 8.725   2.573   12.972  1.00 30.03  ? 33  LEU A CB  1 
ATOM   231  C CG  . LEU A 1 33 ? 10.049  2.155   12.333  1.00 30.63  ? 33  LEU A CG  1 
ATOM   232  C CD1 . LEU A 1 33 ? 10.916  3.359   12.002  1.00 32.72  ? 33  LEU A CD1 1 
ATOM   233  C CD2 . LEU A 1 33 ? 10.783  1.215   13.269  1.00 34.49  ? 33  LEU A CD2 1 
ATOM   234  N N   . LYS A 1 34 ? 7.668   -0.707  12.911  1.00 28.42  ? 34  LYS A N   1 
ATOM   235  C CA  . LYS A 1 34 ? 7.679   -2.057  13.524  1.00 28.43  ? 34  LYS A CA  1 
ATOM   236  C C   . LYS A 1 34 ? 8.830   -2.894  12.949  1.00 27.75  ? 34  LYS A C   1 
ATOM   237  O O   . LYS A 1 34 ? 9.119   -2.825  11.748  1.00 28.03  ? 34  LYS A O   1 
ATOM   238  C CB  . LYS A 1 34 ? 6.357   -2.784  13.264  1.00 28.74  ? 34  LYS A CB  1 
ATOM   239  C CG  . LYS A 1 34 ? 5.114   -2.106  13.842  1.00 31.02  ? 34  LYS A CG  1 
ATOM   240  C CD  . LYS A 1 34 ? 3.842   -2.457  13.068  1.00 35.46  ? 34  LYS A CD  1 
ATOM   241  C CE  . LYS A 1 34 ? 3.179   -3.742  13.551  1.00 37.36  ? 34  LYS A CE  1 
ATOM   242  N NZ  . LYS A 1 34 ? 1.772   -3.805  13.037  1.00 39.49  ? 34  LYS A NZ  1 
ATOM   243  N N   . THR A 1 35 ? 9.491   -3.677  13.801  1.00 26.68  ? 35  THR A N   1 
ATOM   244  C CA  . THR A 1 35 ? 10.606  -4.512  13.351  1.00 26.50  ? 35  THR A CA  1 
ATOM   245  C C   . THR A 1 35 ? 10.517  -5.938  13.894  1.00 27.88  ? 35  THR A C   1 
ATOM   246  O O   . THR A 1 35 ? 9.790   -6.212  14.853  1.00 27.83  ? 35  THR A O   1 
ATOM   247  C CB  . THR A 1 35 ? 11.988  -3.917  13.760  1.00 26.07  ? 35  THR A CB  1 
ATOM   248  O OG1 . THR A 1 35 ? 12.123  -3.936  15.192  1.00 24.68  ? 35  THR A OG1 1 
ATOM   249  C CG2 . THR A 1 35 ? 12.130  -2.492  13.226  1.00 24.05  ? 35  THR A CG2 1 
ATOM   250  N N   . ARG A 1 36 ? 11.253  -6.837  13.247  1.00 28.90  ? 36  ARG A N   1 
ATOM   251  C CA  . ARG A 1 36 ? 11.435  -8.203  13.739  1.00 30.64  ? 36  ARG A CA  1 
ATOM   252  C C   . ARG A 1 36 ? 12.691  -8.816  13.129  1.00 31.32  ? 36  ARG A C   1 
ATOM   253  O O   . ARG A 1 36 ? 13.067  -8.488  12.004  1.00 31.06  ? 36  ARG A O   1 
ATOM   254  C CB  . ARG A 1 36 ? 10.195  -9.071  13.481  1.00 31.30  ? 36  ARG A CB  1 
ATOM   255  C CG  . ARG A 1 36 ? 9.736   -9.163  12.053  1.00 32.65  ? 36  ARG A CG  1 
ATOM   256  C CD  . ARG A 1 36 ? 8.672   -10.259 11.931  1.00 36.47  ? 36  ARG A CD  1 
ATOM   257  N NE  . ARG A 1 36 ? 8.233   -10.443 10.549  1.00 39.59  ? 36  ARG A NE  1 
ATOM   258  C CZ  . ARG A 1 36 ? 8.689   -11.398 9.741   1.00 40.13  ? 36  ARG A CZ  1 
ATOM   259  N NH1 . ARG A 1 36 ? 9.606   -12.259 10.171  1.00 40.62  ? 36  ARG A NH1 1 
ATOM   260  N NH2 . ARG A 1 36 ? 8.228   -11.490 8.498   1.00 40.31  ? 36  ARG A NH2 1 
ATOM   261  N N   . ARG A 1 37 ? 13.355  -9.687  13.881  1.00 32.00  ? 37  ARG A N   1 
ATOM   262  C CA  . ARG A 1 37 ? 14.564  -10.335 13.397  1.00 33.58  ? 37  ARG A CA  1 
ATOM   263  C C   . ARG A 1 37 ? 14.276  -11.801 13.106  1.00 33.70  ? 37  ARG A C   1 
ATOM   264  O O   . ARG A 1 37 ? 13.486  -12.436 13.809  1.00 33.65  ? 37  ARG A O   1 
ATOM   265  C CB  . ARG A 1 37 ? 15.701  -10.213 14.428  1.00 33.87  ? 37  ARG A CB  1 
ATOM   266  C CG  . ARG A 1 37 ? 17.092  -10.635 13.913  1.00 35.11  ? 37  ARG A CG  1 
ATOM   267  C CD  . ARG A 1 37 ? 18.128  -10.775 15.033  1.00 35.08  ? 37  ARG A CD  1 
ATOM   268  N NE  . ARG A 1 37 ? 19.442  -11.167 14.510  1.00 37.74  ? 37  ARG A NE  1 
ATOM   269  C CZ  . ARG A 1 37 ? 20.594  -11.096 15.181  1.00 38.75  ? 37  ARG A CZ  1 
ATOM   270  N NH1 . ARG A 1 37 ? 20.640  -10.650 16.430  1.00 39.13  ? 37  ARG A NH1 1 
ATOM   271  N NH2 . ARG A 1 37 ? 21.721  -11.484 14.598  1.00 39.93  ? 37  ARG A NH2 1 
ATOM   272  N N   . ALA A 1 38 ? 14.900  -12.318 12.049  1.00 34.08  ? 38  ALA A N   1 
ATOM   273  C CA  . ALA A 1 38 ? 14.908  -13.749 11.760  1.00 34.21  ? 38  ALA A CA  1 
ATOM   274  C C   . ALA A 1 38 ? 16.332  -14.155 11.390  1.00 34.19  ? 38  ALA A C   1 
ATOM   275  O O   . ALA A 1 38 ? 16.659  -14.304 10.213  1.00 34.41  ? 38  ALA A O   1 
ATOM   276  C CB  . ALA A 1 38 ? 13.928  -14.086 10.640  1.00 34.42  ? 38  ALA A CB  1 
ATOM   277  N N   . GLY A 1 39 ? 17.174  -14.304 12.413  1.00 34.23  ? 39  GLY A N   1 
ATOM   278  C CA  . GLY A 1 39 ? 18.585  -14.657 12.248  1.00 34.08  ? 39  GLY A CA  1 
ATOM   279  C C   . GLY A 1 39 ? 19.391  -13.678 11.406  1.00 33.88  ? 39  GLY A C   1 
ATOM   280  O O   . GLY A 1 39 ? 19.583  -12.522 11.806  1.00 33.76  ? 39  GLY A O   1 
ATOM   281  N N   . PRO A 1 40 ? 19.851  -14.133 10.218  1.00 33.67  ? 40  PRO A N   1 
ATOM   282  C CA  . PRO A 1 40 ? 20.698  -13.333 9.326   1.00 33.42  ? 40  PRO A CA  1 
ATOM   283  C C   . PRO A 1 40 ? 19.890  -12.261 8.591   1.00 32.86  ? 40  PRO A C   1 
ATOM   284  O O   . PRO A 1 40 ? 20.467  -11.372 7.958   1.00 33.57  ? 40  PRO A O   1 
ATOM   285  C CB  . PRO A 1 40 ? 21.222  -14.377 8.333   1.00 33.56  ? 40  PRO A CB  1 
ATOM   286  C CG  . PRO A 1 40 ? 20.135  -15.374 8.253   1.00 33.33  ? 40  PRO A CG  1 
ATOM   287  C CD  . PRO A 1 40 ? 19.559  -15.460 9.639   1.00 33.61  ? 40  PRO A CD  1 
ATOM   288  N N   . ARG A 1 41 ? 18.568  -12.360 8.686   1.00 32.00  ? 41  ARG A N   1 
ATOM   289  C CA  . ARG A 1 41 ? 17.652  -11.421 8.033   1.00 31.28  ? 41  ARG A CA  1 
ATOM   290  C C   . ARG A 1 41 ? 16.778  -10.678 9.046   1.00 30.22  ? 41  ARG A C   1 
ATOM   291  O O   . ARG A 1 41 ? 16.565  -11.142 10.168  1.00 29.71  ? 41  ARG A O   1 
ATOM   292  C CB  . ARG A 1 41 ? 16.771  -12.154 7.021   1.00 31.94  ? 41  ARG A CB  1 
ATOM   293  C CG  . ARG A 1 41 ? 17.534  -12.831 5.882   1.00 34.06  ? 41  ARG A CG  1 
ATOM   294  C CD  . ARG A 1 41 ? 16.616  -13.749 5.084   1.00 37.61  ? 41  ARG A CD  1 
ATOM   295  N NE  . ARG A 1 41 ? 15.549  -13.018 4.398   1.00 41.31  ? 41  ARG A NE  1 
ATOM   296  C CZ  . ARG A 1 41 ? 15.221  -13.174 3.114   1.00 42.92  ? 41  ARG A CZ  1 
ATOM   297  N NH1 . ARG A 1 41 ? 15.865  -14.049 2.350   1.00 43.43  ? 41  ARG A NH1 1 
ATOM   298  N NH2 . ARG A 1 41 ? 14.234  -12.452 2.592   1.00 43.80  ? 41  ARG A NH2 1 
ATOM   299  N N   . SER A 1 42 ? 16.262  -9.521  8.637   1.00 28.42  ? 42  SER A N   1 
ATOM   300  C CA  . SER A 1 42 ? 15.432  -8.705  9.510   1.00 27.42  ? 42  SER A CA  1 
ATOM   301  C C   . SER A 1 42 ? 14.392  -7.985  8.675   1.00 26.74  ? 42  SER A C   1 
ATOM   302  O O   . SER A 1 42 ? 14.522  -7.904  7.454   1.00 26.55  ? 42  SER A O   1 
ATOM   303  C CB  . SER A 1 42 ? 16.277  -7.697  10.289  1.00 27.34  ? 42  SER A CB  1 
ATOM   304  O OG  . SER A 1 42 ? 17.248  -7.088  9.457   1.00 26.87  ? 42  SER A OG  1 
ATOM   305  N N   . PHE A 1 43 ? 13.356  -7.498  9.352   1.00 26.19  ? 43  PHE A N   1 
ATOM   306  C CA  . PHE A 1 43 ? 12.190  -6.912  8.699   1.00 25.66  ? 43  PHE A CA  1 
ATOM   307  C C   . PHE A 1 43 ? 11.816  -5.589  9.349   1.00 25.12  ? 43  PHE A C   1 
ATOM   308  O O   . PHE A 1 43 ? 11.863  -5.440  10.571  1.00 24.03  ? 43  PHE A O   1 
ATOM   309  C CB  . PHE A 1 43 ? 11.019  -7.891  8.748   1.00 26.83  ? 43  PHE A CB  1 
ATOM   310  C CG  . PHE A 1 43 ? 11.308  -9.192  8.071   1.00 27.79  ? 43  PHE A CG  1 
ATOM   311  C CD1 . PHE A 1 43 ? 10.993  -9.376  6.735   1.00 30.32  ? 43  PHE A CD1 1 
ATOM   312  C CD2 . PHE A 1 43 ? 11.927  -10.234 8.770   1.00 29.96  ? 43  PHE A CD2 1 
ATOM   313  C CE1 . PHE A 1 43 ? 11.280  -10.591 6.096   1.00 30.55  ? 43  PHE A CE1 1 
ATOM   314  C CE2 . PHE A 1 43 ? 12.216  -11.450 8.140   1.00 31.21  ? 43  PHE A CE2 1 
ATOM   315  C CZ  . PHE A 1 43 ? 11.892  -11.622 6.801   1.00 30.39  ? 43  PHE A CZ  1 
ATOM   316  N N   . LEU A 1 44 ? 11.438  -4.631  8.507   1.00 23.80  ? 44  LEU A N   1 
ATOM   317  C CA  . LEU A 1 44 ? 11.030  -3.309  8.943   1.00 24.84  ? 44  LEU A CA  1 
ATOM   318  C C   . LEU A 1 44 ? 9.761   -2.938  8.195   1.00 24.03  ? 44  LEU A C   1 
ATOM   319  O O   . LEU A 1 44 ? 9.667   -3.161  6.988   1.00 25.43  ? 44  LEU A O   1 
ATOM   320  C CB  . LEU A 1 44 ? 12.106  -2.275  8.581   1.00 23.69  ? 44  LEU A CB  1 
ATOM   321  C CG  . LEU A 1 44 ? 11.822  -0.772  8.704   1.00 25.23  ? 44  LEU A CG  1 
ATOM   322  C CD1 . LEU A 1 44 ? 11.609  -0.372  10.153  1.00 25.82  ? 44  LEU A CD1 1 
ATOM   323  C CD2 . LEU A 1 44 ? 12.973  0.030   8.116   1.00 24.21  ? 44  LEU A CD2 1 
ATOM   324  N N   . GLU A 1 45 ? 8.805   -2.369  8.913   1.00 23.94  ? 45  GLU A N   1 
ATOM   325  C CA  . GLU A 1 45 ? 7.589   -1.835  8.293   1.00 24.43  ? 45  GLU A CA  1 
ATOM   326  C C   . GLU A 1 45 ? 7.275   -0.467  8.905   1.00 23.89  ? 45  GLU A C   1 
ATOM   327  O O   . GLU A 1 45 ? 7.404   -0.275  10.112  1.00 23.61  ? 45  GLU A O   1 
ATOM   328  C CB  . GLU A 1 45 ? 6.444   -2.821  8.530   1.00 25.02  ? 45  GLU A CB  1 
ATOM   329  C CG  . GLU A 1 45 ? 5.211   -2.597  7.691   1.00 29.13  ? 45  GLU A CG  1 
ATOM   330  C CD  . GLU A 1 45 ? 4.122   -3.582  8.028   1.00 32.12  ? 45  GLU A CD  1 
ATOM   331  O OE1 . GLU A 1 45 ? 4.062   -4.030  9.202   1.00 36.04  ? 45  GLU A OE1 1 
ATOM   332  O OE2 . GLU A 1 45 ? 3.336   -3.929  7.118   1.00 33.83  ? 45  GLU A OE2 1 
ATOM   333  N N   . PHE A 1 46 ? 6.889   0.502   8.079   1.00 23.13  ? 46  PHE A N   1 
ATOM   334  C CA  . PHE A 1 46 ? 6.504   1.806   8.605   1.00 24.22  ? 46  PHE A CA  1 
ATOM   335  C C   . PHE A 1 46 ? 5.554   2.524   7.665   1.00 24.62  ? 46  PHE A C   1 
ATOM   336  O O   . PHE A 1 46 ? 5.438   2.156   6.497   1.00 25.11  ? 46  PHE A O   1 
ATOM   337  C CB  . PHE A 1 46 ? 7.714   2.707   8.930   1.00 24.52  ? 46  PHE A CB  1 
ATOM   338  C CG  . PHE A 1 46 ? 8.598   3.035   7.746   1.00 23.78  ? 46  PHE A CG  1 
ATOM   339  C CD1 . PHE A 1 46 ? 8.442   4.230   7.047   1.00 24.11  ? 46  PHE A CD1 1 
ATOM   340  C CD2 . PHE A 1 46 ? 9.619   2.162   7.357   1.00 24.27  ? 46  PHE A CD2 1 
ATOM   341  C CE1 . PHE A 1 46 ? 9.281   4.529   5.964   1.00 23.47  ? 46  PHE A CE1 1 
ATOM   342  C CE2 . PHE A 1 46 ? 10.452  2.463   6.288   1.00 24.41  ? 46  PHE A CE2 1 
ATOM   343  C CZ  . PHE A 1 46 ? 10.282  3.646   5.586   1.00 24.18  ? 46  PHE A CZ  1 
ATOM   344  N N   . HIS A 1 47 ? 4.874   3.531   8.198   1.00 24.72  ? 47  HIS A N   1 
ATOM   345  C CA  . HIS A 1 47 ? 4.023   4.391   7.389   1.00 24.91  ? 47  HIS A CA  1 
ATOM   346  C C   . HIS A 1 47 ? 4.823   5.618   7.045   1.00 25.31  ? 47  HIS A C   1 
ATOM   347  O O   . HIS A 1 47 ? 5.493   6.193   7.912   1.00 24.53  ? 47  HIS A O   1 
ATOM   348  C CB  . HIS A 1 47 ? 2.772   4.784   8.160   1.00 25.42  ? 47  HIS A CB  1 
ATOM   349  C CG  . HIS A 1 47 ? 1.722   3.725   8.155   1.00 26.71  ? 47  HIS A CG  1 
ATOM   350  N ND1 . HIS A 1 47 ? 1.933   2.465   8.671   1.00 29.17  ? 47  HIS A ND1 1 
ATOM   351  C CD2 . HIS A 1 47 ? 0.461   3.728   7.665   1.00 28.75  ? 47  HIS A CD2 1 
ATOM   352  C CE1 . HIS A 1 47 ? 0.834   1.745   8.523   1.00 29.08  ? 47  HIS A CE1 1 
ATOM   353  N NE2 . HIS A 1 47 ? -0.068  2.485   7.905   1.00 30.65  ? 47  HIS A NE2 1 
ATOM   354  N N   . LEU A 1 48 ? 4.786   5.985   5.772   1.00 24.30  ? 48  LEU A N   1 
ATOM   355  C CA  . LEU A 1 48 ? 5.502   7.153   5.293   1.00 24.62  ? 48  LEU A CA  1 
ATOM   356  C C   . LEU A 1 48 ? 4.475   8.203   4.888   1.00 23.99  ? 48  LEU A C   1 
ATOM   357  O O   . LEU A 1 48 ? 3.699   7.978   3.956   1.00 24.39  ? 48  LEU A O   1 
ATOM   358  C CB  . LEU A 1 48 ? 6.400   6.771   4.112   1.00 24.35  ? 48  LEU A CB  1 
ATOM   359  C CG  . LEU A 1 48 ? 7.229   7.884   3.473   1.00 25.01  ? 48  LEU A CG  1 
ATOM   360  C CD1 . LEU A 1 48 ? 8.270   8.442   4.451   1.00 25.35  ? 48  LEU A CD1 1 
ATOM   361  C CD2 . LEU A 1 48 ? 7.881   7.410   2.202   1.00 25.41  ? 48  LEU A CD2 1 
ATOM   362  N N   . VAL A 1 49 ? 4.449   9.326   5.604   1.00 24.23  ? 49  VAL A N   1 
ATOM   363  C CA  . VAL A 1 49 ? 3.465   10.374  5.335   1.00 24.40  ? 49  VAL A CA  1 
ATOM   364  C C   . VAL A 1 49 ? 4.034   11.344  4.305   1.00 24.15  ? 49  VAL A C   1 
ATOM   365  O O   . VAL A 1 49 ? 5.139   11.858  4.485   1.00 24.60  ? 49  VAL A O   1 
ATOM   366  C CB  . VAL A 1 49 ? 3.046   11.159  6.615   1.00 24.85  ? 49  VAL A CB  1 
ATOM   367  C CG1 . VAL A 1 49 ? 1.979   12.187  6.300   1.00 26.02  ? 49  VAL A CG1 1 
ATOM   368  C CG2 . VAL A 1 49 ? 2.575   10.205  7.720   1.00 25.72  ? 49  VAL A CG2 1 
ATOM   369  N N   . VAL A 1 50 ? 3.270   11.595  3.238   1.00 22.58  ? 50  VAL A N   1 
ATOM   370  C CA  . VAL A 1 50 ? 3.675   12.554  2.201   1.00 22.10  ? 50  VAL A CA  1 
ATOM   371  C C   . VAL A 1 50 ? 2.581   13.608  2.012   1.00 21.36  ? 50  VAL A C   1 
ATOM   372  O O   . VAL A 1 50 ? 1.416   13.377  2.389   1.00 21.91  ? 50  VAL A O   1 
ATOM   373  C CB  . VAL A 1 50 ? 3.998   11.834  0.848   1.00 22.15  ? 50  VAL A CB  1 
ATOM   374  C CG1 . VAL A 1 50 ? 5.229   10.902  0.996   1.00 23.01  ? 50  VAL A CG1 1 
ATOM   375  C CG2 . VAL A 1 50 ? 2.783   11.051  0.351   1.00 22.89  ? 50  VAL A CG2 1 
ATOM   376  N N   . ARG A 1 51 ? 2.921   14.749  1.408   1.00 20.33  ? 51  ARG A N   1 
ATOM   377  C CA  . ARG A 1 51 ? 1.893   15.710  1.002   1.00 20.65  ? 51  ARG A CA  1 
ATOM   378  C C   . ARG A 1 51 ? 0.800   15.020  0.174   1.00 20.62  ? 51  ARG A C   1 
ATOM   379  O O   . ARG A 1 51 ? 1.104   14.147  -0.651  1.00 19.93  ? 51  ARG A O   1 
ATOM   380  C CB  . ARG A 1 51 ? 2.512   16.801  0.152   1.00 22.07  ? 51  ARG A CB  1 
ATOM   381  C CG  . ARG A 1 51 ? 3.435   17.738  0.909   1.00 24.86  ? 51  ARG A CG  1 
ATOM   382  C CD  . ARG A 1 51 ? 4.042   18.700  -0.085  1.00 30.27  ? 51  ARG A CD  1 
ATOM   383  N NE  . ARG A 1 51 ? 3.025   19.328  -0.923  1.00 34.84  ? 51  ARG A NE  1 
ATOM   384  C CZ  . ARG A 1 51 ? 2.440   20.491  -0.643  1.00 37.05  ? 51  ARG A CZ  1 
ATOM   385  N NH1 . ARG A 1 51 ? 2.765   21.159  0.464   1.00 38.91  ? 51  ARG A NH1 1 
ATOM   386  N NH2 . ARG A 1 51 ? 1.532   20.985  -1.464  1.00 37.78  ? 51  ARG A NH2 1 
ATOM   387  N N   . GLY A 1 52 ? -0.458  15.402  0.393   1.00 20.79  ? 52  GLY A N   1 
ATOM   388  C CA  . GLY A 1 52 ? -1.573  14.794  -0.364  1.00 20.62  ? 52  GLY A CA  1 
ATOM   389  C C   . GLY A 1 52 ? -1.431  14.941  -1.872  1.00 21.16  ? 52  GLY A C   1 
ATOM   390  O O   . GLY A 1 52 ? -1.906  14.097  -2.652  1.00 20.90  ? 52  GLY A O   1 
ATOM   391  N N   . ASP A 1 53 ? -0.800  16.029  -2.308  1.00 21.08  ? 53  ASP A N   1 
ATOM   392  C CA  . ASP A 1 53 ? -0.623  16.230  -3.740  1.00 22.08  ? 53  ASP A CA  1 
ATOM   393  C C   . ASP A 1 53 ? 0.546   15.459  -4.387  1.00 22.35  ? 53  ASP A C   1 
ATOM   394  O O   . ASP A 1 53 ? 0.776   15.566  -5.598  1.00 24.25  ? 53  ASP A O   1 
ATOM   395  C CB  . ASP A 1 53 ? -0.559  17.727  -4.085  1.00 22.42  ? 53  ASP A CB  1 
ATOM   396  C CG  . ASP A 1 53 ? 0.648   18.427  -3.509  1.00 25.13  ? 53  ASP A CG  1 
ATOM   397  O OD1 . ASP A 1 53 ? 1.465   17.797  -2.809  1.00 27.29  ? 53  ASP A OD1 1 
ATOM   398  O OD2 . ASP A 1 53 ? 0.772   19.650  -3.772  1.00 30.41  ? 53  ASP A OD2 1 
ATOM   399  N N   . THR A 1 54 ? 1.279   14.690  -3.590  1.00 21.93  ? 54  THR A N   1 
ATOM   400  C CA  . THR A 1 54 ? 2.418   13.921  -4.101  1.00 21.74  ? 54  THR A CA  1 
ATOM   401  C C   . THR A 1 54 ? 1.944   12.928  -5.152  1.00 21.47  ? 54  THR A C   1 
ATOM   402  O O   . THR A 1 54 ? 1.046   12.135  -4.878  1.00 20.77  ? 54  THR A O   1 
ATOM   403  C CB  . THR A 1 54 ? 3.067   13.106  -2.974  1.00 21.35  ? 54  THR A CB  1 
ATOM   404  O OG1 . THR A 1 54 ? 3.506   13.996  -1.927  1.00 23.02  ? 54  THR A OG1 1 
ATOM   405  C CG2 . THR A 1 54 ? 4.283   12.311  -3.515  1.00 23.50  ? 54  THR A CG2 1 
ATOM   406  N N   . PRO A 1 55 ? 2.528   12.954  -6.358  1.00 20.92  ? 55  PRO A N   1 
ATOM   407  C CA  . PRO A 1 55 ? 2.129   11.902  -7.316  1.00 21.03  ? 55  PRO A CA  1 
ATOM   408  C C   . PRO A 1 55 ? 2.457   10.491  -6.814  1.00 20.65  ? 55  PRO A C   1 
ATOM   409  O O   . PRO A 1 55 ? 3.498   10.283  -6.161  1.00 20.42  ? 55  PRO A O   1 
ATOM   410  C CB  . PRO A 1 55 ? 2.962   12.235  -8.546  1.00 20.92  ? 55  PRO A CB  1 
ATOM   411  C CG  . PRO A 1 55 ? 3.223   13.736  -8.413  1.00 21.51  ? 55  PRO A CG  1 
ATOM   412  C CD  . PRO A 1 55 ? 3.487   13.903  -6.949  1.00 21.68  ? 55  PRO A CD  1 
ATOM   413  N N   . VAL A 1 56 ? 1.584   9.532   -7.116  1.00 19.96  ? 56  VAL A N   1 
ATOM   414  C CA  . VAL A 1 56 ? 1.812   8.147   -6.713  1.00 19.35  ? 56  VAL A CA  1 
ATOM   415  C C   . VAL A 1 56 ? 3.152   7.630   -7.251  1.00 19.74  ? 56  VAL A C   1 
ATOM   416  O O   . VAL A 1 56 ? 3.888   6.975   -6.518  1.00 21.39  ? 56  VAL A O   1 
ATOM   417  C CB  . VAL A 1 56 ? 0.609   7.223   -7.106  1.00 18.24  ? 56  VAL A CB  1 
ATOM   418  C CG1 . VAL A 1 56 ? 0.994   5.744   -6.991  1.00 19.58  ? 56  VAL A CG1 1 
ATOM   419  C CG2 . VAL A 1 56 ? -0.576  7.520   -6.197  1.00 17.32  ? 56  VAL A CG2 1 
ATOM   420  N N   . GLU A 1 57 ? 3.482   7.953   -8.504  1.00 20.77  ? 57  GLU A N   1 
ATOM   421  C CA  . GLU A 1 57 ? 4.784   7.540   -9.055  1.00 21.15  ? 57  GLU A CA  1 
ATOM   422  C C   . GLU A 1 57 ? 5.958   8.039   -8.205  1.00 20.94  ? 57  GLU A C   1 
ATOM   423  O O   . GLU A 1 57 ? 6.911   7.279   -7.952  1.00 20.98  ? 57  GLU A O   1 
ATOM   424  C CB  . GLU A 1 57 ? 4.951   8.012   -10.495 1.00 22.55  ? 57  GLU A CB  1 
ATOM   425  C CG  . GLU A 1 57 ? 6.308   7.667   -11.136 1.00 26.29  ? 57  GLU A CG  1 
ATOM   426  C CD  . GLU A 1 57 ? 6.694   6.184   -11.067 1.00 33.09  ? 57  GLU A CD  1 
ATOM   427  O OE1 . GLU A 1 57 ? 5.814   5.299   -10.978 1.00 35.56  ? 57  GLU A OE1 1 
ATOM   428  O OE2 . GLU A 1 57 ? 7.909   5.892   -11.126 1.00 34.91  ? 57  GLU A OE2 1 
ATOM   429  N N   . GLU A 1 58 ? 5.893   9.303   -7.798  1.00 21.22  ? 58  GLU A N   1 
ATOM   430  C CA  . GLU A 1 58 ? 6.942   9.920   -6.969  1.00 23.17  ? 58  GLU A CA  1 
ATOM   431  C C   . GLU A 1 58 ? 7.069   9.211   -5.625  1.00 22.35  ? 58  GLU A C   1 
ATOM   432  O O   . GLU A 1 58 ? 8.181   8.876   -5.177  1.00 22.81  ? 58  GLU A O   1 
ATOM   433  C CB  . GLU A 1 58 ? 6.643   11.403  -6.751  1.00 23.08  ? 58  GLU A CB  1 
ATOM   434  C CG  . GLU A 1 58 ? 7.691   12.185  -5.947  1.00 25.08  ? 58  GLU A CG  1 
ATOM   435  C CD  . GLU A 1 58 ? 7.294   13.656  -5.760  1.00 28.30  ? 58  GLU A CD  1 
ATOM   436  O OE1 . GLU A 1 58 ? 6.883   14.288  -6.752  1.00 31.18  ? 58  GLU A OE1 1 
ATOM   437  O OE2 . GLU A 1 58 ? 7.413   14.173  -4.617  1.00 36.24  ? 58  GLU A OE2 1 
ATOM   438  N N   . ALA A 1 59 ? 5.933   8.980   -4.975  1.00 22.03  ? 59  ALA A N   1 
ATOM   439  C CA  . ALA A 1 59 ? 5.946   8.235   -3.714  1.00 22.49  ? 59  ALA A CA  1 
ATOM   440  C C   . ALA A 1 59 ? 6.532   6.827   -3.894  1.00 22.58  ? 59  ALA A C   1 
ATOM   441  O O   . ALA A 1 59 ? 7.288   6.336   -3.035  1.00 23.27  ? 59  ALA A O   1 
ATOM   442  C CB  . ALA A 1 59 ? 4.536   8.144   -3.147  1.00 22.66  ? 59  ALA A CB  1 
ATOM   443  N N   . HIS A 1 60 ? 6.147   6.168   -4.989  1.00 22.32  ? 60  HIS A N   1 
ATOM   444  C CA  . HIS A 1 60 ? 6.628   4.827   -5.270  1.00 22.61  ? 60  HIS A CA  1 
ATOM   445  C C   . HIS A 1 60 ? 8.157   4.805   -5.461  1.00 22.24  ? 60  HIS A C   1 
ATOM   446  O O   . HIS A 1 60 ? 8.852   3.932   -4.940  1.00 22.34  ? 60  HIS A O   1 
ATOM   447  C CB  . HIS A 1 60 ? 5.929   4.238   -6.499  1.00 22.81  ? 60  HIS A CB  1 
ATOM   448  C CG  . HIS A 1 60 ? 6.499   2.921   -6.919  1.00 25.18  ? 60  HIS A CG  1 
ATOM   449  N ND1 . HIS A 1 60 ? 7.170   2.748   -8.108  1.00 30.84  ? 60  HIS A ND1 1 
ATOM   450  C CD2 . HIS A 1 60 ? 6.562   1.733   -6.274  1.00 29.04  ? 60  HIS A CD2 1 
ATOM   451  C CE1 . HIS A 1 60 ? 7.579   1.494   -8.204  1.00 30.72  ? 60  HIS A CE1 1 
ATOM   452  N NE2 . HIS A 1 60 ? 7.229   0.859   -7.098  1.00 31.19  ? 60  HIS A NE2 1 
ATOM   453  N N   . ARG A 1 61 ? 8.655   5.755   -6.244  1.00 21.80  ? 61  ARG A N   1 
ATOM   454  C CA  . ARG A 1 61 ? 10.089  5.870   -6.492  1.00 22.97  ? 61  ARG A CA  1 
ATOM   455  C C   . ARG A 1 61 ? 10.847  6.110   -5.186  1.00 21.87  ? 61  ARG A C   1 
ATOM   456  O O   . ARG A 1 61 ? 11.896  5.474   -4.944  1.00 21.41  ? 61  ARG A O   1 
ATOM   457  C CB  . ARG A 1 61 ? 10.369  6.992   -7.500  1.00 23.19  ? 61  ARG A CB  1 
ATOM   458  C CG  . ARG A 1 61 ? 10.044  6.601   -8.921  1.00 25.01  ? 61  ARG A CG  1 
ATOM   459  C CD  . ARG A 1 61 ? 10.441  7.693   -9.931  1.00 26.99  ? 61  ARG A CD  1 
ATOM   460  N NE  . ARG A 1 61 ? 11.888  7.806   -10.085 1.00 35.04  ? 61  ARG A NE  1 
ATOM   461  C CZ  . ARG A 1 61 ? 12.625  7.096   -10.942 1.00 37.52  ? 61  ARG A CZ  1 
ATOM   462  N NH1 . ARG A 1 61 ? 12.066  6.190   -11.743 1.00 39.16  ? 61  ARG A NH1 1 
ATOM   463  N NH2 . ARG A 1 61 ? 13.933  7.290   -10.992 1.00 38.55  ? 61  ARG A NH2 1 
ATOM   464  N N   . LEU A 1 62 ? 10.326  7.010   -4.339  1.00 21.26  ? 62  LEU A N   1 
ATOM   465  C CA  . LEU A 1 62 ? 10.944  7.239   -3.031  1.00 21.63  ? 62  LEU A CA  1 
ATOM   466  C C   . LEU A 1 62 ? 11.031  5.941   -2.228  1.00 21.27  ? 62  LEU A C   1 
ATOM   467  O O   . LEU A 1 62 ? 12.090  5.610   -1.665  1.00 21.59  ? 62  LEU A O   1 
ATOM   468  C CB  . LEU A 1 62 ? 10.184  8.302   -2.232  1.00 20.75  ? 62  LEU A CB  1 
ATOM   469  C CG  . LEU A 1 62 ? 10.647  8.642   -0.804  1.00 21.82  ? 62  LEU A CG  1 
ATOM   470  C CD1 . LEU A 1 62 ? 12.125  9.023   -0.773  1.00 24.21  ? 62  LEU A CD1 1 
ATOM   471  C CD2 . LEU A 1 62 ? 9.748   9.768   -0.261  1.00 23.06  ? 62  LEU A CD2 1 
ATOM   472  N N   . CYS A 1 63 ? 9.924   5.209   -2.146  1.00 21.02  ? 63  CYS A N   1 
ATOM   473  C CA  . CYS A 1 63 ? 9.890   3.936   -1.394  1.00 22.06  ? 63  CYS A CA  1 
ATOM   474  C C   . CYS A 1 63 ? 10.936  2.963   -1.929  1.00 21.85  ? 63  CYS A C   1 
ATOM   475  O O   . CYS A 1 63 ? 11.661  2.364   -1.137  1.00 22.36  ? 63  CYS A O   1 
ATOM   476  C CB  . CYS A 1 63 ? 8.517   3.278   -1.457  1.00 22.45  ? 63  CYS A CB  1 
ATOM   477  S SG  . CYS A 1 63 ? 7.293   4.184   -0.507  1.00 26.20  ? 63  CYS A SG  1 
ATOM   478  N N   . ASP A 1 64 ? 11.008  2.815   -3.251  1.00 22.54  ? 64  ASP A N   1 
ATOM   479  C CA  . ASP A 1 64 ? 12.003  1.937   -3.885  1.00 23.02  ? 64  ASP A CA  1 
ATOM   480  C C   . ASP A 1 64 ? 13.429  2.342   -3.477  1.00 23.40  ? 64  ASP A C   1 
ATOM   481  O O   . ASP A 1 64 ? 14.254  1.492   -3.089  1.00 23.10  ? 64  ASP A O   1 
ATOM   482  C CB  . ASP A 1 64 ? 11.838  1.946   -5.424  1.00 23.36  ? 64  ASP A CB  1 
ATOM   483  C CG  . ASP A 1 64 ? 10.704  1.043   -5.908  1.00 26.49  ? 64  ASP A CG  1 
ATOM   484  O OD1 . ASP A 1 64 ? 10.142  0.274   -5.100  1.00 28.73  ? 64  ASP A OD1 1 
ATOM   485  O OD2 . ASP A 1 64 ? 10.389  1.075   -7.125  1.00 29.37  ? 64  ASP A OD2 1 
ATOM   486  N N   . GLU A 1 65 ? 13.713  3.639   -3.541  1.00 23.47  ? 65  GLU A N   1 
ATOM   487  C CA  . GLU A 1 65 ? 15.035  4.141   -3.143  1.00 24.43  ? 65  GLU A CA  1 
ATOM   488  C C   . GLU A 1 65 ? 15.345  3.859   -1.676  1.00 23.13  ? 65  GLU A C   1 
ATOM   489  O O   . GLU A 1 65 ? 16.466  3.433   -1.346  1.00 23.27  ? 65  GLU A O   1 
ATOM   490  C CB  . GLU A 1 65 ? 15.150  5.645   -3.403  1.00 24.34  ? 65  GLU A CB  1 
ATOM   491  C CG  . GLU A 1 65 ? 15.114  6.003   -4.875  1.00 27.12  ? 65  GLU A CG  1 
ATOM   492  C CD  . GLU A 1 65 ? 15.062  7.504   -5.136  1.00 27.75  ? 65  GLU A CD  1 
ATOM   493  O OE1 . GLU A 1 65 ? 15.566  8.278   -4.298  1.00 33.86  ? 65  GLU A OE1 1 
ATOM   494  O OE2 . GLU A 1 65 ? 14.550  7.898   -6.210  1.00 34.92  ? 65  GLU A OE2 1 
ATOM   495  N N   . LEU A 1 66 ? 14.371  4.096   -0.802  1.00 22.29  ? 66  LEU A N   1 
ATOM   496  C CA  . LEU A 1 66 ? 14.575  3.878   0.634   1.00 21.76  ? 66  LEU A CA  1 
ATOM   497  C C   . LEU A 1 66 ? 14.810  2.407   0.923   1.00 22.22  ? 66  LEU A C   1 
ATOM   498  O O   . LEU A 1 66 ? 15.696  2.070   1.728   1.00 22.80  ? 66  LEU A O   1 
ATOM   499  C CB  . LEU A 1 66 ? 13.402  4.388   1.477   1.00 21.55  ? 66  LEU A CB  1 
ATOM   500  C CG  . LEU A 1 66 ? 13.159  5.900   1.488   1.00 21.94  ? 66  LEU A CG  1 
ATOM   501  C CD1 . LEU A 1 66 ? 11.805  6.169   2.186   1.00 22.51  ? 66  LEU A CD1 1 
ATOM   502  C CD2 . LEU A 1 66 ? 14.319  6.693   2.169   1.00 23.42  ? 66  LEU A CD2 1 
ATOM   503  N N   . GLU A 1 67 ? 14.033  1.538   0.268   1.00 21.93  ? 67  GLU A N   1 
ATOM   504  C CA  . GLU A 1 67 ? 14.202  0.085   0.443   1.00 23.02  ? 67  GLU A CA  1 
ATOM   505  C C   . GLU A 1 67 ? 15.626  -0.347  0.067   1.00 22.79  ? 67  GLU A C   1 
ATOM   506  O O   . GLU A 1 67 ? 16.295  -1.073  0.823   1.00 23.14  ? 67  GLU A O   1 
ATOM   507  C CB  . GLU A 1 67 ? 13.138  -0.700  -0.343  1.00 23.32  ? 67  GLU A CB  1 
ATOM   508  C CG  . GLU A 1 67 ? 11.734  -0.545  0.239   1.00 26.50  ? 67  GLU A CG  1 
ATOM   509  C CD  . GLU A 1 67 ? 10.645  -0.739  -0.800  1.00 31.41  ? 67  GLU A CD  1 
ATOM   510  O OE1 . GLU A 1 67 ? 10.969  -1.211  -1.902  1.00 32.83  ? 67  GLU A OE1 1 
ATOM   511  O OE2 . GLU A 1 67 ? 9.482   -0.384  -0.519  1.00 33.99  ? 67  GLU A OE2 1 
ATOM   512  N N   . ARG A 1 68 ? 16.096  0.127   -1.085  1.00 23.07  ? 68  ARG A N   1 
ATOM   513  C CA  . ARG A 1 68 ? 17.453  -0.167  -1.556  1.00 23.66  ? 68  ARG A CA  1 
ATOM   514  C C   . ARG A 1 68 ? 18.514  0.359   -0.598  1.00 23.21  ? 68  ARG A C   1 
ATOM   515  O O   . ARG A 1 68 ? 19.472  -0.369  -0.255  1.00 22.86  ? 68  ARG A O   1 
ATOM   516  C CB  . ARG A 1 68 ? 17.666  0.425   -2.952  1.00 23.65  ? 68  ARG A CB  1 
ATOM   517  C CG  . ARG A 1 68 ? 16.948  -0.354  -4.050  1.00 27.72  ? 68  ARG A CG  1 
ATOM   518  C CD  . ARG A 1 68 ? 17.348  0.142   -5.433  1.00 31.70  ? 68  ARG A CD  1 
ATOM   519  N NE  . ARG A 1 68 ? 16.331  0.996   -6.040  1.00 38.25  ? 68  ARG A NE  1 
ATOM   520  C CZ  . ARG A 1 68 ? 16.428  2.317   -6.183  1.00 38.94  ? 68  ARG A CZ  1 
ATOM   521  N NH1 . ARG A 1 68 ? 17.513  2.973   -5.762  1.00 40.56  ? 68  ARG A NH1 1 
ATOM   522  N NH2 . ARG A 1 68 ? 15.436  2.978   -6.756  1.00 39.07  ? 68  ARG A NH2 1 
ATOM   523  N N   . ALA A 1 69 ? 18.332  1.609   -0.156  1.00 22.20  ? 69  ALA A N   1 
ATOM   524  C CA  . ALA A 1 69 ? 19.269  2.248   0.777   1.00 22.41  ? 69  ALA A CA  1 
ATOM   525  C C   . ALA A 1 69 ? 19.328  1.496   2.101   1.00 21.99  ? 69  ALA A C   1 
ATOM   526  O O   . ALA A 1 69 ? 20.421  1.246   2.634   1.00 22.24  ? 69  ALA A O   1 
ATOM   527  C CB  . ALA A 1 69 ? 18.894  3.724   1.004   1.00 22.84  ? 69  ALA A CB  1 
ATOM   528  N N   . LEU A 1 70 ? 18.166  1.105   2.619   1.00 21.19  ? 70  LEU A N   1 
ATOM   529  C CA  . LEU A 1 70 ? 18.115  0.395   3.901   1.00 22.12  ? 70  LEU A CA  1 
ATOM   530  C C   . LEU A 1 70 ? 18.808  -0.951  3.797   1.00 22.68  ? 70  LEU A C   1 
ATOM   531  O O   . LEU A 1 70 ? 19.518  -1.356  4.716   1.00 22.01  ? 70  LEU A O   1 
ATOM   532  C CB  . LEU A 1 70 ? 16.677  0.199   4.357   1.00 22.42  ? 70  LEU A CB  1 
ATOM   533  C CG  . LEU A 1 70 ? 16.013  1.454   4.917   1.00 22.42  ? 70  LEU A CG  1 
ATOM   534  C CD1 . LEU A 1 70 ? 14.496  1.237   4.951   1.00 23.81  ? 70  LEU A CD1 1 
ATOM   535  C CD2 . LEU A 1 70 ? 16.511  1.804   6.307   1.00 22.55  ? 70  LEU A CD2 1 
ATOM   536  N N   . ALA A 1 71 ? 18.595  -1.631  2.668   1.00 22.77  ? 71  ALA A N   1 
ATOM   537  C CA  . ALA A 1 71 ? 19.186  -2.943  2.430   1.00 23.33  ? 71  ALA A CA  1 
ATOM   538  C C   . ALA A 1 71 ? 20.710  -2.900  2.441   1.00 24.39  ? 71  ALA A C   1 
ATOM   539  O O   . ALA A 1 71 ? 21.336  -3.810  2.963   1.00 24.96  ? 71  ALA A O   1 
ATOM   540  C CB  . ALA A 1 71 ? 18.668  -3.532  1.102   1.00 22.93  ? 71  ALA A CB  1 
ATOM   541  N N   . GLN A 1 72 ? 21.287  -1.833  1.887   1.00 25.38  ? 72  GLN A N   1 
ATOM   542  C CA  . GLN A 1 72 ? 22.735  -1.612  1.877   1.00 26.57  ? 72  GLN A CA  1 
ATOM   543  C C   . GLN A 1 72 ? 23.283  -1.280  3.256   1.00 26.38  ? 72  GLN A C   1 
ATOM   544  O O   . GLN A 1 72 ? 24.342  -1.793  3.660   1.00 27.01  ? 72  GLN A O   1 
ATOM   545  C CB  . GLN A 1 72 ? 23.083  -0.479  0.903   1.00 27.55  ? 72  GLN A CB  1 
ATOM   546  C CG  . GLN A 1 72 ? 24.589  -0.271  0.633   1.00 30.16  ? 72  GLN A CG  1 
ATOM   547  C CD  . GLN A 1 72 ? 25.358  0.412   1.768   1.00 35.21  ? 72  GLN A CD  1 
ATOM   548  O OE1 . GLN A 1 72 ? 24.844  1.306   2.453   1.00 37.41  ? 72  GLN A OE1 1 
ATOM   549  N NE2 . GLN A 1 72 ? 26.613  -0.010  1.963   1.00 36.03  ? 72  GLN A NE2 1 
ATOM   550  N N   . ALA A 1 73 ? 22.572  -0.413  3.983   1.00 25.59  ? 73  ALA A N   1 
ATOM   551  C CA  . ALA A 1 73 ? 23.094  0.135   5.236   1.00 25.38  ? 73  ALA A CA  1 
ATOM   552  C C   . ALA A 1 73 ? 22.870  -0.817  6.402   1.00 25.11  ? 73  ALA A C   1 
ATOM   553  O O   . ALA A 1 73 ? 23.560  -0.746  7.426   1.00 25.23  ? 73  ALA A O   1 
ATOM   554  C CB  . ALA A 1 73 ? 22.450  1.479   5.535   1.00 25.28  ? 73  ALA A CB  1 
ATOM   555  N N   . PHE A 1 74 ? 21.870  -1.672  6.253   1.00 24.25  ? 74  PHE A N   1 
ATOM   556  C CA  . PHE A 1 74 ? 21.492  -2.626  7.290   1.00 24.33  ? 74  PHE A CA  1 
ATOM   557  C C   . PHE A 1 74 ? 21.408  -4.006  6.663   1.00 24.81  ? 74  PHE A C   1 
ATOM   558  O O   . PHE A 1 74 ? 20.323  -4.462  6.284   1.00 24.55  ? 74  PHE A O   1 
ATOM   559  C CB  . PHE A 1 74 ? 20.171  -2.198  7.935   1.00 24.20  ? 74  PHE A CB  1 
ATOM   560  C CG  . PHE A 1 74 ? 20.230  -0.834  8.578   1.00 23.09  ? 74  PHE A CG  1 
ATOM   561  C CD1 . PHE A 1 74 ? 20.640  -0.700  9.894   1.00 22.92  ? 74  PHE A CD1 1 
ATOM   562  C CD2 . PHE A 1 74 ? 19.876  0.313   7.863   1.00 23.10  ? 74  PHE A CD2 1 
ATOM   563  C CE1 . PHE A 1 74 ? 20.687  0.558   10.509  1.00 20.24  ? 74  PHE A CE1 1 
ATOM   564  C CE2 . PHE A 1 74 ? 19.937  1.576   8.470   1.00 22.54  ? 74  PHE A CE2 1 
ATOM   565  C CZ  . PHE A 1 74 ? 20.337  1.689   9.803   1.00 22.59  ? 74  PHE A CZ  1 
ATOM   566  N N   . PRO A 1 75 ? 22.564  -4.678  6.529   1.00 25.50  ? 75  PRO A N   1 
ATOM   567  C CA  . PRO A 1 75 ? 22.603  -5.952  5.808   1.00 26.15  ? 75  PRO A CA  1 
ATOM   568  C C   . PRO A 1 75 ? 21.529  -6.927  6.295   1.00 26.32  ? 75  PRO A C   1 
ATOM   569  O O   . PRO A 1 75 ? 21.380  -7.144  7.510   1.00 26.67  ? 75  PRO A O   1 
ATOM   570  C CB  . PRO A 1 75 ? 24.006  -6.479  6.108   1.00 25.90  ? 75  PRO A CB  1 
ATOM   571  C CG  . PRO A 1 75 ? 24.829  -5.245  6.357   1.00 25.85  ? 75  PRO A CG  1 
ATOM   572  C CD  . PRO A 1 75 ? 23.893  -4.274  7.025   1.00 26.00  ? 75  PRO A CD  1 
ATOM   573  N N   . GLY A 1 76 ? 20.770  -7.477  5.357   1.00 26.82  ? 76  GLY A N   1 
ATOM   574  C CA  . GLY A 1 76 ? 19.743  -8.460  5.681   1.00 26.97  ? 76  GLY A CA  1 
ATOM   575  C C   . GLY A 1 76 ? 18.366  -7.863  5.916   1.00 27.18  ? 76  GLY A C   1 
ATOM   576  O O   . GLY A 1 76 ? 17.364  -8.592  5.889   1.00 27.63  ? 76  GLY A O   1 
ATOM   577  N N   . LEU A 1 77 ? 18.309  -6.542  6.120   1.00 27.30  ? 77  LEU A N   1 
ATOM   578  C CA  . LEU A 1 77 ? 17.048  -5.835  6.390   1.00 27.33  ? 77  LEU A CA  1 
ATOM   579  C C   . LEU A 1 77 ? 16.181  -5.625  5.150   1.00 27.75  ? 77  LEU A C   1 
ATOM   580  O O   . LEU A 1 77 ? 16.636  -5.042  4.161   1.00 27.79  ? 77  LEU A O   1 
ATOM   581  C CB  . LEU A 1 77 ? 17.306  -4.471  7.063   1.00 27.05  ? 77  LEU A CB  1 
ATOM   582  C CG  . LEU A 1 77 ? 16.062  -3.668  7.490   1.00 26.76  ? 77  LEU A CG  1 
ATOM   583  C CD1 . LEU A 1 77 ? 15.320  -4.352  8.639   1.00 26.40  ? 77  LEU A CD1 1 
ATOM   584  C CD2 . LEU A 1 77 ? 16.385  -2.197  7.835   1.00 27.26  ? 77  LEU A CD2 1 
ATOM   585  N N   . GLN A 1 78 ? 14.935  -6.086  5.217   1.00 28.22  ? 78  GLN A N   1 
ATOM   586  C CA  . GLN A 1 78 ? 13.959  -5.796  4.153   1.00 29.01  ? 78  GLN A CA  1 
ATOM   587  C C   . GLN A 1 78 ? 12.811  -4.928  4.681   1.00 28.55  ? 78  GLN A C   1 
ATOM   588  O O   . GLN A 1 78 ? 12.163  -5.260  5.679   1.00 27.82  ? 78  GLN A O   1 
ATOM   589  C CB  . GLN A 1 78 ? 13.454  -7.091  3.475   1.00 29.93  ? 78  GLN A CB  1 
ATOM   590  C CG  . GLN A 1 78 ? 12.213  -7.724  4.095   1.00 31.96  ? 78  GLN A CG  1 
ATOM   591  C CD  . GLN A 1 78 ? 11.491  -8.678  3.144   1.00 31.62  ? 78  GLN A CD  1 
ATOM   592  O OE1 . GLN A 1 78 ? 12.088  -9.623  2.619   1.00 35.44  ? 78  GLN A OE1 1 
ATOM   593  N NE2 . GLN A 1 78 ? 10.195  -8.440  2.932   1.00 33.14  ? 78  GLN A NE2 1 
ATOM   594  N N   . ALA A 1 79 ? 12.592  -3.796  4.010   1.00 27.75  ? 79  ALA A N   1 
ATOM   595  C CA  . ALA A 1 79 ? 11.573  -2.829  4.410   1.00 27.18  ? 79  ALA A CA  1 
ATOM   596  C C   . ALA A 1 79 ? 10.302  -2.943  3.585   1.00 26.91  ? 79  ALA A C   1 
ATOM   597  O O   . ALA A 1 79 ? 10.351  -3.176  2.373   1.00 26.49  ? 79  ALA A O   1 
ATOM   598  C CB  . ALA A 1 79 ? 12.113  -1.406  4.306   1.00 27.09  ? 79  ALA A CB  1 
ATOM   599  N N   . THR A 1 80 ? 9.176   -2.757  4.267   1.00 26.44  ? 80  THR A N   1 
ATOM   600  C CA  . THR A 1 80 ? 7.874   -2.601  3.630   1.00 26.89  ? 80  THR A CA  1 
ATOM   601  C C   . THR A 1 80 ? 7.329   -1.252  4.028   1.00 26.79  ? 80  THR A C   1 
ATOM   602  O O   . THR A 1 80 ? 7.266   -0.921  5.217   1.00 26.37  ? 80  THR A O   1 
ATOM   603  C CB  . THR A 1 80 ? 6.901   -3.689  4.086   1.00 27.27  ? 80  THR A CB  1 
ATOM   604  O OG1 . THR A 1 80 ? 7.419   -4.969  3.701   1.00 27.96  ? 80  THR A OG1 1 
ATOM   605  C CG2 . THR A 1 80 ? 5.507   -3.472  3.455   1.00 28.02  ? 80  THR A CG2 1 
ATOM   606  N N   . ILE A 1 81 ? 6.913   -0.466  3.040   1.00 26.09  ? 81  ILE A N   1 
ATOM   607  C CA  . ILE A 1 81 ? 6.526   0.914   3.325   1.00 26.27  ? 81  ILE A CA  1 
ATOM   608  C C   . ILE A 1 81 ? 5.100   1.172   2.867   1.00 26.88  ? 81  ILE A C   1 
ATOM   609  O O   . ILE A 1 81 ? 4.733   0.830   1.734   1.00 27.97  ? 81  ILE A O   1 
ATOM   610  C CB  . ILE A 1 81 ? 7.469   1.927   2.661   1.00 26.12  ? 81  ILE A CB  1 
ATOM   611  C CG1 . ILE A 1 81 ? 8.923   1.620   3.062   1.00 26.28  ? 81  ILE A CG1 1 
ATOM   612  C CG2 . ILE A 1 81 ? 7.056   3.368   3.051   1.00 26.14  ? 81  ILE A CG2 1 
ATOM   613  C CD1 . ILE A 1 81 ? 10.012  2.412   2.298   1.00 25.69  ? 81  ILE A CD1 1 
ATOM   614  N N   . HIS A 1 82 ? 4.320   1.774   3.761   1.00 26.59  ? 82  HIS A N   1 
ATOM   615  C CA  . HIS A 1 82 ? 2.922   2.133   3.514   1.00 25.96  ? 82  HIS A CA  1 
ATOM   616  C C   . HIS A 1 82 ? 2.800   3.637   3.347   1.00 25.47  ? 82  HIS A C   1 
ATOM   617  O O   . HIS A 1 82 ? 2.976   4.399   4.317   1.00 25.33  ? 82  HIS A O   1 
ATOM   618  C CB  . HIS A 1 82 ? 2.070   1.664   4.696   1.00 26.65  ? 82  HIS A CB  1 
ATOM   619  C CG  . HIS A 1 82 ? 2.203   0.200   4.985   1.00 27.06  ? 82  HIS A CG  1 
ATOM   620  N ND1 . HIS A 1 82 ? 1.824   -0.772  4.086   1.00 29.92  ? 82  HIS A ND1 1 
ATOM   621  C CD2 . HIS A 1 82 ? 2.657   -0.457  6.079   1.00 29.26  ? 82  HIS A CD2 1 
ATOM   622  C CE1 . HIS A 1 82 ? 2.051   -1.967  4.606   1.00 29.16  ? 82  HIS A CE1 1 
ATOM   623  N NE2 . HIS A 1 82 ? 2.553   -1.803  5.818   1.00 28.50  ? 82  HIS A NE2 1 
ATOM   624  N N   . VAL A 1 83 ? 2.521   4.069   2.120   1.00 24.95  ? 83  VAL A N   1 
ATOM   625  C CA  . VAL A 1 83 ? 2.440   5.509   1.827   1.00 24.90  ? 83  VAL A CA  1 
ATOM   626  C C   . VAL A 1 83 ? 1.063   6.025   2.268   1.00 24.95  ? 83  VAL A C   1 
ATOM   627  O O   . VAL A 1 83 ? 0.025   5.384   1.970   1.00 25.12  ? 83  VAL A O   1 
ATOM   628  C CB  . VAL A 1 83 ? 2.673   5.801   0.330   1.00 24.80  ? 83  VAL A CB  1 
ATOM   629  C CG1 . VAL A 1 83 ? 2.464   7.272   0.023   1.00 24.47  ? 83  VAL A CG1 1 
ATOM   630  C CG2 . VAL A 1 83 ? 4.100   5.373   -0.080  1.00 25.43  ? 83  VAL A CG2 1 
ATOM   631  N N   . GLU A 1 84 ? 1.083   7.163   2.968   1.00 25.53  ? 84  GLU A N   1 
ATOM   632  C CA  . GLU A 1 84 ? -0.078  7.794   3.614   1.00 27.32  ? 84  GLU A CA  1 
ATOM   633  C C   . GLU A 1 84 ? -0.125  9.291   3.251   1.00 26.71  ? 84  GLU A C   1 
ATOM   634  O O   . GLU A 1 84 ? 0.904   9.966   3.346   1.00 26.66  ? 84  GLU A O   1 
ATOM   635  C CB  . GLU A 1 84 ? 0.080   7.632   5.135   1.00 27.47  ? 84  GLU A CB  1 
ATOM   636  C CG  . GLU A 1 84 ? -1.009  8.245   6.019   1.00 30.53  ? 84  GLU A CG  1 
ATOM   637  C CD  . GLU A 1 84 ? -0.734  8.072   7.523   1.00 30.14  ? 84  GLU A CD  1 
ATOM   638  O OE1 . GLU A 1 84 ? 0.249   7.406   7.896   1.00 32.16  ? 84  GLU A OE1 1 
ATOM   639  O OE2 . GLU A 1 84 ? -1.517  8.609   8.347   1.00 35.83  ? 84  GLU A OE2 1 
ATOM   640  N N   . PRO A 1 85 ? -1.299  9.824   2.840   1.00 26.26  ? 85  PRO A N   1 
ATOM   641  C CA  . PRO A 1 85 ? -1.333  11.263  2.584   1.00 26.16  ? 85  PRO A CA  1 
ATOM   642  C C   . PRO A 1 85 ? -1.469  12.032  3.904   1.00 27.77  ? 85  PRO A C   1 
ATOM   643  O O   . PRO A 1 85 ? -2.057  11.511  4.864   1.00 27.03  ? 85  PRO A O   1 
ATOM   644  C CB  . PRO A 1 85 ? -2.605  11.445  1.727   1.00 26.74  ? 85  PRO A CB  1 
ATOM   645  C CG  . PRO A 1 85 ? -3.491  10.331  2.158   1.00 26.39  ? 85  PRO A CG  1 
ATOM   646  C CD  . PRO A 1 85 ? -2.612  9.185   2.585   1.00 26.53  ? 85  PRO A CD  1 
ATOM   647  N N   . GLU A 1 86 ? -0.902  13.241  3.942   1.00 28.83  ? 86  GLU A N   1 
ATOM   648  C CA  . GLU A 1 86 ? -0.997  14.151  5.090   1.00 31.37  ? 86  GLU A CA  1 
ATOM   649  C C   . GLU A 1 86 ? -2.457  14.242  5.544   1.00 31.92  ? 86  GLU A C   1 
ATOM   650  O O   . GLU A 1 86 ? -3.355  14.516  4.734   1.00 32.35  ? 86  GLU A O   1 
ATOM   651  C CB  . GLU A 1 86 ? -0.498  15.540  4.678   1.00 31.07  ? 86  GLU A CB  1 
ATOM   652  C CG  . GLU A 1 86 ? -0.274  16.551  5.827   1.00 33.05  ? 86  GLU A CG  1 
ATOM   653  C CD  . GLU A 1 86 ? 0.308   17.874  5.342   1.00 33.10  ? 86  GLU A CD  1 
ATOM   654  O OE1 . GLU A 1 86 ? 0.261   18.157  4.125   1.00 35.62  ? 86  GLU A OE1 1 
ATOM   655  O OE2 . GLU A 1 86 ? 0.820   18.643  6.187   1.00 36.58  ? 86  GLU A OE2 1 
ATOM   656  N N   . GLY A 1 87 ? -2.684  13.995  6.833   1.00 33.18  ? 87  GLY A N   1 
ATOM   657  C CA  . GLY A 1 87 ? -4.039  13.956  7.384   1.00 34.90  ? 87  GLY A CA  1 
ATOM   658  C C   . GLY A 1 87 ? -4.622  12.555  7.327   1.00 35.52  ? 87  GLY A C   1 
ATOM   659  O O   . GLY A 1 87 ? -5.195  12.157  6.306   1.00 36.24  ? 87  GLY A O   1 
ATOM   660  N N   . GLY B 1 6  ? -11.955 -19.949 -2.774  1.00 28.86  ? 6   GLY B N   1 
ATOM   661  C CA  . GLY B 1 6  ? -12.445 -18.692 -3.428  1.00 28.28  ? 6   GLY B CA  1 
ATOM   662  C C   . GLY B 1 6  ? -13.962 -18.601 -3.510  1.00 27.97  ? 6   GLY B C   1 
ATOM   663  O O   . GLY B 1 6  ? -14.677 -19.578 -3.233  1.00 27.97  ? 6   GLY B O   1 
ATOM   664  N N   . LEU B 1 7  ? -14.460 -17.422 -3.879  1.00 26.37  ? 7   LEU B N   1 
ATOM   665  C CA  . LEU B 1 7  ? -15.889 -17.214 -4.139  1.00 25.91  ? 7   LEU B CA  1 
ATOM   666  C C   . LEU B 1 7  ? -16.348 -17.894 -5.437  1.00 26.10  ? 7   LEU B C   1 
ATOM   667  O O   . LEU B 1 7  ? -15.514 -18.196 -6.279  1.00 25.95  ? 7   LEU B O   1 
ATOM   668  C CB  . LEU B 1 7  ? -16.172 -15.708 -4.225  1.00 25.79  ? 7   LEU B CB  1 
ATOM   669  C CG  . LEU B 1 7  ? -15.980 -14.963 -2.916  1.00 25.54  ? 7   LEU B CG  1 
ATOM   670  C CD1 . LEU B 1 7  ? -15.954 -13.474 -3.192  1.00 23.98  ? 7   LEU B CD1 1 
ATOM   671  C CD2 . LEU B 1 7  ? -17.109 -15.315 -1.944  1.00 27.98  ? 7   LEU B CD2 1 
ATOM   672  N N   . PRO B 1 8  ? -17.676 -18.114 -5.606  1.00 25.93  ? 8   PRO B N   1 
ATOM   673  C CA  . PRO B 1 8  ? -18.193 -18.710 -6.859  1.00 26.10  ? 8   PRO B CA  1 
ATOM   674  C C   . PRO B 1 8  ? -17.721 -17.921 -8.098  1.00 25.71  ? 8   PRO B C   1 
ATOM   675  O O   . PRO B 1 8  ? -17.711 -16.675 -8.072  1.00 26.00  ? 8   PRO B O   1 
ATOM   676  C CB  . PRO B 1 8  ? -19.713 -18.582 -6.710  1.00 26.34  ? 8   PRO B CB  1 
ATOM   677  C CG  . PRO B 1 8  ? -19.954 -18.513 -5.226  1.00 26.35  ? 8   PRO B CG  1 
ATOM   678  C CD  . PRO B 1 8  ? -18.762 -17.790 -4.659  1.00 26.48  ? 8   PRO B CD  1 
ATOM   679  N N   . PRO B 1 9  ? -17.313 -18.626 -9.172  1.00 25.42  ? 9   PRO B N   1 
ATOM   680  C CA  . PRO B 1 9  ? -16.735 -17.984 -10.358 1.00 25.22  ? 9   PRO B CA  1 
ATOM   681  C C   . PRO B 1 9  ? -17.599 -16.874 -10.967 1.00 24.69  ? 9   PRO B C   1 
ATOM   682  O O   . PRO B 1 9  ? -17.061 -15.845 -11.350 1.00 24.92  ? 9   PRO B O   1 
ATOM   683  C CB  . PRO B 1 9  ? -16.568 -19.144 -11.341 1.00 25.59  ? 9   PRO B CB  1 
ATOM   684  C CG  . PRO B 1 9  ? -16.399 -20.328 -10.474 1.00 25.72  ? 9   PRO B CG  1 
ATOM   685  C CD  . PRO B 1 9  ? -17.338 -20.099 -9.315  1.00 25.28  ? 9   PRO B CD  1 
ATOM   686  N N   . GLU B 1 10 ? -18.921 -17.060 -11.020 1.00 24.72  ? 10  GLU B N   1 
ATOM   687  C CA  . GLU B 1 10 ? -19.790 -16.002 -11.560 1.00 24.88  ? 10  GLU B CA  1 
ATOM   688  C C   . GLU B 1 10 ? -19.748 -14.747 -10.677 1.00 24.32  ? 10  GLU B C   1 
ATOM   689  O O   . GLU B 1 10 ? -19.786 -13.621 -11.188 1.00 24.04  ? 10  GLU B O   1 
ATOM   690  C CB  . GLU B 1 10 ? -21.226 -16.496 -11.745 1.00 25.39  ? 10  GLU B CB  1 
ATOM   691  C CG  . GLU B 1 10 ? -21.376 -17.380 -12.963 1.00 27.26  ? 10  GLU B CG  1 
ATOM   692  N N   . GLU B 1 11 ? -19.634 -14.946 -9.368  1.00 24.09  ? 11  GLU B N   1 
ATOM   693  C CA  . GLU B 1 11 ? -19.537 -13.809 -8.434  1.00 24.75  ? 11  GLU B CA  1 
ATOM   694  C C   . GLU B 1 11 ? -18.228 -13.049 -8.609  1.00 23.87  ? 11  GLU B C   1 
ATOM   695  O O   . GLU B 1 11 ? -18.221 -11.812 -8.582  1.00 22.65  ? 11  GLU B O   1 
ATOM   696  C CB  . GLU B 1 11 ? -19.686 -14.242 -6.972  1.00 25.30  ? 11  GLU B CB  1 
ATOM   697  C CG  . GLU B 1 11 ? -19.946 -13.035 -6.046  1.00 27.04  ? 11  GLU B CG  1 
ATOM   698  C CD  . GLU B 1 11 ? -19.750 -13.304 -4.554  1.00 27.43  ? 11  GLU B CD  1 
ATOM   699  O OE1 . GLU B 1 11 ? -19.912 -14.463 -4.120  1.00 28.60  ? 11  GLU B OE1 1 
ATOM   700  O OE2 . GLU B 1 11 ? -19.455 -12.328 -3.825  1.00 28.89  ? 11  GLU B OE2 1 
ATOM   701  N N   . VAL B 1 12 ? -17.120 -13.779 -8.735  1.00 22.84  ? 12  VAL B N   1 
ATOM   702  C CA  . VAL B 1 12 ? -15.817 -13.134 -8.940  1.00 23.03  ? 12  VAL B CA  1 
ATOM   703  C C   . VAL B 1 12 ? -15.839 -12.283 -10.223 1.00 22.01  ? 12  VAL B C   1 
ATOM   704  O O   . VAL B 1 12 ? -15.285 -11.166 -10.259 1.00 21.70  ? 12  VAL B O   1 
ATOM   705  C CB  . VAL B 1 12 ? -14.661 -14.158 -8.981  1.00 23.47  ? 12  VAL B CB  1 
ATOM   706  C CG1 . VAL B 1 12 ? -13.343 -13.459 -9.316  1.00 24.20  ? 12  VAL B CG1 1 
ATOM   707  C CG2 . VAL B 1 12 ? -14.553 -14.911 -7.654  1.00 23.33  ? 12  VAL B CG2 1 
ATOM   708  N N   . GLU B 1 13 ? -16.502 -12.785 -11.266 1.00 21.82  ? 13  GLU B N   1 
ATOM   709  C CA  . GLU B 1 13 ? -16.598 -11.994 -12.490 1.00 22.17  ? 13  GLU B CA  1 
ATOM   710  C C   . GLU B 1 13 ? -17.495 -10.766 -12.293 1.00 20.48  ? 13  GLU B C   1 
ATOM   711  O O   . GLU B 1 13 ? -17.222 -9.700  -12.869 1.00 19.56  ? 13  GLU B O   1 
ATOM   712  C CB  . GLU B 1 13 ? -17.060 -12.814 -13.694 1.00 23.18  ? 13  GLU B CB  1 
ATOM   713  C CG  . GLU B 1 13 ? -16.878 -12.081 -15.039 1.00 26.18  ? 13  GLU B CG  1 
ATOM   714  C CD  . GLU B 1 13 ? -15.659 -11.121 -15.123 1.00 30.27  ? 13  GLU B CD  1 
ATOM   715  O OE1 . GLU B 1 13 ? -14.510 -11.546 -14.806 1.00 31.39  ? 13  GLU B OE1 1 
ATOM   716  O OE2 . GLU B 1 13 ? -15.855 -9.941  -15.540 1.00 27.02  ? 13  GLU B OE2 1 
ATOM   717  N N   . ARG B 1 14 ? -18.541 -10.901 -11.478 1.00 19.47  ? 14  ARG B N   1 
ATOM   718  C CA  . ARG B 1 14 ? -19.378 -9.729  -11.199 1.00 18.57  ? 14  ARG B CA  1 
ATOM   719  C C   . ARG B 1 14 ? -18.569 -8.709  -10.385 1.00 17.74  ? 14  ARG B C   1 
ATOM   720  O O   . ARG B 1 14 ? -18.699 -7.500  -10.594 1.00 17.95  ? 14  ARG B O   1 
ATOM   721  C CB  . ARG B 1 14 ? -20.678 -10.092 -10.473 1.00 19.50  ? 14  ARG B CB  1 
ATOM   722  C CG  . ARG B 1 14 ? -21.708 -10.759 -11.412 1.00 21.54  ? 14  ARG B CG  1 
ATOM   723  C CD  . ARG B 1 14 ? -23.120 -10.687 -10.841 1.00 25.02  ? 14  ARG B CD  1 
ATOM   724  N NE  . ARG B 1 14 ? -23.191 -11.352 -9.561  1.00 29.96  ? 14  ARG B NE  1 
ATOM   725  C CZ  . ARG B 1 14 ? -23.392 -12.659 -9.388  1.00 31.18  ? 14  ARG B CZ  1 
ATOM   726  N NH1 . ARG B 1 14 ? -23.564 -13.477 -10.429 1.00 30.98  ? 14  ARG B NH1 1 
ATOM   727  N NH2 . ARG B 1 14 ? -23.430 -13.144 -8.155  1.00 32.64  ? 14  ARG B NH2 1 
ATOM   728  N N   . ILE B 1 15 ? -17.711 -9.182  -9.486  1.00 17.00  ? 15  ILE B N   1 
ATOM   729  C CA  . ILE B 1 15 ? -16.854 -8.250  -8.707  1.00 16.87  ? 15  ILE B CA  1 
ATOM   730  C C   . ILE B 1 15 ? -15.904 -7.500  -9.656  1.00 17.77  ? 15  ILE B C   1 
ATOM   731  O O   . ILE B 1 15 ? -15.744 -6.263  -9.567  1.00 17.71  ? 15  ILE B O   1 
ATOM   732  C CB  . ILE B 1 15 ? -16.089 -8.993  -7.595  1.00 17.28  ? 15  ILE B CB  1 
ATOM   733  C CG1 . ILE B 1 15 ? -17.060 -9.396  -6.475  1.00 17.43  ? 15  ILE B CG1 1 
ATOM   734  C CG2 . ILE B 1 15 ? -14.963 -8.114  -7.020  1.00 16.65  ? 15  ILE B CG2 1 
ATOM   735  C CD1 . ILE B 1 15 ? -16.452 -10.516 -5.554  1.00 17.55  ? 15  ILE B CD1 1 
ATOM   736  N N   . ARG B 1 16 ? -15.259 -8.254  -10.547 1.00 16.83  ? 16  ARG B N   1 
ATOM   737  C CA  . ARG B 1 16 ? -14.328 -7.680  -11.524 1.00 17.96  ? 16  ARG B CA  1 
ATOM   738  C C   . ARG B 1 16 ? -15.027 -6.614  -12.368 1.00 17.50  ? 16  ARG B C   1 
ATOM   739  O O   . ARG B 1 16 ? -14.519 -5.515  -12.519 1.00 17.89  ? 16  ARG B O   1 
ATOM   740  C CB  . ARG B 1 16 ? -13.739 -8.809  -12.422 1.00 17.53  ? 16  ARG B CB  1 
ATOM   741  C CG  . ARG B 1 16 ? -12.530 -8.317  -13.233 1.00 20.33  ? 16  ARG B CG  1 
ATOM   742  C CD  . ARG B 1 16 ? -11.865 -9.488  -14.015 1.00 20.72  ? 16  ARG B CD  1 
ATOM   743  N NE  . ARG B 1 16 ? -10.758 -10.106 -13.258 1.00 25.01  ? 16  ARG B NE  1 
ATOM   744  C CZ  . ARG B 1 16 ? -10.797 -11.310 -12.700 1.00 27.76  ? 16  ARG B CZ  1 
ATOM   745  N NH1 . ARG B 1 16 ? -11.863 -12.083 -12.811 1.00 29.11  ? 16  ARG B NH1 1 
ATOM   746  N NH2 . ARG B 1 16 ? -9.746  -11.758 -12.038 1.00 30.90  ? 16  ARG B NH2 1 
ATOM   747  N N   . ALA B 1 17 ? -16.192 -6.952  -12.921 1.00 18.12  ? 17  ALA B N   1 
ATOM   748  C CA  . ALA B 1 17 ? -16.934 -6.043  -13.810 1.00 18.28  ? 17  ALA B CA  1 
ATOM   749  C C   . ALA B 1 17 ? -17.429 -4.831  -13.049 1.00 17.59  ? 17  ALA B C   1 
ATOM   750  O O   . ALA B 1 17 ? -17.454 -3.722  -13.599 1.00 17.33  ? 17  ALA B O   1 
ATOM   751  C CB  . ALA B 1 17 ? -18.125 -6.769  -14.470 1.00 19.35  ? 17  ALA B CB  1 
ATOM   752  N N   . PHE B 1 18 ? -17.825 -5.043  -11.787 1.00 16.77  ? 18  PHE B N   1 
ATOM   753  C CA  . PHE B 1 18 ? -18.220 -3.927  -10.919 1.00 16.22  ? 18  PHE B CA  1 
ATOM   754  C C   . PHE B 1 18 ? -17.053 -2.954  -10.754 1.00 16.27  ? 18  PHE B C   1 
ATOM   755  O O   . PHE B 1 18 ? -17.207 -1.746  -10.962 1.00 15.16  ? 18  PHE B O   1 
ATOM   756  C CB  . PHE B 1 18 ? -18.677 -4.468  -9.555  1.00 17.13  ? 18  PHE B CB  1 
ATOM   757  C CG  . PHE B 1 18 ? -19.046 -3.390  -8.554  1.00 16.47  ? 18  PHE B CG  1 
ATOM   758  C CD1 . PHE B 1 18 ? -20.298 -2.765  -8.608  1.00 17.38  ? 18  PHE B CD1 1 
ATOM   759  C CD2 . PHE B 1 18 ? -18.153 -3.023  -7.554  1.00 17.59  ? 18  PHE B CD2 1 
ATOM   760  C CE1 . PHE B 1 18 ? -20.677 -1.791  -7.653  1.00 16.99  ? 18  PHE B CE1 1 
ATOM   761  C CE2 . PHE B 1 18 ? -18.514 -2.037  -6.580  1.00 18.11  ? 18  PHE B CE2 1 
ATOM   762  C CZ  . PHE B 1 18 ? -19.777 -1.409  -6.647  1.00 18.09  ? 18  PHE B CZ  1 
ATOM   763  N N   . LEU B 1 19 ? -15.884 -3.476  -10.418 1.00 17.24  ? 19  LEU B N   1 
ATOM   764  C CA  . LEU B 1 19 ? -14.694 -2.625  -10.223 1.00 16.42  ? 19  LEU B CA  1 
ATOM   765  C C   . LEU B 1 19 ? -14.316 -1.877  -11.490 1.00 16.78  ? 19  LEU B C   1 
ATOM   766  O O   . LEU B 1 19 ? -14.028 -0.682  -11.461 1.00 16.80  ? 19  LEU B O   1 
ATOM   767  C CB  . LEU B 1 19 ? -13.518 -3.454  -9.705  1.00 17.53  ? 19  LEU B CB  1 
ATOM   768  C CG  . LEU B 1 19 ? -13.649 -3.927  -8.257  1.00 16.84  ? 19  LEU B CG  1 
ATOM   769  C CD1 . LEU B 1 19 ? -12.553 -4.950  -7.914  1.00 18.58  ? 19  LEU B CD1 1 
ATOM   770  C CD2 . LEU B 1 19 ? -13.571 -2.745  -7.333  1.00 19.58  ? 19  LEU B CD2 1 
ATOM   771  N N   . GLN B 1 20 ? -14.372 -2.573  -12.610 1.00 17.66  ? 20  GLN B N   1 
ATOM   772  C CA  . GLN B 1 20 ? -13.995 -1.962  -13.881 1.00 19.28  ? 20  GLN B CA  1 
ATOM   773  C C   . GLN B 1 20 ? -14.919 -0.773  -14.194 1.00 18.89  ? 20  GLN B C   1 
ATOM   774  O O   . GLN B 1 20 ? -14.460 0.280   -14.640 1.00 19.78  ? 20  GLN B O   1 
ATOM   775  C CB  . GLN B 1 20 ? -13.986 -3.050  -14.943 1.00 20.24  ? 20  GLN B CB  1 
ATOM   776  C CG  A GLN B 1 20 ? -12.656 -3.760  -15.079 0.50 24.16  ? 20  GLN B CG  1 
ATOM   777  C CG  B GLN B 1 20 ? -12.965 -4.144  -14.562 0.50 19.53  ? 20  GLN B CG  1 
ATOM   778  C CD  A GLN B 1 20 ? -11.898 -3.296  -16.295 0.50 25.04  ? 20  GLN B CD  1 
ATOM   779  C CD  B GLN B 1 20 ? -12.830 -5.222  -15.604 0.50 18.84  ? 20  GLN B CD  1 
ATOM   780  O OE1 A GLN B 1 20 ? -11.770 -2.092  -16.550 0.50 28.66  ? 20  GLN B OE1 1 
ATOM   781  O OE1 B GLN B 1 20 ? -13.825 -5.669  -16.172 0.50 21.39  ? 20  GLN B OE1 1 
ATOM   782  N NE2 A GLN B 1 20 ? -11.394 -4.246  -17.073 0.50 28.86  ? 20  GLN B NE2 1 
ATOM   783  N NE2 B GLN B 1 20 ? -11.600 -5.661  -15.855 0.50 17.28  ? 20  GLN B NE2 1 
ATOM   784  N N   . GLU B 1 21 ? -16.206 -0.902  -13.878 1.00 17.67  ? 21  GLU B N   1 
ATOM   785  C CA  . GLU B 1 21 ? -17.128 0.224   -14.018 1.00 17.56  ? 21  GLU B CA  1 
ATOM   786  C C   . GLU B 1 21 ? -16.861 1.375   -13.050 1.00 17.48  ? 21  GLU B C   1 
ATOM   787  O O   . GLU B 1 21 ? -16.874 2.556   -13.447 1.00 17.90  ? 21  GLU B O   1 
ATOM   788  C CB  . GLU B 1 21 ? -18.567 -0.262  -13.850 1.00 17.90  ? 21  GLU B CB  1 
ATOM   789  C CG  . GLU B 1 21 ? -19.611 0.827   -14.018 1.00 19.93  ? 21  GLU B CG  1 
ATOM   790  C CD  . GLU B 1 21 ? -19.669 1.403   -15.415 1.00 25.42  ? 21  GLU B CD  1 
ATOM   791  O OE1 . GLU B 1 21 ? -19.378 0.679   -16.403 1.00 29.73  ? 21  GLU B OE1 1 
ATOM   792  O OE2 . GLU B 1 21 ? -20.031 2.590   -15.526 1.00 28.11  ? 21  GLU B OE2 1 
ATOM   793  N N   . ARG B 1 22 ? -16.657 1.030   -11.780 1.00 16.27  ? 22  ARG B N   1 
ATOM   794  C CA  . ARG B 1 22 ? -16.480 2.036   -10.735 1.00 17.23  ? 22  ARG B CA  1 
ATOM   795  C C   . ARG B 1 22 ? -15.162 2.820   -10.917 1.00 17.32  ? 22  ARG B C   1 
ATOM   796  O O   . ARG B 1 22 ? -15.075 3.959   -10.464 1.00 17.71  ? 22  ARG B O   1 
ATOM   797  C CB  . ARG B 1 22 ? -16.569 1.410   -9.342  1.00 17.50  ? 22  ARG B CB  1 
ATOM   798  C CG  A ARG B 1 22 ? -17.897 0.739   -8.966  0.50 17.11  ? 22  ARG B CG  1 
ATOM   799  C CG  B ARG B 1 22 ? -17.986 0.879   -8.979  0.50 17.50  ? 22  ARG B CG  1 
ATOM   800  C CD  A ARG B 1 22 ? -19.106 1.655   -9.164  0.50 20.79  ? 22  ARG B CD  1 
ATOM   801  C CD  B ARG B 1 22 ? -19.105 1.937   -9.214  0.50 20.52  ? 22  ARG B CD  1 
ATOM   802  N NE  A ARG B 1 22 ? -19.029 2.933   -8.452  0.50 18.87  ? 22  ARG B NE  1 
ATOM   803  N NE  B ARG B 1 22 ? -20.417 1.483   -8.724  0.50 20.14  ? 22  ARG B NE  1 
ATOM   804  C CZ  A ARG B 1 22 ? -19.886 3.938   -8.649  0.50 20.45  ? 22  ARG B CZ  1 
ATOM   805  C CZ  B ARG B 1 22 ? -20.959 1.831   -7.546  0.50 19.52  ? 22  ARG B CZ  1 
ATOM   806  N NH1 A ARG B 1 22 ? -20.862 3.815   -9.540  0.50 23.96  ? 22  ARG B NH1 1 
ATOM   807  N NH1 B ARG B 1 22 ? -20.318 2.642   -6.719  0.50 18.07  ? 22  ARG B NH1 1 
ATOM   808  N NH2 A ARG B 1 22 ? -19.764 5.073   -7.988  0.50 20.84  ? 22  ARG B NH2 1 
ATOM   809  N NH2 B ARG B 1 22 ? -22.146 1.352   -7.182  0.50 17.27  ? 22  ARG B NH2 1 
ATOM   810  N N   . ILE B 1 23 ? -14.182 2.239   -11.605 1.00 17.53  ? 23  ILE B N   1 
ATOM   811  C CA  . ILE B 1 23 ? -12.912 2.972   -11.771 1.00 17.89  ? 23  ILE B CA  1 
ATOM   812  C C   . ILE B 1 23 ? -12.855 3.778   -13.069 1.00 18.00  ? 23  ILE B C   1 
ATOM   813  O O   . ILE B 1 23 ? -11.882 4.505   -13.274 1.00 18.38  ? 23  ILE B O   1 
ATOM   814  C CB  . ILE B 1 23 ? -11.642 2.077   -11.612 1.00 17.34  ? 23  ILE B CB  1 
ATOM   815  C CG1 . ILE B 1 23 ? -11.548 1.097   -12.779 1.00 18.17  ? 23  ILE B CG1 1 
ATOM   816  C CG2 . ILE B 1 23 ? -11.619 1.372   -10.222 1.00 18.70  ? 23  ILE B CG2 1 
ATOM   817  C CD1 . ILE B 1 23 ? -10.128 0.457   -12.955 1.00 19.95  ? 23  ILE B CD1 1 
ATOM   818  N N   . ARG B 1 24 ? -13.901 3.730   -13.891 1.00 18.42  ? 24  ARG B N   1 
ATOM   819  C CA  . ARG B 1 24 ? -13.886 4.526   -15.133 1.00 19.55  ? 24  ARG B CA  1 
ATOM   820  C C   . ARG B 1 24 ? -13.716 5.993   -14.751 1.00 18.88  ? 24  ARG B C   1 
ATOM   821  O O   . ARG B 1 24 ? -14.464 6.506   -13.909 1.00 20.05  ? 24  ARG B O   1 
ATOM   822  C CB  . ARG B 1 24 ? -15.182 4.366   -15.898 1.00 20.22  ? 24  ARG B CB  1 
ATOM   823  C CG  . ARG B 1 24 ? -15.404 3.015   -16.505 1.00 24.52  ? 24  ARG B CG  1 
ATOM   824  C CD  . ARG B 1 24 ? -16.838 2.966   -17.074 1.00 29.36  ? 24  ARG B CD  1 
ATOM   825  N NE  . ARG B 1 24 ? -17.172 4.170   -17.852 1.00 34.63  ? 24  ARG B NE  1 
ATOM   826  C CZ  . ARG B 1 24 ? -17.983 5.156   -17.441 1.00 35.30  ? 24  ARG B CZ  1 
ATOM   827  N NH1 . ARG B 1 24 ? -18.576 5.111   -16.255 1.00 36.36  ? 24  ARG B NH1 1 
ATOM   828  N NH2 . ARG B 1 24 ? -18.210 6.195   -18.225 1.00 35.06  ? 24  ARG B NH2 1 
ATOM   829  N N   . GLY B 1 25 ? -12.709 6.648   -15.324 1.00 17.78  ? 25  GLY B N   1 
ATOM   830  C CA  . GLY B 1 25 ? -12.405 8.046   -15.028 1.00 17.67  ? 25  GLY B CA  1 
ATOM   831  C C   . GLY B 1 25 ? -11.689 8.323   -13.716 1.00 17.43  ? 25  GLY B C   1 
ATOM   832  O O   . GLY B 1 25 ? -11.381 9.500   -13.405 1.00 17.86  ? 25  GLY B O   1 
ATOM   833  N N   . ARG B 1 26 ? -11.342 7.258   -12.965 1.00 17.54  ? 26  ARG B N   1 
ATOM   834  C CA  . ARG B 1 26 ? -10.590 7.453   -11.711 1.00 18.50  ? 26  ARG B CA  1 
ATOM   835  C C   . ARG B 1 26 ? -9.372  6.568   -11.494 1.00 16.98  ? 26  ARG B C   1 
ATOM   836  O O   . ARG B 1 26 ? -8.512  6.892   -10.685 1.00 18.34  ? 26  ARG B O   1 
ATOM   837  C CB  . ARG B 1 26 ? -11.514 7.408   -10.477 1.00 19.56  ? 26  ARG B CB  1 
ATOM   838  C CG  . ARG B 1 26 ? -12.173 8.791   -10.286 1.00 24.15  ? 26  ARG B CG  1 
ATOM   839  C CD  . ARG B 1 26 ? -13.026 8.888   -9.027  1.00 25.06  ? 26  ARG B CD  1 
ATOM   840  N NE  . ARG B 1 26 ? -12.238 9.249   -7.880  1.00 24.81  ? 26  ARG B NE  1 
ATOM   841  C CZ  . ARG B 1 26 ? -12.671 9.087   -6.637  1.00 22.44  ? 26  ARG B CZ  1 
ATOM   842  N NH1 . ARG B 1 26 ? -13.876 8.565   -6.457  1.00 27.76  ? 26  ARG B NH1 1 
ATOM   843  N NH2 . ARG B 1 26 ? -11.920 9.427   -5.611  1.00 27.38  ? 26  ARG B NH2 1 
ATOM   844  N N   . ALA B 1 27 ? -9.295  5.467   -12.239 1.00 16.98  ? 27  ALA B N   1 
ATOM   845  C CA  . ALA B 1 27 ? -8.080  4.609   -12.260 1.00 16.34  ? 27  ALA B CA  1 
ATOM   846  C C   . ALA B 1 27 ? -8.003  3.864   -13.594 1.00 16.17  ? 27  ALA B C   1 
ATOM   847  O O   . ALA B 1 27 ? -8.871  4.034   -14.461 1.00 17.31  ? 27  ALA B O   1 
ATOM   848  C CB  . ALA B 1 27 ? -8.064  3.637   -11.099 1.00 16.04  ? 27  ALA B CB  1 
ATOM   849  N N   . LEU B 1 28 ? -6.934  3.082   -13.777 1.00 16.92  ? 28  LEU B N   1 
ATOM   850  C CA  . LEU B 1 28 ? -6.702  2.434   -15.062 1.00 17.00  ? 28  LEU B CA  1 
ATOM   851  C C   . LEU B 1 28 ? -7.119  0.980   -15.138 1.00 18.33  ? 28  LEU B C   1 
ATOM   852  O O   . LEU B 1 28 ? -7.753  0.565   -16.119 1.00 20.22  ? 28  LEU B O   1 
ATOM   853  C CB  . LEU B 1 28 ? -5.230  2.571   -15.462 1.00 17.02  ? 28  LEU B CB  1 
ATOM   854  C CG  . LEU B 1 28 ? -4.750  4.021   -15.633 1.00 17.06  ? 28  LEU B CG  1 
ATOM   855  C CD1 . LEU B 1 28 ? -3.249  4.009   -15.804 1.00 17.54  ? 28  LEU B CD1 1 
ATOM   856  C CD2 . LEU B 1 28 ? -5.408  4.704   -16.825 1.00 18.85  ? 28  LEU B CD2 1 
ATOM   857  N N   . GLU B 1 29 ? -6.736  0.183   -14.142 1.00 18.49  ? 29  GLU B N   1 
ATOM   858  C CA  . GLU B 1 29 ? -6.940  -1.257  -14.235 1.00 19.52  ? 29  GLU B CA  1 
ATOM   859  C C   . GLU B 1 29 ? -7.036  -1.845  -12.840 1.00 19.51  ? 29  GLU B C   1 
ATOM   860  O O   . GLU B 1 29 ? -6.553  -1.242  -11.865 1.00 20.24  ? 29  GLU B O   1 
ATOM   861  C CB  . GLU B 1 29 ? -5.774  -1.898  -15.029 1.00 19.63  ? 29  GLU B CB  1 
ATOM   862  C CG  . GLU B 1 29 ? -5.566  -3.394  -14.841 1.00 25.51  ? 29  GLU B CG  1 
ATOM   863  C CD  . GLU B 1 29 ? -4.297  -3.935  -15.503 1.00 24.49  ? 29  GLU B CD  1 
ATOM   864  O OE1 . GLU B 1 29 ? -3.435  -3.131  -15.948 1.00 34.20  ? 29  GLU B OE1 1 
ATOM   865  O OE2 . GLU B 1 29 ? -4.159  -5.183  -15.571 1.00 32.46  ? 29  GLU B OE2 1 
ATOM   866  N N   . VAL B 1 30 ? -7.691  -3.004  -12.751 1.00 19.04  ? 30  VAL B N   1 
ATOM   867  C CA  . VAL B 1 30 ? -7.566  -3.859  -11.563 1.00 18.77  ? 30  VAL B CA  1 
ATOM   868  C C   . VAL B 1 30 ? -6.985  -5.211  -11.985 1.00 19.25  ? 30  VAL B C   1 
ATOM   869  O O   . VAL B 1 30 ? -7.271  -5.719  -13.100 1.00 18.92  ? 30  VAL B O   1 
ATOM   870  C CB  . VAL B 1 30 ? -8.902  -4.063  -10.792 1.00 19.18  ? 30  VAL B CB  1 
ATOM   871  C CG1 . VAL B 1 30 ? -9.400  -2.696  -10.245 1.00 18.56  ? 30  VAL B CG1 1 
ATOM   872  C CG2 . VAL B 1 30 ? -9.963  -4.725  -11.688 1.00 19.57  ? 30  VAL B CG2 1 
ATOM   873  N N   . HIS B 1 31 ? -6.160  -5.792  -11.116 1.00 19.03  ? 31  HIS B N   1 
ATOM   874  C CA  . HIS B 1 31 ? -5.583  -7.108  -11.388 1.00 20.11  ? 31  HIS B CA  1 
ATOM   875  C C   . HIS B 1 31 ? -5.251  -7.882  -10.132 1.00 20.63  ? 31  HIS B C   1 
ATOM   876  O O   . HIS B 1 31 ? -5.281  -7.329  -9.028  1.00 19.69  ? 31  HIS B O   1 
ATOM   877  C CB  . HIS B 1 31 ? -4.354  -7.019  -12.311 1.00 21.06  ? 31  HIS B CB  1 
ATOM   878  C CG  . HIS B 1 31 ? -3.133  -6.426  -11.685 1.00 24.52  ? 31  HIS B CG  1 
ATOM   879  N ND1 . HIS B 1 31 ? -2.166  -7.191  -11.059 1.00 26.97  ? 31  HIS B ND1 1 
ATOM   880  C CD2 . HIS B 1 31 ? -2.662  -5.155  -11.687 1.00 25.65  ? 31  HIS B CD2 1 
ATOM   881  C CE1 . HIS B 1 31 ? -1.177  -6.406  -10.660 1.00 26.73  ? 31  HIS B CE1 1 
ATOM   882  N NE2 . HIS B 1 31 ? -1.452  -5.169  -11.032 1.00 24.66  ? 31  HIS B NE2 1 
ATOM   883  N N   . ASP B 1 32 ? -4.984  -9.176  -10.331 1.00 21.20  ? 32  ASP B N   1 
ATOM   884  C CA  . ASP B 1 32 ? -4.628  -10.110 -9.258  1.00 22.24  ? 32  ASP B CA  1 
ATOM   885  C C   . ASP B 1 32 ? -5.696  -10.157 -8.162  1.00 21.44  ? 32  ASP B C   1 
ATOM   886  O O   . ASP B 1 32 ? -5.407  -9.987  -6.976  1.00 21.46  ? 32  ASP B O   1 
ATOM   887  C CB  . ASP B 1 32 ? -3.215  -9.774  -8.747  1.00 23.27  ? 32  ASP B CB  1 
ATOM   888  C CG  A ASP B 1 32 ? -2.606  -10.859 -7.867  0.50 24.30  ? 32  ASP B CG  1 
ATOM   889  C CG  B ASP B 1 32 ? -2.131  -10.366 -9.625  0.50 23.95  ? 32  ASP B CG  1 
ATOM   890  O OD1 A ASP B 1 32 ? -1.796  -10.498 -6.984  0.50 27.27  ? 32  ASP B OD1 1 
ATOM   891  O OD1 B ASP B 1 32 ? -1.256  -9.602  -10.063 0.50 26.00  ? 32  ASP B OD1 1 
ATOM   892  O OD2 A ASP B 1 32 ? -2.906  -12.051 -8.049  0.50 27.17  ? 32  ASP B OD2 1 
ATOM   893  O OD2 B ASP B 1 32 ? -2.162  -11.592 -9.903  0.50 25.77  ? 32  ASP B OD2 1 
ATOM   894  N N   . LEU B 1 33 ? -6.941  -10.393 -8.569  1.00 21.11  ? 33  LEU B N   1 
ATOM   895  C CA  . LEU B 1 33 ? -8.040  -10.543 -7.600  1.00 21.31  ? 33  LEU B CA  1 
ATOM   896  C C   . LEU B 1 33 ? -7.950  -11.879 -6.891  1.00 21.63  ? 33  LEU B C   1 
ATOM   897  O O   . LEU B 1 33 ? -7.958  -12.936 -7.525  1.00 22.53  ? 33  LEU B O   1 
ATOM   898  C CB  . LEU B 1 33 ? -9.405  -10.438 -8.272  1.00 21.61  ? 33  LEU B CB  1 
ATOM   899  C CG  . LEU B 1 33 ? -9.981  -9.063  -8.598  1.00 20.76  ? 33  LEU B CG  1 
ATOM   900  C CD1 . LEU B 1 33 ? -9.078  -8.316  -9.586  1.00 20.98  ? 33  LEU B CD1 1 
ATOM   901  C CD2 . LEU B 1 33 ? -11.362 -9.258  -9.189  1.00 20.69  ? 33  LEU B CD2 1 
ATOM   902  N N   . LYS B 1 34 ? -7.855  -11.824 -5.579  1.00 22.08  ? 34  LYS B N   1 
ATOM   903  C CA  . LYS B 1 34 ? -7.856  -13.026 -4.761  1.00 22.98  ? 34  LYS B CA  1 
ATOM   904  C C   . LYS B 1 34 ? -9.042  -12.928 -3.817  1.00 23.41  ? 34  LYS B C   1 
ATOM   905  O O   . LYS B 1 34 ? -9.259  -11.889 -3.197  1.00 22.47  ? 34  LYS B O   1 
ATOM   906  C CB  . LYS B 1 34 ? -6.570  -13.092 -3.959  1.00 23.19  ? 34  LYS B CB  1 
ATOM   907  C CG  . LYS B 1 34 ? -5.291  -13.069 -4.805  1.00 25.72  ? 34  LYS B CG  1 
ATOM   908  C CD  . LYS B 1 34 ? -4.114  -12.804 -3.883  1.00 28.96  ? 34  LYS B CD  1 
ATOM   909  C CE  . LYS B 1 34 ? -2.841  -12.532 -4.647  1.00 33.20  ? 34  LYS B CE  1 
ATOM   910  N NZ  . LYS B 1 34 ? -2.006  -13.742 -4.787  1.00 34.34  ? 34  LYS B NZ  1 
ATOM   911  N N   . THR B 1 35 ? -9.789  -14.020 -3.684  1.00 23.84  ? 35  THR B N   1 
ATOM   912  C CA  . THR B 1 35 ? -10.975 -14.031 -2.821  1.00 24.77  ? 35  THR B CA  1 
ATOM   913  C C   . THR B 1 35 ? -10.993 -15.211 -1.855  1.00 25.69  ? 35  THR B C   1 
ATOM   914  O O   . THR B 1 35 ? -10.334 -16.233 -2.092  1.00 25.15  ? 35  THR B O   1 
ATOM   915  C CB  . THR B 1 35 ? -12.312 -13.999 -3.631  1.00 25.73  ? 35  THR B CB  1 
ATOM   916  O OG1 . THR B 1 35 ? -12.511 -15.247 -4.326  1.00 25.03  ? 35  THR B OG1 1 
ATOM   917  C CG2 . THR B 1 35 ? -12.340 -12.856 -4.636  1.00 25.13  ? 35  THR B CG2 1 
ATOM   918  N N   . ARG B 1 36 ? -11.748 -15.072 -0.765  1.00 26.51  ? 36  ARG B N   1 
ATOM   919  C CA  . ARG B 1 36 ? -11.913 -16.149 0.219   1.00 28.06  ? 36  ARG B CA  1 
ATOM   920  C C   . ARG B 1 36 ? -13.266 -15.990 0.888   1.00 28.44  ? 36  ARG B C   1 
ATOM   921  O O   . ARG B 1 36 ? -13.725 -14.868 1.086   1.00 27.17  ? 36  ARG B O   1 
ATOM   922  C CB  . ARG B 1 36 ? -10.824 -16.038 1.296   1.00 28.26  ? 36  ARG B CB  1 
ATOM   923  C CG  . ARG B 1 36 ? -10.410 -17.356 1.923   1.00 31.58  ? 36  ARG B CG  1 
ATOM   924  C CD  . ARG B 1 36 ? -10.109 -17.219 3.417   1.00 34.04  ? 36  ARG B CD  1 
ATOM   925  N NE  . ARG B 1 36 ? -9.520  -15.935 3.799   1.00 36.68  ? 36  ARG B NE  1 
ATOM   926  C CZ  . ARG B 1 36 ? -9.684  -15.361 4.991   1.00 37.29  ? 36  ARG B CZ  1 
ATOM   927  N NH1 . ARG B 1 36 ? -10.429 -15.949 5.925   1.00 37.55  ? 36  ARG B NH1 1 
ATOM   928  N NH2 . ARG B 1 36 ? -9.113  -14.190 5.247   1.00 37.31  ? 36  ARG B NH2 1 
ATOM   929  N N   . ARG B 1 37 ? -13.901 -17.107 1.255   1.00 29.36  ? 37  ARG B N   1 
ATOM   930  C CA  . ARG B 1 37 ? -15.105 -17.038 2.079   1.00 30.66  ? 37  ARG B CA  1 
ATOM   931  C C   . ARG B 1 37 ? -14.822 -17.541 3.492   1.00 30.05  ? 37  ARG B C   1 
ATOM   932  O O   . ARG B 1 37 ? -14.091 -18.517 3.680   1.00 30.24  ? 37  ARG B O   1 
ATOM   933  C CB  . ARG B 1 37 ? -16.272 -17.809 1.458   1.00 30.83  ? 37  ARG B CB  1 
ATOM   934  C CG  . ARG B 1 37 ? -17.582 -17.592 2.219   1.00 32.71  ? 37  ARG B CG  1 
ATOM   935  C CD  . ARG B 1 37 ? -18.778 -18.313 1.608   1.00 33.35  ? 37  ARG B CD  1 
ATOM   936  N NE  . ARG B 1 37 ? -18.972 -17.920 0.211   1.00 39.70  ? 37  ARG B NE  1 
ATOM   937  C CZ  . ARG B 1 37 ? -19.959 -18.355 -0.569  1.00 41.54  ? 37  ARG B CZ  1 
ATOM   938  N NH1 . ARG B 1 37 ? -20.878 -19.196 -0.098  1.00 42.59  ? 37  ARG B NH1 1 
ATOM   939  N NH2 . ARG B 1 37 ? -20.028 -17.945 -1.823  1.00 40.14  ? 37  ARG B NH2 1 
ATOM   940  N N   . ALA B 1 38 ? -15.374 -16.841 4.475   1.00 29.71  ? 38  ALA B N   1 
ATOM   941  C CA  . ALA B 1 38 ? -15.290 -17.232 5.875   1.00 29.32  ? 38  ALA B CA  1 
ATOM   942  C C   . ALA B 1 38 ? -16.687 -17.140 6.474   1.00 28.42  ? 38  ALA B C   1 
ATOM   943  O O   . ALA B 1 38 ? -17.052 -16.153 7.113   1.00 27.90  ? 38  ALA B O   1 
ATOM   944  C CB  . ALA B 1 38 ? -14.306 -16.332 6.623   1.00 29.83  ? 38  ALA B CB  1 
ATOM   945  N N   . GLY B 1 39 ? -17.477 -18.184 6.254   1.00 27.94  ? 39  GLY B N   1 
ATOM   946  C CA  . GLY B 1 39 ? -18.867 -18.173 6.705   1.00 27.03  ? 39  GLY B CA  1 
ATOM   947  C C   . GLY B 1 39 ? -19.634 -17.085 5.960   1.00 26.30  ? 39  GLY B C   1 
ATOM   948  O O   . GLY B 1 39 ? -19.601 -17.042 4.719   1.00 26.34  ? 39  GLY B O   1 
ATOM   949  N N   . PRO B 1 40 ? -20.315 -16.187 6.706   1.00 25.12  ? 40  PRO B N   1 
ATOM   950  C CA  . PRO B 1 40 ? -21.127 -15.140 6.079   1.00 24.31  ? 40  PRO B CA  1 
ATOM   951  C C   . PRO B 1 40 ? -20.288 -13.941 5.616   1.00 24.36  ? 40  PRO B C   1 
ATOM   952  O O   . PRO B 1 40 ? -20.826 -13.001 5.025   1.00 24.92  ? 40  PRO B O   1 
ATOM   953  C CB  . PRO B 1 40 ? -22.087 -14.731 7.206   1.00 24.63  ? 40  PRO B CB  1 
ATOM   954  C CG  . PRO B 1 40 ? -21.303 -14.944 8.439   1.00 24.62  ? 40  PRO B CG  1 
ATOM   955  C CD  . PRO B 1 40 ? -20.377 -16.109 8.183   1.00 25.01  ? 40  PRO B CD  1 
ATOM   956  N N   . ARG B 1 41 ? -18.984 -13.988 5.884   1.00 23.44  ? 41  ARG B N   1 
ATOM   957  C CA  . ARG B 1 41 ? -18.053 -12.945 5.473   1.00 22.69  ? 41  ARG B CA  1 
ATOM   958  C C   . ARG B 1 41 ? -17.273 -13.413 4.260   1.00 22.27  ? 41  ARG B C   1 
ATOM   959  O O   . ARG B 1 41 ? -17.086 -14.603 4.049   1.00 21.67  ? 41  ARG B O   1 
ATOM   960  C CB  . ARG B 1 41 ? -17.083 -12.621 6.608   1.00 22.47  ? 41  ARG B CB  1 
ATOM   961  C CG  . ARG B 1 41 ? -17.785 -12.384 7.945   1.00 24.22  ? 41  ARG B CG  1 
ATOM   962  C CD  . ARG B 1 41 ? -16.797 -12.065 9.024   1.00 28.97  ? 41  ARG B CD  1 
ATOM   963  N NE  . ARG B 1 41 ? -16.072 -10.840 8.733   1.00 32.80  ? 41  ARG B NE  1 
ATOM   964  C CZ  . ARG B 1 41 ? -15.117 -10.337 9.513   1.00 36.03  ? 41  ARG B CZ  1 
ATOM   965  N NH1 . ARG B 1 41 ? -14.790 -10.954 10.647  1.00 37.99  ? 41  ARG B NH1 1 
ATOM   966  N NH2 . ARG B 1 41 ? -14.501 -9.215  9.161   1.00 37.92  ? 41  ARG B NH2 1 
ATOM   967  N N   . SER B 1 42 ? -16.825 -12.461 3.456   1.00 21.48  ? 42  SER B N   1 
ATOM   968  C CA  . SER B 1 42 ? -15.930 -12.774 2.361   1.00 21.48  ? 42  SER B CA  1 
ATOM   969  C C   . SER B 1 42 ? -14.866 -11.709 2.261   1.00 21.39  ? 42  SER B C   1 
ATOM   970  O O   . SER B 1 42 ? -15.060 -10.582 2.747   1.00 20.58  ? 42  SER B O   1 
ATOM   971  C CB  . SER B 1 42 ? -16.709 -12.907 1.053   1.00 22.24  ? 42  SER B CB  1 
ATOM   972  O OG  . SER B 1 42 ? -17.596 -11.808 0.892   1.00 23.42  ? 42  SER B OG  1 
ATOM   973  N N   . PHE B 1 43 ? -13.746 -12.081 1.642   1.00 21.08  ? 43  PHE B N   1 
ATOM   974  C CA  . PHE B 1 43 ? -12.591 -11.201 1.554   1.00 21.85  ? 43  PHE B CA  1 
ATOM   975  C C   . PHE B 1 43 ? -12.115 -11.113 0.111   1.00 21.62  ? 43  PHE B C   1 
ATOM   976  O O   . PHE B 1 43 ? -12.191 -12.088 -0.655  1.00 22.16  ? 43  PHE B O   1 
ATOM   977  C CB  . PHE B 1 43 ? -11.480 -11.645 2.509   1.00 22.34  ? 43  PHE B CB  1 
ATOM   978  C CG  . PHE B 1 43 ? -11.922 -11.711 3.951   1.00 23.40  ? 43  PHE B CG  1 
ATOM   979  C CD1 . PHE B 1 43 ? -11.756 -10.612 4.790   1.00 25.94  ? 43  PHE B CD1 1 
ATOM   980  C CD2 . PHE B 1 43 ? -12.525 -12.860 4.458   1.00 24.83  ? 43  PHE B CD2 1 
ATOM   981  C CE1 . PHE B 1 43 ? -12.172 -10.654 6.122   1.00 26.61  ? 43  PHE B CE1 1 
ATOM   982  C CE2 . PHE B 1 43 ? -12.963 -12.911 5.806   1.00 27.05  ? 43  PHE B CE2 1 
ATOM   983  C CZ  . PHE B 1 43 ? -12.776 -11.801 6.627   1.00 25.69  ? 43  PHE B CZ  1 
ATOM   984  N N   . LEU B 1 44 ? -11.662 -9.915  -0.253  1.00 21.02  ? 44  LEU B N   1 
ATOM   985  C CA  . LEU B 1 44 ? -11.141 -9.654  -1.580  1.00 20.37  ? 44  LEU B CA  1 
ATOM   986  C C   . LEU B 1 44 ? -9.846  -8.886  -1.412  1.00 20.69  ? 44  LEU B C   1 
ATOM   987  O O   . LEU B 1 44 ? -9.781  -7.959  -0.599  1.00 20.63  ? 44  LEU B O   1 
ATOM   988  C CB  . LEU B 1 44 ? -12.132 -8.815  -2.402  1.00 20.48  ? 44  LEU B CB  1 
ATOM   989  C CG  . LEU B 1 44 ? -11.610 -8.220  -3.732  1.00 19.08  ? 44  LEU B CG  1 
ATOM   990  C CD1 . LEU B 1 44 ? -11.307 -9.324  -4.800  1.00 19.78  ? 44  LEU B CD1 1 
ATOM   991  C CD2 . LEU B 1 44 ? -12.599 -7.192  -4.276  1.00 20.37  ? 44  LEU B CD2 1 
ATOM   992  N N   . GLU B 1 45 ? -8.821  -9.262  -2.183  1.00 20.58  ? 45  GLU B N   1 
ATOM   993  C CA  . GLU B 1 45 ? -7.614  -8.454  -2.293  1.00 21.95  ? 45  GLU B CA  1 
ATOM   994  C C   . GLU B 1 45 ? -7.391  -8.208  -3.782  1.00 20.43  ? 45  GLU B C   1 
ATOM   995  O O   . GLU B 1 45 ? -7.601  -9.110  -4.591  1.00 20.43  ? 45  GLU B O   1 
ATOM   996  C CB  . GLU B 1 45 ? -6.427  -9.220  -1.669  1.00 22.24  ? 45  GLU B CB  1 
ATOM   997  C CG  . GLU B 1 45 ? -5.100  -8.490  -1.634  1.00 26.47  ? 45  GLU B CG  1 
ATOM   998  C CD  . GLU B 1 45 ? -3.987  -9.269  -0.915  1.00 26.55  ? 45  GLU B CD  1 
ATOM   999  O OE1 . GLU B 1 45 ? -4.030  -10.523 -0.866  1.00 32.02  ? 45  GLU B OE1 1 
ATOM   1000 O OE2 . GLU B 1 45 ? -3.047  -8.616  -0.399  1.00 32.70  ? 45  GLU B OE2 1 
ATOM   1001 N N   . PHE B 1 46 ? -7.017  -6.990  -4.165  1.00 19.19  ? 46  PHE B N   1 
ATOM   1002 C CA  . PHE B 1 46 ? -6.630  -6.748  -5.545  1.00 18.42  ? 46  PHE B CA  1 
ATOM   1003 C C   . PHE B 1 46 ? -5.622  -5.619  -5.664  1.00 19.12  ? 46  PHE B C   1 
ATOM   1004 O O   . PHE B 1 46 ? -5.437  -4.838  -4.716  1.00 18.37  ? 46  PHE B O   1 
ATOM   1005 C CB  . PHE B 1 46 ? -7.851  -6.516  -6.469  1.00 18.81  ? 46  PHE B CB  1 
ATOM   1006 C CG  . PHE B 1 46 ? -8.647  -5.270  -6.153  1.00 16.27  ? 46  PHE B CG  1 
ATOM   1007 C CD1 . PHE B 1 46 ? -8.446  -4.089  -6.851  1.00 18.85  ? 46  PHE B CD1 1 
ATOM   1008 C CD2 . PHE B 1 46 ? -9.647  -5.324  -5.181  1.00 17.19  ? 46  PHE B CD2 1 
ATOM   1009 C CE1 . PHE B 1 46 ? -9.218  -2.949  -6.562  1.00 18.96  ? 46  PHE B CE1 1 
ATOM   1010 C CE2 . PHE B 1 46 ? -10.417 -4.194  -4.869  1.00 18.73  ? 46  PHE B CE2 1 
ATOM   1011 C CZ  . PHE B 1 46 ? -10.189 -2.999  -5.560  1.00 18.88  ? 46  PHE B CZ  1 
ATOM   1012 N N   . HIS B 1 47 ? -4.978  -5.556  -6.823  1.00 18.53  ? 47  HIS B N   1 
ATOM   1013 C CA  . HIS B 1 47 ? -4.142  -4.414  -7.184  1.00 18.89  ? 47  HIS B CA  1 
ATOM   1014 C C   . HIS B 1 47 ? -4.891  -3.413  -8.054  1.00 18.63  ? 47  HIS B C   1 
ATOM   1015 O O   . HIS B 1 47 ? -5.535  -3.797  -9.024  1.00 19.09  ? 47  HIS B O   1 
ATOM   1016 C CB  . HIS B 1 47 ? -2.895  -4.900  -7.901  1.00 19.59  ? 47  HIS B CB  1 
ATOM   1017 C CG  . HIS B 1 47 ? -1.944  -5.593  -6.988  1.00 20.89  ? 47  HIS B CG  1 
ATOM   1018 N ND1 . HIS B 1 47 ? -0.651  -5.158  -6.785  1.00 26.98  ? 47  HIS B ND1 1 
ATOM   1019 C CD2 . HIS B 1 47 ? -2.119  -6.658  -6.176  1.00 21.80  ? 47  HIS B CD2 1 
ATOM   1020 C CE1 . HIS B 1 47 ? -0.063  -5.945  -5.902  1.00 26.18  ? 47  HIS B CE1 1 
ATOM   1021 N NE2 . HIS B 1 47 ? -0.932  -6.864  -5.519  1.00 27.14  ? 47  HIS B NE2 1 
ATOM   1022 N N   . LEU B 1 48 ? -4.747  -2.140  -7.698  1.00 17.27  ? 48  LEU B N   1 
ATOM   1023 C CA  . LEU B 1 48 ? -5.415  -1.023  -8.368  1.00 17.59  ? 48  LEU B CA  1 
ATOM   1024 C C   . LEU B 1 48 ? -4.334  -0.200  -9.036  1.00 18.04  ? 48  LEU B C   1 
ATOM   1025 O O   . LEU B 1 48 ? -3.484  0.379   -8.364  1.00 18.16  ? 48  LEU B O   1 
ATOM   1026 C CB  . LEU B 1 48 ? -6.167  -0.161  -7.343  1.00 17.79  ? 48  LEU B CB  1 
ATOM   1027 C CG  . LEU B 1 48 ? -6.871  1.093   -7.863  1.00 17.12  ? 48  LEU B CG  1 
ATOM   1028 C CD1 . LEU B 1 48 ? -7.985  0.734   -8.910  1.00 16.84  ? 48  LEU B CD1 1 
ATOM   1029 C CD2 . LEU B 1 48 ? -7.443  1.889   -6.667  1.00 18.85  ? 48  LEU B CD2 1 
ATOM   1030 N N   . VAL B 1 49 ? -4.370  -0.166  -10.362 1.00 17.49  ? 49  VAL B N   1 
ATOM   1031 C CA  . VAL B 1 49 ? -3.391  0.592   -11.141 1.00 17.28  ? 49  VAL B CA  1 
ATOM   1032 C C   . VAL B 1 49 ? -3.934  1.988   -11.449 1.00 17.73  ? 49  VAL B C   1 
ATOM   1033 O O   . VAL B 1 49 ? -5.015  2.122   -12.034 1.00 17.46  ? 49  VAL B O   1 
ATOM   1034 C CB  . VAL B 1 49 ? -3.072  -0.156  -12.468 1.00 17.34  ? 49  VAL B CB  1 
ATOM   1035 C CG1 . VAL B 1 49 ? -2.005  0.563   -13.249 1.00 16.84  ? 49  VAL B CG1 1 
ATOM   1036 C CG2 . VAL B 1 49 ? -2.648  -1.597  -12.177 1.00 17.15  ? 49  VAL B CG2 1 
ATOM   1037 N N   . VAL B 1 50 ? -3.166  3.013   -11.047 1.00 17.81  ? 50  VAL B N   1 
ATOM   1038 C CA  . VAL B 1 50 ? -3.514  4.411   -11.300 1.00 17.83  ? 50  VAL B CA  1 
ATOM   1039 C C   . VAL B 1 50 ? -2.467  5.070   -12.207 1.00 18.00  ? 50  VAL B C   1 
ATOM   1040 O O   . VAL B 1 50 ? -1.324  4.593   -12.292 1.00 19.09  ? 50  VAL B O   1 
ATOM   1041 C CB  . VAL B 1 50 ? -3.629  5.213   -9.971  1.00 17.40  ? 50  VAL B CB  1 
ATOM   1042 C CG1 . VAL B 1 50 ? -4.731  4.629   -9.099  1.00 18.37  ? 50  VAL B CG1 1 
ATOM   1043 C CG2 . VAL B 1 50 ? -2.287  5.239   -9.205  1.00 18.93  ? 50  VAL B CG2 1 
ATOM   1044 N N   . ARG B 1 51 ? -2.857  6.143   -12.891 1.00 18.23  ? 51  ARG B N   1 
ATOM   1045 C CA  . ARG B 1 51 ? -1.882  7.019   -13.577 1.00 19.22  ? 51  ARG B CA  1 
ATOM   1046 C C   . ARG B 1 51 ? -0.773  7.401   -12.614 1.00 18.58  ? 51  ARG B C   1 
ATOM   1047 O O   . ARG B 1 51 ? -1.029  7.636   -11.440 1.00 19.27  ? 51  ARG B O   1 
ATOM   1048 C CB  . ARG B 1 51 ? -2.524  8.342   -13.967 1.00 20.35  ? 51  ARG B CB  1 
ATOM   1049 C CG  . ARG B 1 51 ? -3.401  8.365   -15.154 1.00 21.34  ? 51  ARG B CG  1 
ATOM   1050 C CD  . ARG B 1 51 ? -3.519  9.843   -15.638 1.00 25.00  ? 51  ARG B CD  1 
ATOM   1051 N NE  . ARG B 1 51 ? -2.375  10.275  -16.463 1.00 25.90  ? 51  ARG B NE  1 
ATOM   1052 C CZ  . ARG B 1 51 ? -2.317  10.140  -17.788 1.00 26.17  ? 51  ARG B CZ  1 
ATOM   1053 N NH1 . ARG B 1 51 ? -3.313  9.572   -18.444 1.00 25.63  ? 51  ARG B NH1 1 
ATOM   1054 N NH2 . ARG B 1 51 ? -1.261  10.558  -18.462 1.00 26.57  ? 51  ARG B NH2 1 
ATOM   1055 N N   . GLY B 1 52 ? 0.463   7.502   -13.108 1.00 17.54  ? 52  GLY B N   1 
ATOM   1056 C CA  . GLY B 1 52 ? 1.568   7.910   -12.212 1.00 18.98  ? 52  GLY B CA  1 
ATOM   1057 C C   . GLY B 1 52 ? 1.364   9.254   -11.552 1.00 18.62  ? 52  GLY B C   1 
ATOM   1058 O O   . GLY B 1 52 ? 1.768   9.452   -10.398 1.00 19.13  ? 52  GLY B O   1 
ATOM   1059 N N   . ASP B 1 53 ? 0.727   10.189  -12.257 1.00 19.33  ? 53  ASP B N   1 
ATOM   1060 C CA  . ASP B 1 53 ? 0.518   11.535  -11.704 1.00 19.40  ? 53  ASP B CA  1 
ATOM   1061 C C   . ASP B 1 53 ? -0.664  11.663  -10.736 1.00 18.48  ? 53  ASP B C   1 
ATOM   1062 O O   . ASP B 1 53 ? -0.911  12.748  -10.199 1.00 19.50  ? 53  ASP B O   1 
ATOM   1063 C CB  . ASP B 1 53 ? 0.491   12.614  -12.812 1.00 20.54  ? 53  ASP B CB  1 
ATOM   1064 C CG  . ASP B 1 53 ? -0.598  12.383  -13.846 1.00 24.21  ? 53  ASP B CG  1 
ATOM   1065 O OD1 . ASP B 1 53 ? -1.439  11.504  -13.638 1.00 28.26  ? 53  ASP B OD1 1 
ATOM   1066 O OD2 . ASP B 1 53 ? -0.609  13.101  -14.857 1.00 30.18  ? 53  ASP B OD2 1 
ATOM   1067 N N   . THR B 1 54 ? -1.364  10.548  -10.470 1.00 16.82  ? 54  THR B N   1 
ATOM   1068 C CA  . THR B 1 54 ? -2.481  10.568  -9.542  1.00 17.22  ? 54  THR B CA  1 
ATOM   1069 C C   . THR B 1 54 ? -1.967  11.000  -8.161  1.00 17.30  ? 54  THR B C   1 
ATOM   1070 O O   . THR B 1 54 ? -1.054  10.370  -7.633  1.00 16.49  ? 54  THR B O   1 
ATOM   1071 C CB  . THR B 1 54 ? -3.125  9.173   -9.412  1.00 17.62  ? 54  THR B CB  1 
ATOM   1072 O OG1 . THR B 1 54 ? -3.505  8.700   -10.716 1.00 19.59  ? 54  THR B OG1 1 
ATOM   1073 C CG2 . THR B 1 54 ? -4.328  9.275   -8.521  1.00 18.38  ? 54  THR B CG2 1 
ATOM   1074 N N   . PRO B 1 55 ? -2.539  12.078  -7.591  1.00 16.45  ? 55  PRO B N   1 
ATOM   1075 C CA  . PRO B 1 55 ? -2.175  12.453  -6.218  1.00 15.99  ? 55  PRO B CA  1 
ATOM   1076 C C   . PRO B 1 55 ? -2.413  11.296  -5.234  1.00 15.37  ? 55  PRO B C   1 
ATOM   1077 O O   . PRO B 1 55 ? -3.421  10.575  -5.301  1.00 14.49  ? 55  PRO B O   1 
ATOM   1078 C CB  . PRO B 1 55 ? -3.122  13.619  -5.910  1.00 16.98  ? 55  PRO B CB  1 
ATOM   1079 C CG  . PRO B 1 55 ? -3.373  14.236  -7.233  1.00 16.56  ? 55  PRO B CG  1 
ATOM   1080 C CD  . PRO B 1 55 ? -3.496  13.041  -8.185  1.00 16.27  ? 55  PRO B CD  1 
ATOM   1081 N N   . VAL B 1 56 ? -1.499  11.154  -4.293  1.00 15.26  ? 56  VAL B N   1 
ATOM   1082 C CA  . VAL B 1 56 ? -1.659  10.148  -3.243  1.00 15.60  ? 56  VAL B CA  1 
ATOM   1083 C C   . VAL B 1 56 ? -2.995  10.324  -2.474  1.00 16.15  ? 56  VAL B C   1 
ATOM   1084 O O   . VAL B 1 56 ? -3.666  9.338   -2.170  1.00 15.26  ? 56  VAL B O   1 
ATOM   1085 C CB  . VAL B 1 56 ? -0.434  10.188  -2.311  1.00 15.75  ? 56  VAL B CB  1 
ATOM   1086 C CG1 . VAL B 1 56 ? -0.711  9.464   -0.986  1.00 17.25  ? 56  VAL B CG1 1 
ATOM   1087 C CG2 . VAL B 1 56 ? 0.793   9.580   -3.031  1.00 15.80  ? 56  VAL B CG2 1 
ATOM   1088 N N   . GLU B 1 57 ? -3.412  11.570  -2.216  1.00 15.99  ? 57  GLU B N   1 
ATOM   1089 C CA  . GLU B 1 57 ? -4.734  11.801  -1.579  1.00 16.12  ? 57  GLU B CA  1 
ATOM   1090 C C   . GLU B 1 57 ? -5.869  11.203  -2.401  1.00 16.30  ? 57  GLU B C   1 
ATOM   1091 O O   . GLU B 1 57 ? -6.788  10.592  -1.856  1.00 16.54  ? 57  GLU B O   1 
ATOM   1092 C CB  . GLU B 1 57 ? -5.006  13.299  -1.368  1.00 16.97  ? 57  GLU B CB  1 
ATOM   1093 C CG  . GLU B 1 57 ? -6.279  13.536  -0.527  1.00 21.67  ? 57  GLU B CG  1 
ATOM   1094 C CD  . GLU B 1 57 ? -6.241  12.750  0.796   1.00 28.05  ? 57  GLU B CD  1 
ATOM   1095 O OE1 . GLU B 1 57 ? -5.430  13.109  1.669   1.00 33.80  ? 57  GLU B OE1 1 
ATOM   1096 O OE2 . GLU B 1 57 ? -7.014  11.774  0.970   1.00 35.48  ? 57  GLU B OE2 1 
ATOM   1097 N N   . GLU B 1 58 ? -5.784  11.379  -3.713  1.00 15.87  ? 58  GLU B N   1 
ATOM   1098 C CA  . GLU B 1 58 ? -6.838  10.866  -4.604  1.00 16.50  ? 58  GLU B CA  1 
ATOM   1099 C C   . GLU B 1 58 ? -6.855  9.344   -4.648  1.00 17.00  ? 58  GLU B C   1 
ATOM   1100 O O   . GLU B 1 58 ? -7.923  8.742   -4.594  1.00 16.88  ? 58  GLU B O   1 
ATOM   1101 C CB  . GLU B 1 58 ? -6.666  11.461  -6.004  1.00 17.91  ? 58  GLU B CB  1 
ATOM   1102 C CG  . GLU B 1 58 ? -7.494  10.782  -7.114  1.00 18.44  ? 58  GLU B CG  1 
ATOM   1103 C CD  . GLU B 1 58 ? -9.038  10.736  -6.880  1.00 21.30  ? 58  GLU B CD  1 
ATOM   1104 O OE1 . GLU B 1 58 ? -9.601  11.348  -5.922  1.00 21.23  ? 58  GLU B OE1 1 
ATOM   1105 O OE2 . GLU B 1 58 ? -9.708  10.047  -7.685  1.00 22.87  ? 58  GLU B OE2 1 
ATOM   1106 N N   . ALA B 1 59 ? -5.680  8.722   -4.735  1.00 16.17  ? 59  ALA B N   1 
ATOM   1107 C CA  . ALA B 1 59 ? -5.604  7.263   -4.685  1.00 16.71  ? 59  ALA B CA  1 
ATOM   1108 C C   . ALA B 1 59 ? -6.208  6.726   -3.383  1.00 17.20  ? 59  ALA B C   1 
ATOM   1109 O O   . ALA B 1 59 ? -6.973  5.768   -3.414  1.00 17.30  ? 59  ALA B O   1 
ATOM   1110 C CB  . ALA B 1 59 ? -4.134  6.772   -4.844  1.00 17.46  ? 59  ALA B CB  1 
ATOM   1111 N N   . HIS B 1 60 ? -5.896  7.381   -2.256  1.00 17.77  ? 60  HIS B N   1 
ATOM   1112 C CA  . HIS B 1 60 ? -6.438  6.991   -0.953  1.00 18.65  ? 60  HIS B CA  1 
ATOM   1113 C C   . HIS B 1 60 ? -7.956  7.109   -0.894  1.00 18.12  ? 60  HIS B C   1 
ATOM   1114 O O   . HIS B 1 60 ? -8.647  6.182   -0.442  1.00 18.43  ? 60  HIS B O   1 
ATOM   1115 C CB  . HIS B 1 60 ? -5.758  7.803   0.169   1.00 19.08  ? 60  HIS B CB  1 
ATOM   1116 C CG  . HIS B 1 60 ? -6.437  7.681   1.497   1.00 23.20  ? 60  HIS B CG  1 
ATOM   1117 N ND1 . HIS B 1 60 ? -6.488  6.496   2.196   1.00 28.74  ? 60  HIS B ND1 1 
ATOM   1118 C CD2 . HIS B 1 60 ? -7.116  8.587   2.239   1.00 28.46  ? 60  HIS B CD2 1 
ATOM   1119 C CE1 . HIS B 1 60 ? -7.152  6.682   3.326   1.00 30.92  ? 60  HIS B CE1 1 
ATOM   1120 N NE2 . HIS B 1 60 ? -7.553  7.941   3.373   1.00 30.57  ? 60  HIS B NE2 1 
ATOM   1121 N N   . ARG B 1 61 ? -8.478  8.237   -1.382  1.00 17.09  ? 61  ARG B N   1 
ATOM   1122 C CA  . ARG B 1 61 ? -9.909  8.464   -1.410  1.00 17.52  ? 61  ARG B CA  1 
ATOM   1123 C C   . ARG B 1 61 ? -10.610 7.442   -2.286  1.00 16.72  ? 61  ARG B C   1 
ATOM   1124 O O   . ARG B 1 61 ? -11.653 6.918   -1.884  1.00 17.67  ? 61  ARG B O   1 
ATOM   1125 C CB  . ARG B 1 61 ? -10.224 9.889   -1.858  1.00 18.01  ? 61  ARG B CB  1 
ATOM   1126 C CG  . ARG B 1 61 ? -9.953  10.909  -0.772  1.00 18.75  ? 61  ARG B CG  1 
ATOM   1127 C CD  . ARG B 1 61 ? -10.535 12.253  -1.156  1.00 24.01  ? 61  ARG B CD  1 
ATOM   1128 N NE  . ARG B 1 61 ? -10.388 13.238  -0.083  1.00 25.53  ? 61  ARG B NE  1 
ATOM   1129 C CZ  . ARG B 1 61 ? -10.053 14.508  -0.298  1.00 28.63  ? 61  ARG B CZ  1 
ATOM   1130 N NH1 . ARG B 1 61 ? -9.804  14.927  -1.546  1.00 27.78  ? 61  ARG B NH1 1 
ATOM   1131 N NH2 . ARG B 1 61 ? -9.944  15.350  0.721   1.00 29.47  ? 61  ARG B NH2 1 
ATOM   1132 N N   . LEU B 1 62 ? -10.018 7.121   -3.442  1.00 16.20  ? 62  LEU B N   1 
ATOM   1133 C CA  . LEU B 1 62 ? -10.638 6.137   -4.340  1.00 16.47  ? 62  LEU B CA  1 
ATOM   1134 C C   . LEU B 1 62 ? -10.690 4.770   -3.667  1.00 16.02  ? 62  LEU B C   1 
ATOM   1135 O O   . LEU B 1 62 ? -11.699 4.083   -3.748  1.00 16.56  ? 62  LEU B O   1 
ATOM   1136 C CB  . LEU B 1 62 ? -9.874  6.068   -5.658  1.00 16.13  ? 62  LEU B CB  1 
ATOM   1137 C CG  . LEU B 1 62 ? -10.389 5.018   -6.646  1.00 17.89  ? 62  LEU B CG  1 
ATOM   1138 C CD1 . LEU B 1 62 ? -11.863 5.266   -6.996  1.00 18.82  ? 62  LEU B CD1 1 
ATOM   1139 C CD2 . LEU B 1 62 ? -9.489  5.054   -7.899  1.00 19.15  ? 62  LEU B CD2 1 
ATOM   1140 N N   . CYS B 1 63 ? -9.623  4.398   -2.960  1.00 17.17  ? 63  CYS B N   1 
ATOM   1141 C CA  . CYS B 1 63 ? -9.596  3.087   -2.294  1.00 17.41  ? 63  CYS B CA  1 
ATOM   1142 C C   . CYS B 1 63 ? -10.730 3.053   -1.266  1.00 17.53  ? 63  CYS B C   1 
ATOM   1143 O O   . CYS B 1 63 ? -11.477 2.076   -1.217  1.00 18.33  ? 63  CYS B O   1 
ATOM   1144 C CB  . CYS B 1 63 ? -8.264  2.844   -1.596  1.00 17.81  ? 63  CYS B CB  1 
ATOM   1145 S SG  . CYS B 1 63 ? -6.956  2.407   -2.773  1.00 20.38  ? 63  CYS B SG  1 
ATOM   1146 N N   . ASP B 1 64 ? -10.862 4.123   -0.468  1.00 17.45  ? 64  ASP B N   1 
ATOM   1147 C CA  . ASP B 1 64 ? -11.945 4.166   0.541   1.00 18.36  ? 64  ASP B CA  1 
ATOM   1148 C C   . ASP B 1 64 ? -13.328 4.040   -0.130  1.00 18.30  ? 64  ASP B C   1 
ATOM   1149 O O   . ASP B 1 64 ? -14.215 3.328   0.367   1.00 18.34  ? 64  ASP B O   1 
ATOM   1150 C CB  . ASP B 1 64 ? -11.884 5.460   1.359   1.00 18.72  ? 64  ASP B CB  1 
ATOM   1151 C CG  . ASP B 1 64 ? -10.786 5.447   2.414   1.00 22.95  ? 64  ASP B CG  1 
ATOM   1152 O OD1 . ASP B 1 64 ? -10.238 4.371   2.723   1.00 25.32  ? 64  ASP B OD1 1 
ATOM   1153 O OD2 . ASP B 1 64 ? -10.496 6.537   2.969   1.00 27.46  ? 64  ASP B OD2 1 
ATOM   1154 N N   . GLU B 1 65 ? -13.498 4.722   -1.259  1.00 17.42  ? 65  GLU B N   1 
ATOM   1155 C CA  . GLU B 1 65 ? -14.778 4.676   -1.986  1.00 18.31  ? 65  GLU B CA  1 
ATOM   1156 C C   . GLU B 1 65 ? -15.055 3.280   -2.527  1.00 17.10  ? 65  GLU B C   1 
ATOM   1157 O O   . GLU B 1 65 ? -16.200 2.794   -2.435  1.00 17.73  ? 65  GLU B O   1 
ATOM   1158 C CB  . GLU B 1 65 ? -14.798 5.705   -3.109  1.00 19.05  ? 65  GLU B CB  1 
ATOM   1159 C CG  A GLU B 1 65 ? -14.782 7.136   -2.610  0.50 20.45  ? 65  GLU B CG  1 
ATOM   1160 C CG  B GLU B 1 65 ? -15.951 5.583   -4.145  0.50 18.66  ? 65  GLU B CG  1 
ATOM   1161 C CD  A GLU B 1 65 ? -14.604 8.154   -3.723  0.50 22.69  ? 65  GLU B CD  1 
ATOM   1162 C CD  B GLU B 1 65 ? -17.371 5.665   -3.568  0.50 22.09  ? 65  GLU B CD  1 
ATOM   1163 O OE1 A GLU B 1 65 ? -13.842 9.133   -3.538  0.50 16.92  ? 65  GLU B OE1 1 
ATOM   1164 O OE1 B GLU B 1 65 ? -18.300 5.069   -4.187  0.50 23.03  ? 65  GLU B OE1 1 
ATOM   1165 O OE2 A GLU B 1 65 ? -15.232 7.956   -4.789  0.50 28.36  ? 65  GLU B OE2 1 
ATOM   1166 O OE2 B GLU B 1 65 ? -17.575 6.323   -2.521  0.50 22.64  ? 65  GLU B OE2 1 
ATOM   1167 N N   . LEU B 1 66 ? -14.030 2.649   -3.111  1.00 16.57  ? 66  LEU B N   1 
ATOM   1168 C CA  . LEU B 1 66 ? -14.200 1.300   -3.674  1.00 16.18  ? 66  LEU B CA  1 
ATOM   1169 C C   . LEU B 1 66 ? -14.527 0.307   -2.576  1.00 17.57  ? 66  LEU B C   1 
ATOM   1170 O O   . LEU B 1 66 ? -15.373 -0.597  -2.768  1.00 17.17  ? 66  LEU B O   1 
ATOM   1171 C CB  . LEU B 1 66 ? -12.946 0.879   -4.434  1.00 16.57  ? 66  LEU B CB  1 
ATOM   1172 C CG  . LEU B 1 66 ? -12.706 1.659   -5.716  1.00 16.91  ? 66  LEU B CG  1 
ATOM   1173 C CD1 . LEU B 1 66 ? -11.380 1.175   -6.289  1.00 16.97  ? 66  LEU B CD1 1 
ATOM   1174 C CD2 . LEU B 1 66 ? -13.851 1.445   -6.748  1.00 20.72  ? 66  LEU B CD2 1 
ATOM   1175 N N   . GLU B 1 67 ? -13.870 0.466   -1.424  1.00 17.61  ? 67  GLU B N   1 
ATOM   1176 C CA  . GLU B 1 67 ? -14.153 -0.436  -0.292  1.00 19.40  ? 67  GLU B CA  1 
ATOM   1177 C C   . GLU B 1 67 ? -15.611 -0.352  0.139   1.00 18.58  ? 67  GLU B C   1 
ATOM   1178 O O   . GLU B 1 67 ? -16.267 -1.400  0.322   1.00 18.21  ? 67  GLU B O   1 
ATOM   1179 C CB  . GLU B 1 67 ? -13.185 -0.172  0.873   1.00 19.32  ? 67  GLU B CB  1 
ATOM   1180 C CG  . GLU B 1 67 ? -11.714 -0.602  0.558   1.00 22.53  ? 67  GLU B CG  1 
ATOM   1181 C CD  . GLU B 1 67 ? -10.662 0.131   1.391   1.00 25.02  ? 67  GLU B CD  1 
ATOM   1182 O OE1 . GLU B 1 67 ? -11.012 0.751   2.413   1.00 29.76  ? 67  GLU B OE1 1 
ATOM   1183 O OE2 . GLU B 1 67 ? -9.480  0.119   0.980   1.00 30.93  ? 67  GLU B OE2 1 
ATOM   1184 N N   . ARG B 1 68 ? -16.107 0.881   0.304   1.00 18.43  ? 68  ARG B N   1 
ATOM   1185 C CA  . ARG B 1 68 ? -17.509 1.160   0.664   1.00 19.05  ? 68  ARG B CA  1 
ATOM   1186 C C   . ARG B 1 68 ? -18.449 0.596   -0.401  1.00 18.40  ? 68  ARG B C   1 
ATOM   1187 O O   . ARG B 1 68 ? -19.429 -0.078  -0.067  1.00 18.48  ? 68  ARG B O   1 
ATOM   1188 C CB  . ARG B 1 68 ? -17.746 2.677   0.764   1.00 19.45  ? 68  ARG B CB  1 
ATOM   1189 C CG  A ARG B 1 68 ? -17.125 3.373   1.962   0.50 19.60  ? 68  ARG B CG  1 
ATOM   1190 C CG  B ARG B 1 68 ? -19.107 3.101   1.233   0.50 20.17  ? 68  ARG B CG  1 
ATOM   1191 C CD  A ARG B 1 68 ? -17.652 4.831   2.123   0.50 19.93  ? 68  ARG B CD  1 
ATOM   1192 C CD  B ARG B 1 68 ? -19.452 4.504   0.705   0.50 24.53  ? 68  ARG B CD  1 
ATOM   1193 N NE  A ARG B 1 68 ? -17.399 5.711   0.969   0.50 22.43  ? 68  ARG B NE  1 
ATOM   1194 N NE  B ARG B 1 68 ? -19.537 4.531   -0.758  0.50 27.00  ? 68  ARG B NE  1 
ATOM   1195 C CZ  A ARG B 1 68 ? -16.345 6.521   0.846   0.50 21.91  ? 68  ARG B CZ  1 
ATOM   1196 C CZ  B ARG B 1 68 ? -20.465 3.891   -1.471  0.50 28.12  ? 68  ARG B CZ  1 
ATOM   1197 N NH1 A ARG B 1 68 ? -15.422 6.559   1.804   0.50 21.66  ? 68  ARG B NH1 1 
ATOM   1198 N NH1 B ARG B 1 68 ? -21.407 3.181   -0.868  0.50 28.45  ? 68  ARG B NH1 1 
ATOM   1199 N NH2 A ARG B 1 68 ? -16.208 7.292   -0.239  0.50 16.38  ? 68  ARG B NH2 1 
ATOM   1200 N NH2 B ARG B 1 68 ? -20.456 3.966   -2.795  0.50 28.45  ? 68  ARG B NH2 1 
ATOM   1201 N N   . ALA B 1 69 ? -18.130 0.869   -1.671  1.00 18.02  ? 69  ALA B N   1 
ATOM   1202 C CA  . ALA B 1 69 ? -18.983 0.436   -2.795  1.00 17.76  ? 69  ALA B CA  1 
ATOM   1203 C C   . ALA B 1 69 ? -19.090 -1.085  -2.852  1.00 17.46  ? 69  ALA B C   1 
ATOM   1204 O O   . ALA B 1 69 ? -20.178 -1.627  -3.055  1.00 17.57  ? 69  ALA B O   1 
ATOM   1205 C CB  . ALA B 1 69 ? -18.478 1.002   -4.117  1.00 18.30  ? 69  ALA B CB  1 
ATOM   1206 N N   . LEU B 1 70 ? -17.965 -1.755  -2.637  1.00 16.30  ? 70  LEU B N   1 
ATOM   1207 C CA  . LEU B 1 70 ? -17.916 -3.222  -2.656  1.00 16.99  ? 70  LEU B CA  1 
ATOM   1208 C C   . LEU B 1 70 ? -18.735 -3.794  -1.512  1.00 17.80  ? 70  LEU B C   1 
ATOM   1209 O O   . LEU B 1 70 ? -19.436 -4.787  -1.710  1.00 18.15  ? 70  LEU B O   1 
ATOM   1210 C CB  . LEU B 1 70 ? -16.477 -3.717  -2.540  1.00 17.28  ? 70  LEU B CB  1 
ATOM   1211 C CG  . LEU B 1 70 ? -15.732 -3.648  -3.877  1.00 15.94  ? 70  LEU B CG  1 
ATOM   1212 C CD1 . LEU B 1 70 ? -14.218 -3.721  -3.611  1.00 19.26  ? 70  LEU B CD1 1 
ATOM   1213 C CD2 . LEU B 1 70 ? -16.212 -4.743  -4.840  1.00 17.86  ? 70  LEU B CD2 1 
ATOM   1214 N N   . ALA B 1 71 ? -18.629 -3.191  -0.330  1.00 18.11  ? 71  ALA B N   1 
ATOM   1215 C CA  . ALA B 1 71 ? -19.375 -3.683  0.836   1.00 18.34  ? 71  ALA B CA  1 
ATOM   1216 C C   . ALA B 1 71 ? -20.885 -3.576  0.592   1.00 18.98  ? 71  ALA B C   1 
ATOM   1217 O O   . ALA B 1 71 ? -21.662 -4.413  1.087   1.00 19.82  ? 71  ALA B O   1 
ATOM   1218 C CB  . ALA B 1 71 ? -18.964 -2.917  2.102   1.00 18.95  ? 71  ALA B CB  1 
ATOM   1219 N N   . GLN B 1 72 ? -21.309 -2.556  -0.160  1.00 17.83  ? 72  GLN B N   1 
ATOM   1220 C CA  . GLN B 1 72 ? -22.742 -2.344  -0.419  1.00 18.94  ? 72  GLN B CA  1 
ATOM   1221 C C   . GLN B 1 72 ? -23.241 -3.302  -1.488  1.00 18.16  ? 72  GLN B C   1 
ATOM   1222 O O   . GLN B 1 72 ? -24.349 -3.839  -1.377  1.00 19.17  ? 72  GLN B O   1 
ATOM   1223 C CB  . GLN B 1 72 ? -22.996 -0.894  -0.845  1.00 19.25  ? 72  GLN B CB  1 
ATOM   1224 C CG  . GLN B 1 72 ? -24.448 -0.486  -1.006  1.00 21.08  ? 72  GLN B CG  1 
ATOM   1225 C CD  . GLN B 1 72 ? -25.147 -1.029  -2.249  1.00 22.46  ? 72  GLN B CD  1 
ATOM   1226 O OE1 . GLN B 1 72 ? -24.557 -1.171  -3.322  1.00 22.93  ? 72  GLN B OE1 1 
ATOM   1227 N NE2 . GLN B 1 72 ? -26.435 -1.326  -2.094  1.00 24.95  ? 72  GLN B NE2 1 
ATOM   1228 N N   . ALA B 1 73 ? -22.426 -3.509  -2.524  1.00 17.60  ? 73  ALA B N   1 
ATOM   1229 C CA  . ALA B 1 73 ? -22.843 -4.302  -3.686  1.00 17.45  ? 73  ALA B CA  1 
ATOM   1230 C C   . ALA B 1 73 ? -22.754 -5.803  -3.444  1.00 17.95  ? 73  ALA B C   1 
ATOM   1231 O O   . ALA B 1 73 ? -23.450 -6.581  -4.127  1.00 17.96  ? 73  ALA B O   1 
ATOM   1232 C CB  . ALA B 1 73 ? -22.037 -3.912  -4.928  1.00 18.40  ? 73  ALA B CB  1 
ATOM   1233 N N   . PHE B 1 74 ? -21.863 -6.201  -2.532  1.00 17.56  ? 74  PHE B N   1 
ATOM   1234 C CA  . PHE B 1 74 ? -21.586 -7.612  -2.208  1.00 18.16  ? 74  PHE B CA  1 
ATOM   1235 C C   . PHE B 1 74 ? -21.602 -7.728  -0.686  1.00 18.56  ? 74  PHE B C   1 
ATOM   1236 O O   . PHE B 1 74 ? -20.561 -7.594  -0.027  1.00 18.51  ? 74  PHE B O   1 
ATOM   1237 C CB  . PHE B 1 74 ? -20.239 -8.059  -2.797  1.00 17.85  ? 74  PHE B CB  1 
ATOM   1238 C CG  . PHE B 1 74 ? -20.157 -7.880  -4.299  1.00 17.53  ? 74  PHE B CG  1 
ATOM   1239 C CD1 . PHE B 1 74 ? -20.648 -8.856  -5.158  1.00 18.55  ? 74  PHE B CD1 1 
ATOM   1240 C CD2 . PHE B 1 74 ? -19.636 -6.699  -4.838  1.00 17.71  ? 74  PHE B CD2 1 
ATOM   1241 C CE1 . PHE B 1 74 ? -20.608 -8.695  -6.540  1.00 17.80  ? 74  PHE B CE1 1 
ATOM   1242 C CE2 . PHE B 1 74 ? -19.590 -6.513  -6.226  1.00 19.58  ? 74  PHE B CE2 1 
ATOM   1243 C CZ  . PHE B 1 74 ? -20.083 -7.517  -7.078  1.00 18.22  ? 74  PHE B CZ  1 
ATOM   1244 N N   . PRO B 1 75 ? -22.805 -7.892  -0.112  1.00 19.36  ? 75  PRO B N   1 
ATOM   1245 C CA  . PRO B 1 75 ? -22.936 -7.961  1.342   1.00 19.28  ? 75  PRO B CA  1 
ATOM   1246 C C   . PRO B 1 75 ? -21.938 -8.931  2.000   1.00 19.80  ? 75  PRO B C   1 
ATOM   1247 O O   . PRO B 1 75 ? -21.834 -10.108 1.582   1.00 19.90  ? 75  PRO B O   1 
ATOM   1248 C CB  . PRO B 1 75 ? -24.388 -8.436  1.539   1.00 19.92  ? 75  PRO B CB  1 
ATOM   1249 C CG  . PRO B 1 75 ? -25.113 -7.883  0.327   1.00 19.72  ? 75  PRO B CG  1 
ATOM   1250 C CD  . PRO B 1 75 ? -24.110 -7.989  -0.800  1.00 20.08  ? 75  PRO B CD  1 
ATOM   1251 N N   . GLY B 1 76 ? -21.235 -8.418  3.012   1.00 19.91  ? 76  GLY B N   1 
ATOM   1252 C CA  . GLY B 1 76 ? -20.267 -9.189  3.780   1.00 19.48  ? 76  GLY B CA  1 
ATOM   1253 C C   . GLY B 1 76 ? -18.871 -9.196  3.213   1.00 19.57  ? 76  GLY B C   1 
ATOM   1254 O O   . GLY B 1 76 ? -17.955 -9.730  3.843   1.00 19.86  ? 76  GLY B O   1 
ATOM   1255 N N   . LEU B 1 77 ? -18.685 -8.569  2.045   1.00 19.34  ? 77  LEU B N   1 
ATOM   1256 C CA  . LEU B 1 77 ? -17.370 -8.531  1.407   1.00 19.34  ? 77  LEU B CA  1 
ATOM   1257 C C   . LEU B 1 77 ? -16.500 -7.391  1.914   1.00 20.27  ? 77  LEU B C   1 
ATOM   1258 O O   . LEU B 1 77 ? -16.924 -6.230  1.889   1.00 19.91  ? 77  LEU B O   1 
ATOM   1259 C CB  . LEU B 1 77 ? -17.505 -8.401  -0.115  1.00 19.51  ? 77  LEU B CB  1 
ATOM   1260 C CG  . LEU B 1 77 ? -16.211 -8.422  -0.927  1.00 19.45  ? 77  LEU B CG  1 
ATOM   1261 C CD1 . LEU B 1 77 ? -15.616 -9.834  -0.905  1.00 20.53  ? 77  LEU B CD1 1 
ATOM   1262 C CD2 . LEU B 1 77 ? -16.515 -7.988  -2.344  1.00 20.26  ? 77  LEU B CD2 1 
ATOM   1263 N N   . GLN B 1 78 ? -15.273 -7.735  2.317   1.00 20.50  ? 78  GLN B N   1 
ATOM   1264 C CA  . GLN B 1 78 ? -14.301 -6.733  2.756   1.00 21.45  ? 78  GLN B CA  1 
ATOM   1265 C C   . GLN B 1 78 ? -13.093 -6.769  1.841   1.00 21.66  ? 78  GLN B C   1 
ATOM   1266 O O   . GLN B 1 78 ? -12.513 -7.829  1.624   1.00 21.58  ? 78  GLN B O   1 
ATOM   1267 C CB  . GLN B 1 78 ? -13.862 -6.992  4.196   1.00 22.69  ? 78  GLN B CB  1 
ATOM   1268 C CG  . GLN B 1 78 ? -14.902 -6.587  5.215   1.00 27.39  ? 78  GLN B CG  1 
ATOM   1269 C CD  . GLN B 1 78 ? -14.508 -6.969  6.625   1.00 31.28  ? 78  GLN B CD  1 
ATOM   1270 O OE1 . GLN B 1 78 ? -15.236 -7.685  7.304   1.00 36.12  ? 78  GLN B OE1 1 
ATOM   1271 N NE2 . GLN B 1 78 ? -13.352 -6.493  7.071   1.00 34.79  ? 78  GLN B NE2 1 
ATOM   1272 N N   . ALA B 1 79 ? -12.695 -5.602  1.333   1.00 21.34  ? 79  ALA B N   1 
ATOM   1273 C CA  . ALA B 1 79 ? -11.602 -5.530  0.356   1.00 21.50  ? 79  ALA B CA  1 
ATOM   1274 C C   . ALA B 1 79 ? -10.338 -4.883  0.943   1.00 22.19  ? 79  ALA B C   1 
ATOM   1275 O O   . ALA B 1 79 ? -10.424 -3.954  1.775   1.00 21.67  ? 79  ALA B O   1 
ATOM   1276 C CB  . ALA B 1 79 ? -12.059 -4.774  -0.880  1.00 21.93  ? 79  ALA B CB  1 
ATOM   1277 N N   . THR B 1 80 ? -9.188  -5.386  0.491   1.00 22.16  ? 80  THR B N   1 
ATOM   1278 C CA  . THR B 1 80 ? -7.885  -4.805  0.760   1.00 22.86  ? 80  THR B CA  1 
ATOM   1279 C C   . THR B 1 80 ? -7.299  -4.470  -0.611  1.00 21.48  ? 80  THR B C   1 
ATOM   1280 O O   . THR B 1 80 ? -7.332  -5.308  -1.513  1.00 22.69  ? 80  THR B O   1 
ATOM   1281 C CB  . THR B 1 80 ? -6.980  -5.832  1.487   1.00 23.68  ? 80  THR B CB  1 
ATOM   1282 O OG1 . THR B 1 80 ? -7.628  -6.238  2.701   1.00 27.92  ? 80  THR B OG1 1 
ATOM   1283 C CG2 . THR B 1 80 ? -5.649  -5.234  1.831   1.00 26.18  ? 80  THR B CG2 1 
ATOM   1284 N N   . ILE B 1 81 ? -6.778  -3.251  -0.760  1.00 20.37  ? 81  ILE B N   1 
ATOM   1285 C CA  . ILE B 1 81 ? -6.373  -2.748  -2.076  1.00 19.86  ? 81  ILE B CA  1 
ATOM   1286 C C   . ILE B 1 81 ? -4.924  -2.301  -2.060  1.00 21.15  ? 81  ILE B C   1 
ATOM   1287 O O   . ILE B 1 81 ? -4.516  -1.544  -1.179  1.00 21.94  ? 81  ILE B O   1 
ATOM   1288 C CB  . ILE B 1 81 ? -7.298  -1.572  -2.544  1.00 19.16  ? 81  ILE B CB  1 
ATOM   1289 C CG1 . ILE B 1 81 ? -8.773  -2.007  -2.483  1.00 18.92  ? 81  ILE B CG1 1 
ATOM   1290 C CG2 . ILE B 1 81 ? -6.869  -1.082  -3.932  1.00 20.06  ? 81  ILE B CG2 1 
ATOM   1291 C CD1 . ILE B 1 81 ? -9.824  -0.868  -2.779  1.00 20.09  ? 81  ILE B CD1 1 
ATOM   1292 N N   . HIS B 1 82 ? -4.169  -2.781  -3.042  1.00 21.18  ? 82  HIS B N   1 
ATOM   1293 C CA  . HIS B 1 82 ? -2.786  -2.348  -3.258  1.00 22.06  ? 82  HIS B CA  1 
ATOM   1294 C C   . HIS B 1 82 ? -2.703  -1.391  -4.435  1.00 21.87  ? 82  HIS B C   1 
ATOM   1295 O O   . HIS B 1 82 ? -2.920  -1.794  -5.588  1.00 22.03  ? 82  HIS B O   1 
ATOM   1296 C CB  . HIS B 1 82 ? -1.913  -3.567  -3.504  1.00 23.19  ? 82  HIS B CB  1 
ATOM   1297 C CG  . HIS B 1 82 ? -2.061  -4.614  -2.445  1.00 26.82  ? 82  HIS B CG  1 
ATOM   1298 N ND1 . HIS B 1 82 ? -1.503  -4.479  -1.194  1.00 32.26  ? 82  HIS B ND1 1 
ATOM   1299 C CD2 . HIS B 1 82 ? -2.731  -5.790  -2.436  1.00 29.71  ? 82  HIS B CD2 1 
ATOM   1300 C CE1 . HIS B 1 82 ? -1.816  -5.531  -0.457  1.00 32.10  ? 82  HIS B CE1 1 
ATOM   1301 N NE2 . HIS B 1 82 ? -2.558  -6.342  -1.190  1.00 32.00  ? 82  HIS B NE2 1 
ATOM   1302 N N   . VAL B 1 83 ? -2.379  -0.127  -4.156  1.00 21.17  ? 83  VAL B N   1 
ATOM   1303 C CA  . VAL B 1 83 ? -2.258  0.881   -5.216  1.00 20.94  ? 83  VAL B CA  1 
ATOM   1304 C C   . VAL B 1 83 ? -0.897  0.768   -5.873  1.00 20.63  ? 83  VAL B C   1 
ATOM   1305 O O   . VAL B 1 83 ? 0.134   0.611   -5.194  1.00 20.91  ? 83  VAL B O   1 
ATOM   1306 C CB  . VAL B 1 83 ? -2.395  2.328   -4.663  1.00 20.87  ? 83  VAL B CB  1 
ATOM   1307 C CG1 . VAL B 1 83 ? -2.052  3.372   -5.704  1.00 21.91  ? 83  VAL B CG1 1 
ATOM   1308 C CG2 . VAL B 1 83 ? -3.801  2.551   -4.115  1.00 23.41  ? 83  VAL B CG2 1 
ATOM   1309 N N   . GLU B 1 84 ? -0.890  0.894   -7.193  1.00 20.78  ? 84  GLU B N   1 
ATOM   1310 C CA  . GLU B 1 84 ? 0.385   0.918   -7.918  1.00 21.98  ? 84  GLU B CA  1 
ATOM   1311 C C   . GLU B 1 84 ? 0.309   1.831   -9.102  1.00 21.24  ? 84  GLU B C   1 
ATOM   1312 O O   . GLU B 1 84 ? -0.730  1.910   -9.754  1.00 21.17  ? 84  GLU B O   1 
ATOM   1313 C CB  . GLU B 1 84 ? 0.766   -0.490  -8.359  1.00 23.89  ? 84  GLU B CB  1 
ATOM   1314 C CG  . GLU B 1 84 ? -0.261  -1.185  -9.195  1.00 27.41  ? 84  GLU B CG  1 
ATOM   1315 C CD  . GLU B 1 84 ? 0.118   -2.643  -9.457  1.00 31.08  ? 84  GLU B CD  1 
ATOM   1316 O OE1 . GLU B 1 84 ? 0.407   -3.375  -8.492  1.00 35.11  ? 84  GLU B OE1 1 
ATOM   1317 O OE2 . GLU B 1 84 ? 0.134   -3.050  -10.630 1.00 34.34  ? 84  GLU B OE2 1 
ATOM   1318 N N   . PRO B 1 85 ? 1.414   2.544   -9.397  1.00 20.42  ? 85  PRO B N   1 
ATOM   1319 C CA  . PRO B 1 85 ? 1.417   3.403   -10.561 1.00 20.67  ? 85  PRO B CA  1 
ATOM   1320 C C   . PRO B 1 85 ? 1.556   2.561   -11.843 1.00 20.95  ? 85  PRO B C   1 
ATOM   1321 O O   . PRO B 1 85 ? 2.188   1.493   -11.816 1.00 21.80  ? 85  PRO B O   1 
ATOM   1322 C CB  . PRO B 1 85 ? 2.656   4.274   -10.336 1.00 20.83  ? 85  PRO B CB  1 
ATOM   1323 C CG  . PRO B 1 85 ? 3.587   3.375   -9.578  1.00 20.68  ? 85  PRO B CG  1 
ATOM   1324 C CD  . PRO B 1 85 ? 2.707   2.565   -8.678  1.00 20.62  ? 85  PRO B CD  1 
ATOM   1325 N N   . GLU B 1 86 ? 0.971   3.055   -12.932 1.00 22.02  ? 86  GLU B N   1 
ATOM   1326 C CA  . GLU B 1 86 ? 1.070   2.429   -14.243 1.00 24.82  ? 86  GLU B CA  1 
ATOM   1327 C C   . GLU B 1 86 ? 2.535   2.238   -14.597 1.00 24.54  ? 86  GLU B C   1 
ATOM   1328 O O   . GLU B 1 86 ? 3.357   3.139   -14.366 1.00 23.86  ? 86  GLU B O   1 
ATOM   1329 C CB  . GLU B 1 86 ? 0.417   3.299   -15.314 1.00 24.71  ? 86  GLU B CB  1 
ATOM   1330 C CG  . GLU B 1 86 ? 0.154   2.556   -16.619 1.00 27.81  ? 86  GLU B CG  1 
ATOM   1331 C CD  . GLU B 1 86 ? -0.418  3.442   -17.711 1.00 29.36  ? 86  GLU B CD  1 
ATOM   1332 O OE1 . GLU B 1 86 ? -0.142  4.671   -17.718 1.00 34.14  ? 86  GLU B OE1 1 
ATOM   1333 O OE2 . GLU B 1 86 ? -1.171  2.900   -18.551 1.00 34.57  ? 86  GLU B OE2 1 
ATOM   1334 N N   . GLY B 1 87 ? 2.836   1.061   -15.140 1.00 25.02  ? 87  GLY B N   1 
ATOM   1335 C CA  . GLY B 1 87 ? 4.172   0.770   -15.660 1.00 26.83  ? 87  GLY B CA  1 
ATOM   1336 C C   . GLY B 1 87 ? 5.216   0.732   -14.561 1.00 27.49  ? 87  GLY B C   1 
ATOM   1337 O O   . GLY B 1 87 ? 6.408   0.587   -14.851 1.00 29.21  ? 87  GLY B O   1 
HETATM 1338 S S   . SO4 C 2 .  ? 6.423   5.672   15.838  1.00 44.09  ? 95  SO4 A S   1 
HETATM 1339 O O1  . SO4 C 2 .  ? 7.074   6.804   15.190  1.00 47.27  ? 95  SO4 A O1  1 
HETATM 1340 O O2  . SO4 C 2 .  ? 4.980   5.736   15.615  1.00 45.35  ? 95  SO4 A O2  1 
HETATM 1341 O O3  . SO4 C 2 .  ? 6.964   4.440   15.279  1.00 45.81  ? 95  SO4 A O3  1 
HETATM 1342 O O4  . SO4 C 2 .  ? 6.697   5.729   17.266  1.00 46.60  ? 95  SO4 A O4  1 
HETATM 1343 S S   . SO4 D 2 .  ? -6.619  -11.241 -12.447 0.50 32.97  ? 95  SO4 B S   1 
HETATM 1344 O O1  . SO4 D 2 .  ? -7.050  -9.894  -12.782 0.50 33.26  ? 95  SO4 B O1  1 
HETATM 1345 O O2  . SO4 D 2 .  ? -7.178  -11.651 -11.162 0.50 31.89  ? 95  SO4 B O2  1 
HETATM 1346 O O3  . SO4 D 2 .  ? -7.113  -12.120 -13.493 0.50 33.03  ? 95  SO4 B O3  1 
HETATM 1347 O O4  . SO4 D 2 .  ? -5.166  -11.283 -12.382 0.50 32.59  ? 95  SO4 B O4  1 
HETATM 1348 S S   . SO4 E 2 .  ? 2.036   9.987   -16.094 1.00 44.67  ? 96  SO4 B S   1 
HETATM 1349 O O1  . SO4 E 2 .  ? 3.256   9.973   -15.279 1.00 46.24  ? 96  SO4 B O1  1 
HETATM 1350 O O2  . SO4 E 2 .  ? 2.017   11.249  -16.826 1.00 47.45  ? 96  SO4 B O2  1 
HETATM 1351 O O3  . SO4 E 2 .  ? 2.056   8.881   -17.054 1.00 44.49  ? 96  SO4 B O3  1 
HETATM 1352 O O4  . SO4 E 2 .  ? 0.845   9.890   -15.256 1.00 42.25  ? 96  SO4 B O4  1 
HETATM 1353 O O   . HOH F 3 .  ? 21.641  6.354   11.263  1.00 23.21  ? 96  HOH A O   1 
HETATM 1354 O O   . HOH F 3 .  ? 5.803   15.123  1.071   1.00 22.69  ? 97  HOH A O   1 
HETATM 1355 O O   . HOH F 3 .  ? 19.508  -1.286  22.090  1.00 25.18  ? 98  HOH A O   1 
HETATM 1356 O O   . HOH F 3 .  ? 22.633  3.592   18.176  1.00 22.03  ? 99  HOH A O   1 
HETATM 1357 O O   . HOH F 3 .  ? 18.921  -5.638  11.141  1.00 27.64  ? 100 HOH A O   1 
HETATM 1358 O O   . HOH F 3 .  ? 10.560  10.290  -5.600  1.00 31.71  ? 101 HOH A O   1 
HETATM 1359 O O   . HOH F 3 .  ? 22.790  2.969   1.945   1.00 31.21  ? 102 HOH A O   1 
HETATM 1360 O O   . HOH F 3 .  ? 9.185   11.623  11.276  1.00 26.79  ? 103 HOH A O   1 
HETATM 1361 O O   . HOH F 3 .  ? 22.917  -4.005  17.353  1.00 32.48  ? 104 HOH A O   1 
HETATM 1362 O O   . HOH F 3 .  ? 21.340  -5.224  9.541   1.00 29.74  ? 105 HOH A O   1 
HETATM 1363 O O   . HOH F 3 .  ? 10.315  12.625  -3.848  1.00 31.18  ? 106 HOH A O   1 
HETATM 1364 O O   . HOH F 3 .  ? 12.448  8.644   10.900  1.00 26.50  ? 107 HOH A O   1 
HETATM 1365 O O   . HOH F 3 .  ? 25.100  1.325   8.297   1.00 31.65  ? 108 HOH A O   1 
HETATM 1366 O O   . HOH F 3 .  ? -0.919  17.868  1.872   1.00 34.35  ? 109 HOH A O   1 
HETATM 1367 O O   . HOH F 3 .  ? 11.642  11.298  10.304  1.00 28.11  ? 110 HOH A O   1 
HETATM 1368 O O   . HOH F 3 .  ? 7.882   -6.501  7.443   1.00 48.65  ? 111 HOH A O   1 
HETATM 1369 O O   . HOH F 3 .  ? 18.817  12.110  10.802  1.00 28.48  ? 112 HOH A O   1 
HETATM 1370 O O   . HOH F 3 .  ? 1.951   2.170   0.159   1.00 34.10  ? 113 HOH A O   1 
HETATM 1371 O O   . HOH F 3 .  ? 10.612  17.006  4.548   1.00 27.27  ? 114 HOH A O   1 
HETATM 1372 O O   . HOH F 3 .  ? 9.026   9.894   13.499  1.00 42.31  ? 116 HOH A O   1 
HETATM 1373 O O   . HOH F 3 .  ? 17.340  -9.958  3.311   1.00 51.14  ? 117 HOH A O   1 
HETATM 1374 O O   . HOH F 3 .  ? 3.697   0.454   9.656   1.00 36.41  ? 118 HOH A O   1 
HETATM 1375 O O   . HOH F 3 .  ? 7.984   12.431  -2.328  1.00 27.45  ? 119 HOH A O   1 
HETATM 1376 O O   . HOH F 3 .  ? -0.681  18.667  -0.718  1.00 29.27  ? 120 HOH A O   1 
HETATM 1377 O O   . HOH F 3 .  ? 19.614  -7.724  12.679  1.00 40.36  ? 121 HOH A O   1 
HETATM 1378 O O   . HOH F 3 .  ? 4.111   17.409  -3.671  1.00 45.04  ? 122 HOH A O   1 
HETATM 1379 O O   . HOH F 3 .  ? 7.421   17.233  1.288   1.00 38.22  ? 123 HOH A O   1 
HETATM 1380 O O   . HOH F 3 .  ? 22.692  4.456   9.688   1.00 29.62  ? 124 HOH A O   1 
HETATM 1381 O O   . HOH F 3 .  ? 12.399  0.708   19.689  1.00 43.68  ? 125 HOH A O   1 
HETATM 1382 O O   . HOH F 3 .  ? 20.315  -9.995  10.974  1.00 38.28  ? 126 HOH A O   1 
HETATM 1383 O O   . HOH F 3 .  ? 11.167  8.453   13.237  1.00 31.87  ? 127 HOH A O   1 
HETATM 1384 O O   . HOH F 3 .  ? 21.787  8.970   10.238  1.00 33.45  ? 128 HOH A O   1 
HETATM 1385 O O   . HOH F 3 .  ? 14.867  -3.074  2.147   1.00 37.76  ? 129 HOH A O   1 
HETATM 1386 O O   . HOH F 3 .  ? 20.390  -2.444  -1.703  1.00 41.30  ? 130 HOH A O   1 
HETATM 1387 O O   . HOH F 3 .  ? 20.615  -6.478  2.830   1.00 44.57  ? 131 HOH A O   1 
HETATM 1388 O O   . HOH F 3 .  ? 8.339   -7.274  16.943  1.00 52.40  ? 132 HOH A O   1 
HETATM 1389 O O   . HOH F 3 .  ? 10.712  -2.394  16.697  1.00 32.81  ? 133 HOH A O   1 
HETATM 1390 O O   . HOH F 3 .  ? 16.122  14.836  0.318   1.00 38.91  ? 134 HOH A O   1 
HETATM 1391 O O   . HOH F 3 .  ? 16.982  8.364   16.072  1.00 39.10  ? 135 HOH A O   1 
HETATM 1392 O O   . HOH F 3 .  ? 23.423  -4.124  10.877  1.00 31.55  ? 136 HOH A O   1 
HETATM 1393 O O   . HOH F 3 .  ? 22.614  8.948   7.547   1.00 42.96  ? 137 HOH A O   1 
HETATM 1394 O O   . HOH F 3 .  ? 8.343   -0.015  -3.110  1.00 49.01  ? 138 HOH A O   1 
HETATM 1395 O O   . HOH F 3 .  ? 24.531  6.169   8.338   1.00 39.27  ? 139 HOH A O   1 
HETATM 1396 O O   . HOH F 3 .  ? 19.423  -8.492  8.947   1.00 36.12  ? 140 HOH A O   1 
HETATM 1397 O O   . HOH F 3 .  ? 18.005  -6.732  2.112   1.00 39.35  ? 141 HOH A O   1 
HETATM 1398 O O   . HOH F 3 .  ? 18.030  9.304   -4.685  1.00 50.10  ? 142 HOH A O   1 
HETATM 1399 O O   . HOH F 3 .  ? 0.594   0.010   1.378   1.00 52.36  ? 143 HOH A O   1 
HETATM 1400 O O   . HOH F 3 .  ? 8.350   -3.733  16.529  1.00 39.22  ? 144 HOH A O   1 
HETATM 1401 O O   . HOH F 3 .  ? 6.032   9.997   14.469  1.00 51.09  ? 145 HOH A O   1 
HETATM 1402 O O   . HOH F 3 .  ? 15.966  10.245  14.435  1.00 42.00  ? 146 HOH A O   1 
HETATM 1403 O O   . HOH F 3 .  ? 8.239   -5.714  10.610  1.00 44.34  ? 147 HOH A O   1 
HETATM 1404 O O   . HOH F 3 .  ? 9.753   11.666  -8.301  1.00 42.68  ? 148 HOH A O   1 
HETATM 1405 O O   . HOH F 3 .  ? -3.447  15.241  2.185   1.00 46.82  ? 149 HOH A O   1 
HETATM 1406 O O   . HOH F 3 .  ? 12.987  10.033  14.676  1.00 42.18  ? 150 HOH A O   1 
HETATM 1407 O O   . HOH F 3 .  ? 22.952  -9.863  11.724  1.00 43.01  ? 152 HOH A O   1 
HETATM 1408 O O   . HOH F 3 .  ? 9.306   3.796   -10.131 1.00 54.45  ? 153 HOH A O   1 
HETATM 1409 O O   . HOH F 3 .  ? -0.060  16.768  -7.572  1.00 33.14  ? 154 HOH A O   1 
HETATM 1410 O O   . HOH F 3 .  ? 17.890  12.187  13.755  1.00 42.79  ? 155 HOH A O   1 
HETATM 1411 O O   . HOH F 3 .  ? 14.901  14.644  15.131  1.00 49.30  ? 156 HOH A O   1 
HETATM 1412 O O   . HOH F 3 .  ? 9.022   18.999  3.292   1.00 38.80  ? 157 HOH A O   1 
HETATM 1413 O O   . HOH F 3 .  ? 2.947   20.188  3.723   1.00 49.38  ? 158 HOH A O   1 
HETATM 1414 O O   . HOH F 3 .  ? -2.619  6.075   1.208   1.00 37.67  ? 159 HOH A O   1 
HETATM 1415 O O   . HOH F 3 .  ? 23.205  -3.575  13.721  1.00 39.59  ? 160 HOH A O   1 
HETATM 1416 O O   . HOH F 3 .  ? 1.429   5.965   14.846  1.00 56.77  ? 161 HOH A O   1 
HETATM 1417 O O   . HOH F 3 .  ? 11.469  -10.492 19.363  1.00 60.82  ? 162 HOH A O   1 
HETATM 1418 O O   . HOH F 3 .  ? 7.146   -1.609  0.227   1.00 43.70  ? 163 HOH A O   1 
HETATM 1419 O O   . HOH F 3 .  ? 7.022   14.155  -9.352  1.00 46.13  ? 164 HOH A O   1 
HETATM 1420 O O   . HOH F 3 .  ? 26.823  -1.799  4.880   1.00 39.16  ? 165 HOH A O   1 
HETATM 1421 O O   . HOH F 3 .  ? 19.296  -8.406  17.210  1.00 37.47  ? 166 HOH A O   1 
HETATM 1422 O O   . HOH F 3 .  ? 14.594  -4.496  -0.026  1.00 45.12  ? 167 HOH A O   1 
HETATM 1423 O O   . HOH F 3 .  ? 9.302   0.030   16.934  1.00 41.26  ? 168 HOH A O   1 
HETATM 1424 O O   . HOH F 3 .  ? 11.323  3.058   -8.623  1.00 36.58  ? 169 HOH A O   1 
HETATM 1425 O O   . HOH F 3 .  ? 11.329  19.563  -1.511  1.00 41.09  ? 170 HOH A O   1 
HETATM 1426 O O   . HOH F 3 .  ? -1.195  22.373  -2.653  1.00 60.26  ? 171 HOH A O   1 
HETATM 1427 O O   . HOH F 3 .  ? 5.886   11.574  -10.484 1.00 45.04  ? 172 HOH A O   1 
HETATM 1428 O O   . HOH F 3 .  ? -1.701  20.626  -5.167  1.00 47.42  ? 173 HOH A O   1 
HETATM 1429 O O   . HOH F 3 .  ? 5.505   16.606  -6.750  1.00 61.09  ? 174 HOH A O   1 
HETATM 1430 O O   . HOH F 3 .  ? 3.838   12.319  -11.908 1.00 38.09  ? 175 HOH A O   1 
HETATM 1431 O O   . HOH F 3 .  ? 10.155  2.216   18.182  1.00 36.90  ? 176 HOH A O   1 
HETATM 1432 O O   . HOH F 3 .  ? 5.947   15.065  -2.128  1.00 46.78  ? 177 HOH A O   1 
HETATM 1433 O O   . HOH F 3 .  ? 9.751   16.497  -3.503  1.00 45.15  ? 178 HOH A O   1 
HETATM 1434 O O   . HOH F 3 .  ? -1.921  6.265   -2.093  1.00 55.43  ? 179 HOH A O   1 
HETATM 1435 O O   . HOH F 3 .  ? 9.132   1.434   -11.104 1.00 46.68  ? 180 HOH A O   1 
HETATM 1436 O O   . HOH F 3 .  ? 2.959   5.475   -4.070  1.00 42.21  ? 181 HOH A O   1 
HETATM 1437 O O   . HOH F 3 .  ? 10.591  5.354   19.594  1.00 47.02  ? 182 HOH A O   1 
HETATM 1438 O O   . HOH F 3 .  ? 0.369   5.457   -3.072  1.00 30.82  ? 183 HOH A O   1 
HETATM 1439 O O   . HOH F 3 .  ? 25.323  -6.093  10.011  1.00 40.75  ? 184 HOH A O   1 
HETATM 1440 O O   . HOH F 3 .  ? 12.318  4.396   -13.735 1.00 84.89  ? 185 HOH A O   1 
HETATM 1441 O O   . HOH F 3 .  ? 13.874  -1.282  -4.035  1.00 42.71  ? 186 HOH A O   1 
HETATM 1442 O O   . HOH F 3 .  ? 6.115   1.507   -3.067  1.00 57.84  ? 187 HOH A O   1 
HETATM 1443 O O   . HOH F 3 .  ? 24.272  -2.329  18.696  1.00 45.29  ? 188 HOH A O   1 
HETATM 1444 O O   . HOH F 3 .  ? 12.609  -2.441  18.904  1.00 43.36  ? 189 HOH A O   1 
HETATM 1445 O O   . HOH F 3 .  ? 27.546  -6.241  8.829   1.00 42.32  ? 190 HOH A O   1 
HETATM 1446 O O   . HOH F 3 .  ? 20.541  -14.819 15.050  1.00 61.46  ? 191 HOH A O   1 
HETATM 1447 O O   . HOH F 3 .  ? 14.637  10.131  -7.758  1.00 59.38  ? 192 HOH A O   1 
HETATM 1448 O O   . HOH F 3 .  ? 11.039  14.894  -7.537  1.00 65.10  ? 193 HOH A O   1 
HETATM 1449 O O   . HOH F 3 .  ? 0.198   -2.692  7.023   1.00 71.90  ? 194 HOH A O   1 
HETATM 1450 O O   . HOH F 3 .  ? 22.483  -14.433 12.975  1.00 40.92  ? 195 HOH A O   1 
HETATM 1451 O O   . HOH F 3 .  ? 13.990  -14.134 7.201   1.00 137.34 ? 196 HOH A O   1 
HETATM 1452 O O   . HOH F 3 .  ? 18.757  13.638  1.896   1.00 52.48  ? 197 HOH A O   1 
HETATM 1453 O O   . HOH F 3 .  ? 14.416  14.848  -4.503  1.00 56.68  ? 198 HOH A O   1 
HETATM 1454 O O   . HOH F 3 .  ? 23.405  -10.194 7.581   1.00 55.60  ? 199 HOH A O   1 
HETATM 1455 O O   . HOH F 3 .  ? 14.089  17.947  -1.908  1.00 50.54  ? 200 HOH A O   1 
HETATM 1456 O O   . HOH F 3 .  ? 20.154  -6.932  15.182  1.00 49.54  ? 201 HOH A O   1 
HETATM 1457 O O   . HOH F 3 .  ? 1.401   -1.077  10.112  1.00 65.46  ? 202 HOH A O   1 
HETATM 1458 O O   . HOH F 3 .  ? 19.418  11.692  -0.123  1.00 46.15  ? 203 HOH A O   1 
HETATM 1459 O O   . HOH F 3 .  ? 15.833  -3.061  -2.149  1.00 48.14  ? 204 HOH A O   1 
HETATM 1460 O O   . HOH F 3 .  ? 9.317   -1.166  -8.583  1.00 58.33  ? 205 HOH A O   1 
HETATM 1461 O O   . HOH F 3 .  ? 19.040  -16.167 5.132   1.00 72.50  ? 206 HOH A O   1 
HETATM 1462 O O   . HOH F 3 .  ? 28.895  -1.330  1.715   1.00 71.91  ? 207 HOH A O   1 
HETATM 1463 O O   . HOH F 3 .  ? -0.795  2.715   2.326   1.00 40.91  ? 208 HOH A O   1 
HETATM 1464 O O   . HOH F 3 .  ? 14.336  -10.301 4.602   1.00 95.60  ? 209 HOH A O   1 
HETATM 1465 O O   . HOH F 3 .  ? 5.475   -5.941  6.322   1.00 62.51  ? 210 HOH A O   1 
HETATM 1466 O O   . HOH F 3 .  ? 26.489  -9.334  6.390   1.00 60.65  ? 211 HOH A O   1 
HETATM 1467 O O   . HOH F 3 .  ? 0.365   9.915   12.893  1.00 58.55  ? 212 HOH A O   1 
HETATM 1468 O O   . HOH F 3 .  ? 16.623  -16.126 8.204   1.00 75.61  ? 213 HOH A O   1 
HETATM 1469 O O   . HOH F 3 .  ? 23.969  -12.610 11.712  1.00 53.45  ? 214 HOH A O   1 
HETATM 1470 O O   . HOH F 3 .  ? 18.466  -17.262 14.975  1.00 48.89  ? 215 HOH A O   1 
HETATM 1471 O O   . HOH F 3 .  ? 9.167   9.401   -12.470 1.00 56.05  ? 216 HOH A O   1 
HETATM 1472 O O   . HOH F 3 .  ? -1.348  18.526  8.430   1.00 59.42  ? 217 HOH A O   1 
HETATM 1473 O O   . HOH F 3 .  ? 20.928  8.943   -3.721  1.00 94.15  ? 218 HOH A O   1 
HETATM 1474 O O   . HOH F 3 .  ? 11.796  14.430  -5.018  1.00 53.17  ? 219 HOH A O   1 
HETATM 1475 O O   . HOH F 3 .  ? 26.000  -8.456  3.678   1.00 67.54  ? 220 HOH A O   1 
HETATM 1476 O O   . HOH F 3 .  ? 26.637  -9.228  0.706   0.50 54.10  ? 221 HOH A O   1 
HETATM 1477 O O   . HOH F 3 .  ? 11.384  -14.848 8.455   1.00 55.53  ? 222 HOH A O   1 
HETATM 1478 O O   . HOH F 3 .  ? 21.483  11.697  11.477  1.00 46.42  ? 223 HOH A O   1 
HETATM 1479 O O   . HOH F 3 .  ? 20.759  8.505   5.442   1.00 32.96  ? 224 HOH A O   1 
HETATM 1480 O O   . HOH F 3 .  ? 25.740  -3.913  2.766   1.00 63.50  ? 225 HOH A O   1 
HETATM 1481 O O   . HOH F 3 .  ? 9.413   -6.072  5.475   1.00 33.18  ? 226 HOH A O   1 
HETATM 1482 O O   . HOH F 3 .  ? 21.175  -12.007 4.975   1.00 55.50  ? 227 HOH A O   1 
HETATM 1483 O O   . HOH F 3 .  ? 22.258  -4.327  -0.615  1.00 51.85  ? 228 HOH A O   1 
HETATM 1484 O O   . HOH F 3 .  ? 13.579  4.713   -7.575  1.00 54.51  ? 229 HOH A O   1 
HETATM 1485 O O   . HOH F 3 .  ? 21.128  9.815   0.227   1.00 59.32  ? 230 HOH A O   1 
HETATM 1486 O O   . HOH F 3 .  ? -1.789  4.135   4.945   1.00 62.66  ? 231 HOH A O   1 
HETATM 1487 O O   . HOH F 3 .  ? 8.326   10.662  -10.263 1.00 52.24  ? 233 HOH A O   1 
HETATM 1488 O O   . HOH F 3 .  ? 11.204  -13.447 13.066  1.00 55.32  ? 234 HOH A O   1 
HETATM 1489 O O   . HOH F 3 .  ? -1.208  0.032   5.513   1.00 70.99  ? 235 HOH A O   1 
HETATM 1490 O O   . HOH F 3 .  ? 14.411  2.648   19.616  1.00 30.06  ? 236 HOH A O   1 
HETATM 1491 O O   . HOH F 3 .  ? 23.424  -5.161  2.074   1.00 64.18  ? 238 HOH A O   1 
HETATM 1492 O O   . HOH F 3 .  ? 2.623   14.424  9.236   1.00 46.84  ? 239 HOH A O   1 
HETATM 1493 O O   . HOH F 3 .  ? 23.012  3.186   -0.757  1.00 51.36  ? 240 HOH A O   1 
HETATM 1494 O O   . HOH F 3 .  ? 10.933  7.955   18.473  1.00 68.91  ? 241 HOH A O   1 
HETATM 1495 O O   . HOH F 3 .  ? 27.115  -5.946  3.895   1.00 58.34  ? 242 HOH A O   1 
HETATM 1496 O O   . HOH F 3 .  ? 4.160   3.191   -3.211  1.00 58.03  ? 243 HOH A O   1 
HETATM 1497 O O   . HOH F 3 .  ? 6.893   -6.332  12.831  1.00 65.37  ? 244 HOH A O   1 
HETATM 1498 O O   . HOH F 3 .  ? -3.322  12.663  10.871  1.00 56.47  ? 245 HOH A O   1 
HETATM 1499 O O   . HOH F 3 .  ? 21.564  -4.887  15.429  1.00 46.87  ? 246 HOH A O   1 
HETATM 1500 O O   . HOH F 3 .  ? -5.686  13.945  10.794  1.00 85.23  ? 247 HOH A O   1 
HETATM 1501 O O   . HOH F 3 .  ? 14.906  -16.476 6.163   1.00 122.52 ? 248 HOH A O   1 
HETATM 1502 O O   . HOH F 3 .  ? 4.209   8.533   16.433  1.00 52.15  ? 249 HOH A O   1 
HETATM 1503 O O   . HOH F 3 .  ? 7.890   -3.147  -5.210  1.00 60.47  ? 250 HOH A O   1 
HETATM 1504 O O   . HOH F 3 .  ? 24.011  5.039   2.507   1.00 51.33  ? 251 HOH A O   1 
HETATM 1505 O O   . HOH G 3 .  ? -20.972 -6.797  -17.049 1.00 33.66  ? 115 HOH B O   1 
HETATM 1506 O O   . HOH G 3 .  ? -20.268 -15.116 2.405   1.00 40.91  ? 116 HOH B O   1 
HETATM 1507 O O   . HOH G 3 .  ? 1.357   4.169   -22.987 1.00 54.23  ? 117 HOH B O   1 
HETATM 1508 O O   . HOH G 3 .  ? -25.648 -11.744 -0.984  1.00 45.23  ? 118 HOH B O   1 
HETATM 1509 O O   . HOH G 3 .  ? -13.476 11.362  -13.151 1.00 16.41  ? 119 HOH B O   1 
HETATM 1510 O O   . HOH G 3 .  ? -8.928  13.689  -4.058  1.00 22.31  ? 120 HOH B O   1 
HETATM 1511 O O   . HOH G 3 .  ? -21.244 -5.593  3.680   1.00 22.25  ? 121 HOH B O   1 
HETATM 1512 O O   . HOH G 3 .  ? -24.035 -9.762  -7.409  1.00 23.08  ? 122 HOH B O   1 
HETATM 1513 O O   . HOH G 3 .  ? -8.325  9.526   -10.013 1.00 23.21  ? 123 HOH B O   1 
HETATM 1514 O O   . HOH G 3 .  ? -24.034 -9.234  -4.593  1.00 23.59  ? 124 HOH B O   1 
HETATM 1515 O O   . HOH G 3 .  ? -17.851 -3.415  -16.347 1.00 23.14  ? 125 HOH B O   1 
HETATM 1516 O O   . HOH G 3 .  ? -12.346 0.762   -16.279 1.00 27.79  ? 126 HOH B O   1 
HETATM 1517 O O   . HOH G 3 .  ? -8.959  -3.841  -15.266 1.00 20.92  ? 127 HOH B O   1 
HETATM 1518 O O   . HOH G 3 .  ? -10.635 2.879   -16.372 1.00 24.72  ? 128 HOH B O   1 
HETATM 1519 O O   . HOH G 3 .  ? -6.955  -1.395  1.494   1.00 27.31  ? 129 HOH B O   1 
HETATM 1520 O O   . HOH G 3 .  ? -20.066 -12.272 2.251   1.00 23.46  ? 130 HOH B O   1 
HETATM 1521 O O   . HOH G 3 .  ? -9.581  -8.082  2.735   1.00 31.71  ? 131 HOH B O   1 
HETATM 1522 O O   . HOH G 3 .  ? -25.418 -5.674  -5.755  1.00 23.79  ? 132 HOH B O   1 
HETATM 1523 O O   . HOH G 3 .  ? -14.272 2.577   3.088   1.00 34.31  ? 133 HOH B O   1 
HETATM 1524 O O   . HOH G 3 .  ? -18.465 -5.730  4.262   1.00 23.87  ? 134 HOH B O   1 
HETATM 1525 O O   . HOH G 3 .  ? -16.906 -1.030  -17.261 1.00 30.50  ? 135 HOH B O   1 
HETATM 1526 O O   . HOH G 3 .  ? -0.176  15.296  -9.940  1.00 27.48  ? 136 HOH B O   1 
HETATM 1527 O O   . HOH G 3 .  ? -21.330 -8.391  -14.252 1.00 26.24  ? 137 HOH B O   1 
HETATM 1528 O O   . HOH G 3 .  ? 2.909   1.834   -5.254  1.00 43.16  ? 138 HOH B O   1 
HETATM 1529 O O   . HOH G 3 .  ? -20.782 0.215   2.353   1.00 24.75  ? 139 HOH B O   1 
HETATM 1530 O O   . HOH G 3 .  ? -19.409 -12.295 -1.348  1.00 36.25  ? 140 HOH B O   1 
HETATM 1531 O O   . HOH G 3 .  ? -15.475 -9.656  5.568   1.00 38.65  ? 141 HOH B O   1 
HETATM 1532 O O   . HOH G 3 .  ? -21.848 -10.996 -1.010  1.00 29.61  ? 142 HOH B O   1 
HETATM 1533 O O   . HOH G 3 .  ? -2.867  13.941  -16.335 1.00 23.99  ? 143 HOH B O   1 
HETATM 1534 O O   . HOH G 3 .  ? -20.085 -10.746 -14.676 1.00 34.64  ? 144 HOH B O   1 
HETATM 1535 O O   . HOH G 3 .  ? -3.940  -8.917  -5.089  1.00 37.99  ? 145 HOH B O   1 
HETATM 1536 O O   . HOH G 3 .  ? -13.697 8.505   -0.573  1.00 29.81  ? 146 HOH B O   1 
HETATM 1537 O O   . HOH G 3 .  ? -11.319 -15.939 -6.536  1.00 38.78  ? 147 HOH B O   1 
HETATM 1538 O O   . HOH G 3 .  ? -15.117 -3.695  1.312   1.00 26.54  ? 148 HOH B O   1 
HETATM 1539 O O   . HOH G 3 .  ? -17.355 -3.539  5.497   1.00 34.41  ? 149 HOH B O   1 
HETATM 1540 O O   . HOH G 3 .  ? -18.203 -10.124 -16.936 1.00 34.31  ? 150 HOH B O   1 
HETATM 1541 O O   . HOH G 3 .  ? -16.014 0.407   3.811   1.00 33.73  ? 151 HOH B O   1 
HETATM 1542 O O   . HOH G 3 .  ? -6.325  -1.544  -18.281 1.00 54.93  ? 152 HOH B O   1 
HETATM 1543 O O   . HOH G 3 .  ? -1.113  15.843  -17.452 1.00 33.16  ? 153 HOH B O   1 
HETATM 1544 O O   . HOH G 3 .  ? -25.954 -1.839  -5.537  1.00 32.53  ? 154 HOH B O   1 
HETATM 1545 O O   . HOH G 3 .  ? -15.216 -2.440  3.897   1.00 36.35  ? 155 HOH B O   1 
HETATM 1546 O O   . HOH G 3 .  ? -25.960 -4.005  0.901   1.00 38.63  ? 156 HOH B O   1 
HETATM 1547 O O   . HOH G 3 .  ? -11.833 5.338   -17.594 0.50 19.88  ? 157 HOH B O   1 
HETATM 1548 O O   . HOH G 3 .  ? -20.794 -13.317 -13.658 1.00 37.80  ? 158 HOH B O   1 
HETATM 1549 O O   . HOH G 3 .  ? -13.801 10.852  0.263   1.00 38.97  ? 159 HOH B O   1 
HETATM 1550 O O   . HOH G 3 .  ? -1.598  0.651   -1.502  1.00 31.04  ? 160 HOH B O   1 
HETATM 1551 O O   . HOH G 3 .  ? -23.853 -12.735 -13.540 1.00 35.63  ? 161 HOH B O   1 
HETATM 1552 O O   . HOH G 3 .  ? -8.810  -16.411 -4.941  1.00 36.42  ? 162 HOH B O   1 
HETATM 1553 O O   . HOH G 3 .  ? -19.155 -15.023 -15.428 1.00 42.40  ? 163 HOH B O   1 
HETATM 1554 O O   . HOH G 3 .  ? -12.170 2.050   4.295   1.00 49.03  ? 164 HOH B O   1 
HETATM 1555 O O   . HOH G 3 .  ? -11.239 8.630   2.105   1.00 31.97  ? 165 HOH B O   1 
HETATM 1556 O O   . HOH G 3 .  ? 3.283   5.710   -13.923 1.00 45.24  ? 166 HOH B O   1 
HETATM 1557 O O   . HOH G 3 .  ? 1.059   6.840   -15.870 1.00 31.02  ? 167 HOH B O   1 
HETATM 1558 O O   . HOH G 3 .  ? -8.778  1.949   -18.295 1.00 31.90  ? 168 HOH B O   1 
HETATM 1559 O O   . HOH G 3 .  ? -23.075 -11.230 -3.236  1.00 40.44  ? 169 HOH B O   1 
HETATM 1560 O O   . HOH G 3 .  ? -22.461 -1.578  3.469   1.00 45.75  ? 170 HOH B O   1 
HETATM 1561 O O   . HOH G 3 .  ? -4.251  3.999   -0.317  1.00 57.48  ? 171 HOH B O   1 
HETATM 1562 O O   . HOH G 3 .  ? -8.707  -7.644  -14.029 1.00 36.95  ? 172 HOH B O   1 
HETATM 1563 O O   . HOH G 3 .  ? -10.136 -7.505  5.410   1.00 46.89  ? 173 HOH B O   1 
HETATM 1564 O O   . HOH G 3 .  ? -14.672 -16.142 -12.271 1.00 28.49  ? 174 HOH B O   1 
HETATM 1565 O O   . HOH G 3 .  ? 2.057   15.918  -11.521 1.00 40.20  ? 175 HOH B O   1 
HETATM 1566 O O   . HOH G 3 .  ? -18.943 0.755   4.113   1.00 35.84  ? 176 HOH B O   1 
HETATM 1567 O O   . HOH G 3 .  ? -13.663 -22.482 -10.811 1.00 40.99  ? 177 HOH B O   1 
HETATM 1568 O O   . HOH G 3 .  ? -9.450  10.543  2.941   1.00 65.34  ? 178 HOH B O   1 
HETATM 1569 O O   . HOH G 3 .  ? -13.148 -6.365  9.853   1.00 41.41  ? 179 HOH B O   1 
HETATM 1570 O O   . HOH G 3 .  ? -9.985  -1.054  -16.227 1.00 34.53  ? 180 HOH B O   1 
HETATM 1571 O O   . HOH G 3 .  ? -22.268 -0.141  -4.338  1.00 25.01  ? 181 HOH B O   1 
HETATM 1572 O O   . HOH G 3 .  ? 0.819   -1.079  -15.391 1.00 37.71  ? 182 HOH B O   1 
HETATM 1573 O O   . HOH G 3 .  ? -12.933 0.537   -18.920 1.00 39.87  ? 183 HOH B O   1 
HETATM 1574 O O   . HOH G 3 .  ? -27.498 -6.821  3.241   1.00 42.45  ? 184 HOH B O   1 
HETATM 1575 O O   . HOH G 3 .  ? 5.155   -0.207  -11.517 1.00 49.01  ? 185 HOH B O   1 
HETATM 1576 O O   . HOH G 3 .  ? -28.835 -8.292  -0.414  1.00 46.26  ? 186 HOH B O   1 
HETATM 1577 O O   . HOH G 3 .  ? -8.356  2.256   2.164   1.00 41.39  ? 187 HOH B O   1 
HETATM 1578 O O   . HOH G 3 .  ? -18.404 -18.733 10.152  1.00 50.76  ? 188 HOH B O   1 
HETATM 1579 O O   . HOH G 3 .  ? 1.086   -1.050  -3.057  1.00 43.72  ? 189 HOH B O   1 
HETATM 1580 O O   . HOH G 3 .  ? -17.615 -16.225 10.356  1.00 48.23  ? 190 HOH B O   1 
HETATM 1581 O O   . HOH G 3 .  ? -11.672 -18.638 5.268   1.00 40.55  ? 191 HOH B O   1 
HETATM 1582 O O   . HOH G 3 .  ? 1.315   -3.058  -4.802  1.00 62.20  ? 192 HOH B O   1 
HETATM 1583 O O   . HOH G 3 .  ? -22.594 2.119   -2.774  1.00 46.30  ? 193 HOH B O   1 
HETATM 1584 O O   . HOH G 3 .  ? -11.495 -4.595  4.691   1.00 59.93  ? 194 HOH B O   1 
HETATM 1585 O O   . HOH G 3 .  ? -28.276 -5.718  0.657   1.00 43.88  ? 195 HOH B O   1 
HETATM 1586 O O   . HOH G 3 .  ? -12.855 -19.937 -11.663 1.00 37.81  ? 196 HOH B O   1 
HETATM 1587 O O   . HOH G 3 .  ? -4.182  -7.999  -15.524 1.00 57.86  ? 197 HOH B O   1 
HETATM 1588 O O   . HOH G 3 .  ? -18.546 -5.629  -17.830 1.00 35.91  ? 198 HOH B O   1 
HETATM 1589 O O   . HOH G 3 .  ? -14.133 -4.518  -18.789 1.00 48.09  ? 199 HOH B O   1 
HETATM 1590 O O   . HOH G 3 .  ? -23.121 -13.267 -4.768  1.00 52.50  ? 200 HOH B O   1 
HETATM 1591 O O   . HOH G 3 .  ? -11.984 -8.637  10.447  1.00 68.05  ? 201 HOH B O   1 
HETATM 1592 O O   . HOH G 3 .  ? -23.125 -15.957 -4.365  1.00 57.65  ? 202 HOH B O   1 
HETATM 1593 O O   . HOH G 3 .  ? -22.260 2.671   1.772   1.00 37.71  ? 203 HOH B O   1 
HETATM 1594 O O   . HOH G 3 .  ? -6.857  -6.681  -16.085 1.00 60.38  ? 204 HOH B O   1 
HETATM 1595 O O   . HOH G 3 .  ? -23.525 4.617   -6.818  1.00 51.05  ? 205 HOH B O   1 
HETATM 1596 O O   . HOH G 3 .  ? -10.898 -10.226 12.772  1.00 58.32  ? 206 HOH B O   1 
HETATM 1597 O O   . HOH G 3 .  ? -23.218 5.494   -9.316  1.00 62.94  ? 207 HOH B O   1 
HETATM 1598 O O   . HOH G 3 .  ? -1.026  -4.622  -17.759 1.00 61.31  ? 208 HOH B O   1 
HETATM 1599 O O   . HOH G 3 .  ? -18.171 -17.189 -14.448 1.00 47.41  ? 209 HOH B O   1 
HETATM 1600 O O   . HOH G 3 .  ? -20.574 3.850   -13.246 1.00 42.81  ? 210 HOH B O   1 
HETATM 1601 O O   . HOH G 3 .  ? -16.731 -20.744 5.302   1.00 42.37  ? 211 HOH B O   1 
HETATM 1602 O O   . HOH G 3 .  ? -8.170  4.479   -20.042 1.00 47.15  ? 212 HOH B O   1 
HETATM 1603 O O   . HOH G 3 .  ? -21.054 4.861   3.733   1.00 50.11  ? 213 HOH B O   1 
HETATM 1604 O O   . HOH G 3 .  ? 1.797   14.708  -14.933 1.00 53.58  ? 214 HOH B O   1 
HETATM 1605 O O   . HOH G 3 .  ? -16.967 5.204   5.401   1.00 80.46  ? 215 HOH B O   1 
HETATM 1606 O O   . HOH G 3 .  ? -10.006 9.537   5.416   1.00 61.75  ? 216 HOH B O   1 
HETATM 1607 O O   . HOH G 3 .  ? -0.017  -8.275  -8.064  1.00 64.52  ? 217 HOH B O   1 
HETATM 1608 O O   . HOH G 3 .  ? -19.041 -1.613  6.009   1.00 41.87  ? 218 HOH B O   1 
HETATM 1609 O O   . HOH G 3 .  ? -8.666  -12.085 -0.146  1.00 41.41  ? 219 HOH B O   1 
HETATM 1610 O O   . HOH G 3 .  ? -0.170  -1.556  -0.370  1.00 51.16  ? 220 HOH B O   1 
HETATM 1611 O O   . HOH G 3 .  ? -17.497 -8.467  6.216   1.00 60.67  ? 221 HOH B O   1 
HETATM 1612 O O   . HOH G 3 .  ? -13.173 -18.062 -7.807  1.00 46.89  ? 222 HOH B O   1 
HETATM 1613 O O   . HOH G 3 .  ? -22.686 -18.627 -9.365  1.00 63.60  ? 223 HOH B O   1 
HETATM 1614 O O   . HOH G 3 .  ? -4.983  0.668   -18.717 1.00 47.95  ? 224 HOH B O   1 
HETATM 1615 O O   . HOH G 3 .  ? -24.385 -16.168 -10.806 1.00 61.81  ? 225 HOH B O   1 
HETATM 1616 O O   . HOH G 3 .  ? -20.401 -19.455 -10.349 1.00 36.46  ? 226 HOH B O   1 
HETATM 1617 O O   . HOH G 3 .  ? -6.377  3.851   1.263   1.00 44.06  ? 227 HOH B O   1 
HETATM 1618 O O   . HOH G 3 .  ? -9.775  -12.866 8.426   1.00 48.98  ? 228 HOH B O   1 
HETATM 1619 O O   . HOH G 3 .  ? -27.492 -7.374  -2.705  1.00 33.88  ? 229 HOH B O   1 
HETATM 1620 O O   . HOH G 3 .  ? -13.072 -17.544 -10.445 1.00 37.99  ? 230 HOH B O   1 
HETATM 1621 O O   . HOH G 3 .  ? -19.687 7.440   2.223   1.00 57.39  ? 231 HOH B O   1 
HETATM 1622 O O   . HOH G 3 .  ? -12.924 -3.157  3.053   1.00 57.48  ? 232 HOH B O   1 
HETATM 1623 O O   . HOH G 3 .  ? -12.458 -19.586 -0.245  1.00 56.47  ? 233 HOH B O   1 
HETATM 1624 O O   . HOH G 3 .  ? -21.485 2.241   -18.036 1.00 51.52  ? 234 HOH B O   1 
HETATM 1625 O O   . HOH G 3 .  ? 3.922   13.004  -14.796 1.00 51.15  ? 235 HOH B O   1 
HETATM 1626 O O   . HOH G 3 .  ? -8.257  -10.241 1.815   1.00 47.80  ? 236 HOH B O   1 
HETATM 1627 O O   . HOH G 3 .  ? -10.098 -14.471 -9.031  1.00 53.48  ? 237 HOH B O   1 
HETATM 1628 O O   . HOH G 3 .  ? -5.040  -10.182 1.968   1.00 46.24  ? 238 HOH B O   1 
HETATM 1629 O O   . HOH G 3 .  ? -14.226 -1.735  -18.795 1.00 53.42  ? 239 HOH B O   1 
HETATM 1630 O O   . HOH G 3 .  ? -5.015  2.762   4.593   1.00 55.36  ? 240 HOH B O   1 
HETATM 1631 O O   . HOH G 3 .  ? -21.479 5.010   -4.787  1.00 63.38  ? 241 HOH B O   1 
HETATM 1632 O O   . HOH G 3 .  ? -8.475  -13.118 2.555   1.00 60.58  ? 242 HOH B O   1 
HETATM 1633 O O   . HOH G 3 .  ? -18.733 -19.693 -14.694 1.00 48.58  ? 243 HOH B O   1 
HETATM 1634 O O   . HOH G 3 .  ? -8.844  4.670   5.245   1.00 55.29  ? 244 HOH B O   1 
HETATM 1635 O O   . HOH G 3 .  ? -18.602 -20.962 8.528   1.00 65.35  ? 245 HOH B O   1 
HETATM 1636 O O   . HOH G 3 .  ? -4.583  -13.680 -8.362  1.00 49.39  ? 246 HOH B O   1 
HETATM 1637 O O   . HOH G 3 .  ? -19.548 -21.210 -12.725 1.00 59.69  ? 247 HOH B O   1 
HETATM 1638 O O   . HOH G 3 .  ? -0.558  -5.674  -14.279 1.00 55.37  ? 248 HOH B O   1 
HETATM 1639 O O   . HOH G 3 .  ? 0.328   4.674   -20.613 1.00 64.93  ? 249 HOH B O   1 
HETATM 1640 O O   . HOH G 3 .  ? -13.279 -13.807 -13.250 1.00 33.67  ? 250 HOH B O   1 
HETATM 1641 O O   . HOH G 3 .  ? -25.209 -1.870  2.579   1.00 49.66  ? 251 HOH B O   1 
HETATM 1642 O O   . HOH G 3 .  ? -16.390 -14.090 11.552  1.00 64.79  ? 252 HOH B O   1 
HETATM 1643 O O   . HOH G 3 .  ? -25.491 2.231   0.886   1.00 54.40  ? 253 HOH B O   1 
HETATM 1644 O O   . HOH G 3 .  ? -27.444 -3.685  -0.987  1.00 111.84 ? 254 HOH B O   1 
HETATM 1645 O O   . HOH G 3 .  ? -21.188 -21.747 -8.362  1.00 49.42  ? 255 HOH B O   1 
HETATM 1646 O O   . HOH G 3 .  ? 1.696   -0.990  -12.853 1.00 54.12  ? 256 HOH B O   1 
HETATM 1647 O O   . HOH G 3 .  ? -14.663 -7.844  -16.608 1.00 46.37  ? 257 HOH B O   1 
HETATM 1648 O O   . HOH G 3 .  ? -8.582  -9.868  6.525   1.00 55.53  ? 258 HOH B O   1 
# 
